data_9HGJ
#
_entry.id   9HGJ
#
_cell.length_a   1.00
_cell.length_b   1.00
_cell.length_c   1.00
_cell.angle_alpha   90.00
_cell.angle_beta   90.00
_cell.angle_gamma   90.00
#
_symmetry.space_group_name_H-M   'P 1'
#
loop_
_entity.id
_entity.type
_entity.pdbx_description
1 polymer 'Replication origin-binding protein'
2 polymer "DNA (5'-D(P*TP*AP*TP*TP*GP*GP*GP*AP*CP*GP*AP*AP*GP*TP*GP*CP*GP*AP*AP*CP*GP*CP*TP*T)-3')"
3 polymer "DNA (5'-D(P*AP*AP*GP*CP*GP*TP*TP*CP*GP*CP*AP*CP*TP*TP*CP*GP*TP*CP*CP*CP*AP*AP*TP*A)-3')"
4 non-polymer 'PHOSPHOTHIOPHOSPHORIC ACID-ADENYLATE ESTER'
5 non-polymer 'MAGNESIUM ION'
#
loop_
_entity_poly.entity_id
_entity_poly.type
_entity_poly.pdbx_seq_one_letter_code
_entity_poly.pdbx_strand_id
1 'polypeptide(L)'
;MWSHPQFEKSAMPFVGGAESGDPLGAGRPIGDDECEQYTSSVSLARMLYGGDLAEWVPRVHPKTTIERQQHGPVTFPNAS
APTARCVTVVRAPMGSGKTTALIRWLREAIHSPDTSVLVVSCRRSFTQTLATRFAESGLVDFVTYFSSTNYIMNDRPFHR
LIVQVESLHRVGPNLLNNYDVLVLDEVMSTLGQLYSPTMQQLGRVDALMLRLLRTCPRIIAMDATANAQLVDFLCGLRGE
KNVHVVVGEYAMPGFSARRCLFLPRLGTELLQAALRPPGPPSGPSPDASPDARGATFFGELEARLGGGDNICIFSSTVSF
AEIVARFCRQFTDRVLLLHSLTPLGDVTTWGQYRVVIYTTVVTVGLSFDPLHFDGMFAYVKPMNYGPDMVSVYQSLGRVR
TLRKGELLIYMDGSGARSEPVFTPMLLNHVVSSCGQWPAQFSQVTNLLCRRFKGRCDASACDTSLGRGSRIYNKFRYKHY
FERCTLACLSDSLNILHMLLTLNCIRVRFWGHDDTLTPKDFCLFLRGVHFDALRAQRDLRELRCRDPEASLPAQAAETEE
VGLFVEKYLRSDVAPAEIVALMRNLNSLMGRTRFIYLALLEACLRVPMATRSSAIFRRIYDHYATGVIPTINVTGELELV
ALPPTLNVTPVWELLCLCSTMAARLHWDSAAGGSGRTFGPDDVLDLLTPHYDRYMQLVFELGHCNVTDGLLLSEEAVKRV
ADALSGCPPRGSVSETDHAVALFKIIWGELFGVQMAKSTQTFPGAGRVKNLTKQTIVGLLDAHHIDHSACRTHRQLYALL
MAHKREFAGARFKLRVPAWGRCLRTHSSSANPNADIILEAALSELPTEAWPMMQ
;
A,B
2 'polydeoxyribonucleotide'
;(DG)(DG)(DC)(DG)(DC)(DC)(DA)(DG)(DT)(DG)(DC)(DT)(DC)(DG)(DC)(DA)(DC)(DT)(DT)(DC)
(DG)(DC)(DC)(DC)(DT)(DA)(DA)(DT)(DA)(DA)(DT)(DA)(DT)(DA)(DT)(DA)(DT)(DA)(DT)(DA)
(DT)(DT)(DG)(DG)(DG)(DA)(DC)(DG)(DA)(DA)(DG)(DT)(DG)(DC)(DG)(DA)(DA)(DC)(DG)(DC)
(DT)(DT)(DC)(DG)(DC)(DG)(DT)(DT)(DC)(DT)(DC)(DA)(DC)(DT)(DT)(DC)(DT)(DT)(DT)(DT)
;
C
3 'polydeoxyribonucleotide'
;(DA)(DA)(DA)(DA)(DG)(DA)(DA)(DG)(DT)(DG)(DA)(DG)(DA)(DA)(DC)(DG)(DC)(DG)(DA)(DA)
(DG)(DC)(DG)(DT)(DT)(DC)(DG)(DC)(DA)(DC)(DT)(DT)(DC)(DG)(DT)(DC)(DC)(DC)(DA)(DA)
(DT)(DA)(DT)(DA)(DT)(DA)(DT)(DA)(DT)(DA)(DT)(DT)(DA)(DT)(DT)(DA)(DG)(DG)(DG)(DC)
(DG)(DA)(DA)(DG)(DT)(DG)(DC)(DG)(DA)(DG)(DC)(DA)(DC)(DT)(DG)(DG)(DC)(DG)(DC)(DC)
;
D
#
loop_
_chem_comp.id
_chem_comp.type
_chem_comp.name
_chem_comp.formula
AGS non-polymer 'PHOSPHOTHIOPHOSPHORIC ACID-ADENYLATE ESTER' 'C10 H16 N5 O12 P3 S'
DA DNA linking 2'-DEOXYADENOSINE-5'-MONOPHOSPHATE 'C10 H14 N5 O6 P'
DC DNA linking 2'-DEOXYCYTIDINE-5'-MONOPHOSPHATE 'C9 H14 N3 O7 P'
DG DNA linking 2'-DEOXYGUANOSINE-5'-MONOPHOSPHATE 'C10 H14 N5 O7 P'
DT DNA linking THYMIDINE-5'-MONOPHOSPHATE 'C10 H15 N2 O8 P'
MG non-polymer 'MAGNESIUM ION' 'Mg 2'
#
# COMPACT_ATOMS: atom_id res chain seq x y z
N PRO A 29 4.62 -42.73 -2.66
CA PRO A 29 3.17 -42.80 -2.60
C PRO A 29 2.47 -41.67 -3.38
N ILE A 30 1.17 -41.87 -3.64
CA ILE A 30 0.33 -40.90 -4.36
C ILE A 30 -0.02 -39.71 -3.46
N GLY A 31 -0.16 -39.94 -2.13
CA GLY A 31 -0.35 -38.87 -1.16
C GLY A 31 -1.81 -38.42 -1.00
N ASP A 32 -2.77 -39.17 -1.56
CA ASP A 32 -4.22 -39.00 -1.38
C ASP A 32 -4.80 -37.77 -2.11
N ASP A 33 -4.26 -36.57 -1.87
CA ASP A 33 -4.78 -35.32 -2.42
C ASP A 33 -4.69 -35.27 -3.95
N GLU A 34 -3.75 -36.01 -4.54
CA GLU A 34 -3.36 -35.82 -5.94
C GLU A 34 -4.47 -36.17 -6.94
N CYS A 35 -5.37 -37.10 -6.61
CA CYS A 35 -6.53 -37.39 -7.47
C CYS A 35 -7.45 -36.16 -7.58
N GLU A 36 -7.73 -35.52 -6.44
CA GLU A 36 -8.60 -34.36 -6.38
C GLU A 36 -7.91 -33.13 -6.96
N GLN A 37 -6.61 -32.98 -6.68
CA GLN A 37 -5.86 -31.83 -7.14
C GLN A 37 -5.68 -31.89 -8.66
N TYR A 38 -5.29 -33.03 -9.24
CA TYR A 38 -5.19 -33.15 -10.68
C TYR A 38 -6.54 -32.92 -11.36
N THR A 39 -7.61 -33.55 -10.86
CA THR A 39 -8.92 -33.45 -11.49
C THR A 39 -9.52 -32.03 -11.34
N SER A 40 -9.17 -31.29 -10.29
CA SER A 40 -9.54 -29.89 -10.19
C SER A 40 -8.75 -29.01 -11.16
N SER A 41 -7.45 -29.30 -11.30
CA SER A 41 -6.53 -28.55 -12.15
C SER A 41 -6.95 -28.63 -13.61
N VAL A 42 -7.27 -29.84 -14.08
CA VAL A 42 -7.72 -30.05 -15.44
C VAL A 42 -9.11 -29.45 -15.68
N SER A 43 -9.98 -29.48 -14.68
CA SER A 43 -11.33 -28.99 -14.83
C SER A 43 -11.35 -27.45 -14.91
N LEU A 44 -10.57 -26.74 -14.09
CA LEU A 44 -10.53 -25.29 -14.26
C LEU A 44 -9.75 -24.84 -15.51
N ALA A 45 -8.73 -25.59 -15.94
CA ALA A 45 -8.07 -25.31 -17.20
C ALA A 45 -9.06 -25.40 -18.33
N ARG A 46 -9.96 -26.40 -18.31
CA ARG A 46 -11.03 -26.55 -19.29
C ARG A 46 -12.02 -25.38 -19.18
N MET A 47 -12.40 -24.96 -18.00
CA MET A 47 -13.40 -23.95 -17.84
C MET A 47 -12.92 -22.58 -18.25
N LEU A 48 -11.67 -22.17 -17.99
CA LEU A 48 -11.27 -20.79 -18.25
C LEU A 48 -11.20 -20.49 -19.76
N TYR A 49 -11.03 -21.52 -20.60
CA TYR A 49 -10.85 -21.41 -22.04
C TYR A 49 -12.06 -21.93 -22.81
N GLY A 50 -13.17 -22.18 -22.13
CA GLY A 50 -14.43 -22.50 -22.80
C GLY A 50 -14.48 -23.91 -23.38
N GLY A 51 -13.81 -24.89 -22.78
CA GLY A 51 -13.87 -26.24 -23.28
C GLY A 51 -15.16 -26.99 -22.94
N ASP A 52 -16.06 -26.32 -22.18
CA ASP A 52 -17.30 -26.92 -21.66
C ASP A 52 -18.55 -26.25 -22.23
N LEU A 53 -18.37 -25.42 -23.25
CA LEU A 53 -19.42 -24.50 -23.73
C LEU A 53 -20.62 -25.26 -24.28
N ALA A 54 -20.37 -26.46 -24.85
CA ALA A 54 -21.43 -27.28 -25.43
C ALA A 54 -22.29 -27.95 -24.37
N GLU A 55 -21.89 -27.93 -23.09
CA GLU A 55 -22.69 -28.46 -21.98
C GLU A 55 -23.27 -27.35 -21.10
N TRP A 56 -22.52 -26.26 -20.88
CA TRP A 56 -22.96 -25.18 -20.02
C TRP A 56 -24.07 -24.32 -20.63
N VAL A 57 -23.96 -23.95 -21.91
CA VAL A 57 -24.90 -23.01 -22.53
C VAL A 57 -26.31 -23.60 -22.56
N PRO A 58 -26.58 -24.82 -23.09
CA PRO A 58 -27.94 -25.37 -23.11
C PRO A 58 -28.51 -25.80 -21.75
N ARG A 59 -27.66 -25.88 -20.71
CA ARG A 59 -28.14 -26.09 -19.35
C ARG A 59 -28.60 -24.77 -18.72
N VAL A 60 -27.78 -23.71 -18.78
CA VAL A 60 -28.05 -22.50 -17.99
C VAL A 60 -28.82 -21.45 -18.82
N HIS A 61 -28.81 -21.53 -20.17
CA HIS A 61 -29.52 -20.57 -21.02
C HIS A 61 -30.32 -21.26 -22.15
N PRO A 62 -31.45 -21.96 -21.83
CA PRO A 62 -32.25 -22.66 -22.85
C PRO A 62 -32.76 -21.85 -24.04
N LYS A 63 -32.82 -20.51 -23.94
CA LYS A 63 -33.31 -19.65 -25.03
C LYS A 63 -32.21 -19.27 -26.03
N THR A 64 -30.94 -19.63 -25.74
CA THR A 64 -29.83 -19.58 -26.70
C THR A 64 -29.64 -20.96 -27.36
N THR A 65 -29.65 -21.00 -28.71
CA THR A 65 -29.31 -22.21 -29.45
C THR A 65 -27.79 -22.30 -29.64
N ILE A 66 -27.29 -23.54 -29.76
CA ILE A 66 -25.87 -23.78 -29.94
C ILE A 66 -25.62 -24.72 -31.14
N GLU A 67 -24.63 -24.35 -31.97
CA GLU A 67 -24.23 -25.14 -33.13
C GLU A 67 -22.91 -25.87 -32.83
N ARG A 68 -22.83 -27.20 -33.08
CA ARG A 68 -21.54 -27.87 -33.16
C ARG A 68 -21.19 -28.22 -34.61
N GLN A 69 -20.04 -27.74 -35.07
CA GLN A 69 -19.58 -27.93 -36.43
C GLN A 69 -18.38 -28.89 -36.41
N GLN A 70 -18.72 -30.18 -36.50
CA GLN A 70 -17.79 -31.24 -36.12
C GLN A 70 -16.81 -31.61 -37.25
N HIS A 71 -17.05 -31.11 -38.47
CA HIS A 71 -16.18 -31.34 -39.61
C HIS A 71 -16.32 -30.22 -40.66
N GLY A 72 -15.24 -29.97 -41.42
CA GLY A 72 -15.18 -28.90 -42.42
C GLY A 72 -15.01 -27.51 -41.79
N PRO A 73 -14.50 -26.52 -42.56
CA PRO A 73 -14.32 -25.14 -42.08
C PRO A 73 -15.58 -24.52 -41.51
N VAL A 74 -15.44 -23.58 -40.56
CA VAL A 74 -16.60 -23.04 -39.86
C VAL A 74 -17.49 -22.23 -40.81
N THR A 75 -18.78 -22.15 -40.45
CA THR A 75 -19.82 -21.45 -41.21
C THR A 75 -20.72 -20.71 -40.20
N PHE A 76 -21.10 -19.47 -40.55
CA PHE A 76 -21.91 -18.62 -39.69
C PHE A 76 -23.42 -18.79 -39.99
N PRO A 77 -24.35 -18.11 -39.29
CA PRO A 77 -25.77 -18.13 -39.67
C PRO A 77 -26.01 -17.50 -41.05
N ASN A 78 -27.25 -17.60 -41.55
CA ASN A 78 -27.69 -16.87 -42.73
C ASN A 78 -27.47 -15.36 -42.53
N ALA A 79 -26.79 -14.72 -43.50
CA ALA A 79 -26.32 -13.35 -43.37
C ALA A 79 -27.35 -12.28 -43.77
N SER A 80 -28.56 -12.66 -44.22
CA SER A 80 -29.51 -11.68 -44.77
C SER A 80 -30.95 -11.93 -44.28
N ALA A 81 -31.32 -13.20 -44.04
CA ALA A 81 -32.67 -13.58 -43.64
C ALA A 81 -33.05 -12.99 -42.27
N PRO A 82 -34.34 -12.67 -42.03
CA PRO A 82 -34.79 -12.11 -40.74
C PRO A 82 -34.83 -13.11 -39.58
N THR A 83 -34.71 -14.42 -39.87
CA THR A 83 -34.83 -15.49 -38.87
C THR A 83 -33.56 -15.67 -38.02
N ALA A 84 -32.41 -15.14 -38.48
CA ALA A 84 -31.15 -15.21 -37.74
C ALA A 84 -31.15 -14.22 -36.57
N ARG A 85 -30.62 -14.66 -35.41
CA ARG A 85 -30.41 -13.78 -34.26
C ARG A 85 -29.33 -12.73 -34.54
N CYS A 86 -29.43 -11.57 -33.89
CA CYS A 86 -28.55 -10.45 -34.16
C CYS A 86 -27.21 -10.52 -33.42
N VAL A 87 -27.06 -11.36 -32.38
CA VAL A 87 -25.77 -11.59 -31.71
C VAL A 87 -25.33 -13.03 -31.89
N THR A 88 -24.21 -13.28 -32.57
CA THR A 88 -23.68 -14.64 -32.73
C THR A 88 -22.21 -14.65 -32.29
N VAL A 89 -21.85 -15.60 -31.41
CA VAL A 89 -20.53 -15.63 -30.79
C VAL A 89 -19.93 -17.03 -31.01
N VAL A 90 -18.67 -17.06 -31.49
CA VAL A 90 -18.07 -18.23 -32.16
C VAL A 90 -16.79 -18.68 -31.42
N ARG A 91 -16.71 -19.93 -30.96
CA ARG A 91 -15.46 -20.49 -30.45
C ARG A 91 -14.99 -21.45 -31.54
N ALA A 92 -13.85 -21.13 -32.16
CA ALA A 92 -13.41 -21.88 -33.31
C ALA A 92 -11.88 -21.89 -33.38
N PRO A 93 -11.24 -23.07 -33.54
CA PRO A 93 -9.78 -23.19 -33.55
C PRO A 93 -8.98 -22.22 -34.42
N MET A 94 -7.73 -22.02 -34.02
CA MET A 94 -6.70 -21.44 -34.87
C MET A 94 -6.44 -22.36 -36.08
N GLY A 95 -6.47 -21.78 -37.29
CA GLY A 95 -6.36 -22.55 -38.53
C GLY A 95 -7.62 -23.36 -38.89
N SER A 96 -8.81 -22.71 -38.94
CA SER A 96 -10.06 -23.38 -39.32
C SER A 96 -10.92 -22.61 -40.34
N GLY A 97 -10.36 -21.59 -40.99
CA GLY A 97 -11.02 -20.87 -42.07
C GLY A 97 -11.90 -19.68 -41.64
N LYS A 98 -11.71 -19.17 -40.43
CA LYS A 98 -12.57 -18.14 -39.86
C LYS A 98 -12.56 -16.84 -40.64
N THR A 99 -11.41 -16.41 -41.21
CA THR A 99 -11.40 -15.19 -42.03
C THR A 99 -12.21 -15.38 -43.33
N THR A 100 -12.20 -16.59 -43.93
CA THR A 100 -12.99 -16.89 -45.12
C THR A 100 -14.49 -16.89 -44.81
N ALA A 101 -14.92 -17.46 -43.67
CA ALA A 101 -16.31 -17.44 -43.24
C ALA A 101 -16.81 -16.01 -42.92
N LEU A 102 -15.96 -15.16 -42.34
CA LEU A 102 -16.25 -13.76 -42.15
C LEU A 102 -16.34 -13.03 -43.49
N ILE A 103 -15.47 -13.31 -44.47
CA ILE A 103 -15.59 -12.73 -45.81
C ILE A 103 -16.92 -13.12 -46.47
N ARG A 104 -17.28 -14.41 -46.45
CA ARG A 104 -18.57 -14.88 -46.95
C ARG A 104 -19.76 -14.21 -46.27
N TRP A 105 -19.69 -13.97 -44.97
CA TRP A 105 -20.80 -13.39 -44.23
C TRP A 105 -20.85 -11.86 -44.36
N LEU A 106 -19.72 -11.15 -44.30
CA LEU A 106 -19.69 -9.69 -44.33
C LEU A 106 -20.18 -9.11 -45.68
N ARG A 107 -19.84 -9.74 -46.81
CA ARG A 107 -20.27 -9.27 -48.13
C ARG A 107 -21.80 -9.35 -48.32
N GLU A 108 -22.49 -10.20 -47.54
CA GLU A 108 -23.93 -10.26 -47.51
C GLU A 108 -24.51 -9.32 -46.43
N ALA A 109 -23.92 -9.30 -45.25
CA ALA A 109 -24.42 -8.53 -44.11
C ALA A 109 -24.36 -7.01 -44.37
N ILE A 110 -23.45 -6.54 -45.25
CA ILE A 110 -23.50 -5.17 -45.77
C ILE A 110 -24.65 -5.10 -46.79
N HIS A 111 -25.87 -4.89 -46.28
CA HIS A 111 -27.13 -5.09 -46.98
C HIS A 111 -27.27 -4.28 -48.28
N SER A 112 -26.70 -3.07 -48.28
CA SER A 112 -26.84 -2.09 -49.36
C SER A 112 -25.54 -1.27 -49.47
N PRO A 113 -25.24 -0.59 -50.60
CA PRO A 113 -24.03 0.24 -50.69
C PRO A 113 -23.96 1.43 -49.72
N ASP A 114 -25.09 1.79 -49.09
CA ASP A 114 -25.14 2.78 -48.02
C ASP A 114 -24.90 2.19 -46.62
N THR A 115 -24.95 0.85 -46.47
CA THR A 115 -24.75 0.19 -45.17
C THR A 115 -23.31 0.39 -44.69
N SER A 116 -23.15 0.69 -43.39
CA SER A 116 -21.88 1.13 -42.80
C SER A 116 -21.46 0.26 -41.62
N VAL A 117 -20.14 -0.08 -41.54
CA VAL A 117 -19.63 -1.14 -40.67
C VAL A 117 -18.28 -0.78 -40.05
N LEU A 118 -17.98 -1.41 -38.89
CA LEU A 118 -16.74 -1.25 -38.13
C LEU A 118 -16.13 -2.62 -37.79
N VAL A 119 -14.82 -2.80 -38.02
CA VAL A 119 -14.11 -4.02 -37.65
C VAL A 119 -12.98 -3.70 -36.67
N VAL A 120 -12.96 -4.39 -35.52
CA VAL A 120 -11.94 -4.23 -34.48
C VAL A 120 -11.00 -5.44 -34.42
N SER A 121 -9.68 -5.18 -34.30
CA SER A 121 -8.67 -6.21 -34.07
C SER A 121 -7.73 -5.82 -32.92
N CYS A 122 -7.27 -6.81 -32.14
CA CYS A 122 -6.18 -6.58 -31.21
C CYS A 122 -4.84 -6.66 -31.93
N ARG A 123 -4.64 -7.74 -32.70
CA ARG A 123 -3.38 -8.03 -33.37
C ARG A 123 -3.15 -7.09 -34.54
N ARG A 124 -1.87 -6.76 -34.81
CA ARG A 124 -1.47 -5.91 -35.93
C ARG A 124 -1.72 -6.58 -37.28
N SER A 125 -1.65 -7.92 -37.31
CA SER A 125 -1.66 -8.72 -38.53
C SER A 125 -2.91 -8.49 -39.39
N PHE A 126 -4.08 -8.35 -38.75
CA PHE A 126 -5.33 -8.10 -39.47
C PHE A 126 -5.46 -6.66 -39.98
N THR A 127 -4.87 -5.66 -39.30
CA THR A 127 -4.91 -4.27 -39.77
C THR A 127 -4.24 -4.14 -41.14
N GLN A 128 -3.11 -4.85 -41.33
CA GLN A 128 -2.45 -4.92 -42.63
C GLN A 128 -3.23 -5.83 -43.61
N THR A 129 -3.71 -6.99 -43.12
CA THR A 129 -4.30 -8.03 -43.97
C THR A 129 -5.70 -7.65 -44.48
N LEU A 130 -6.69 -7.38 -43.60
CA LEU A 130 -8.10 -7.35 -43.99
C LEU A 130 -8.39 -6.27 -45.04
N ALA A 131 -7.85 -5.06 -44.87
CA ALA A 131 -8.02 -3.97 -45.83
C ALA A 131 -7.45 -4.32 -47.21
N THR A 132 -6.40 -5.16 -47.24
CA THR A 132 -5.75 -5.60 -48.47
C THR A 132 -6.48 -6.81 -49.08
N ARG A 133 -7.08 -7.67 -48.22
CA ARG A 133 -7.64 -8.97 -48.59
C ARG A 133 -9.10 -8.87 -49.05
N PHE A 134 -9.90 -7.93 -48.52
CA PHE A 134 -11.26 -7.70 -48.99
C PHE A 134 -11.27 -7.19 -50.43
N ALA A 135 -11.86 -8.00 -51.34
CA ALA A 135 -12.03 -7.67 -52.75
C ALA A 135 -13.51 -7.61 -53.15
N GLU A 136 -14.38 -8.14 -52.25
CA GLU A 136 -15.83 -8.23 -52.42
C GLU A 136 -16.53 -6.97 -51.90
N SER A 137 -15.74 -5.94 -51.51
CA SER A 137 -16.25 -4.71 -50.90
C SER A 137 -15.32 -3.54 -51.23
N GLY A 138 -15.85 -2.30 -51.15
CA GLY A 138 -15.11 -1.08 -51.48
C GLY A 138 -15.21 0.02 -50.43
N LEU A 139 -14.27 0.97 -50.51
CA LEU A 139 -14.05 2.08 -49.59
C LEU A 139 -13.57 1.60 -48.20
N VAL A 140 -13.10 0.34 -48.09
CA VAL A 140 -12.48 -0.20 -46.88
C VAL A 140 -11.12 0.47 -46.66
N ASP A 141 -10.79 0.84 -45.40
CA ASP A 141 -9.46 1.33 -45.06
C ASP A 141 -8.98 0.91 -43.65
N PHE A 142 -7.65 0.84 -43.50
CA PHE A 142 -6.99 0.51 -42.24
C PHE A 142 -6.88 1.74 -41.33
N VAL A 143 -6.20 1.58 -40.17
CA VAL A 143 -6.21 2.55 -39.07
C VAL A 143 -5.82 3.97 -39.52
N THR A 144 -6.49 4.97 -38.92
CA THR A 144 -6.40 6.37 -39.33
C THR A 144 -5.07 7.01 -38.91
N TYR A 145 -4.37 7.63 -39.88
CA TYR A 145 -3.20 8.47 -39.64
C TYR A 145 -3.38 9.90 -40.19
N PHE A 146 -3.80 10.03 -41.47
CA PHE A 146 -3.75 11.32 -42.17
C PHE A 146 -5.02 11.63 -42.98
N SER A 147 -6.05 10.77 -42.93
CA SER A 147 -7.28 10.94 -43.69
C SER A 147 -8.30 11.86 -42.99
N SER A 148 -7.95 12.38 -41.80
CA SER A 148 -8.87 13.11 -40.91
C SER A 148 -9.64 14.21 -41.65
N THR A 149 -10.98 14.13 -41.58
CA THR A 149 -11.89 14.97 -42.36
C THR A 149 -13.14 15.29 -41.52
N ASN A 150 -13.67 16.53 -41.65
CA ASN A 150 -14.85 17.00 -40.92
C ASN A 150 -15.62 18.04 -41.76
N ARG A 156 -15.13 12.09 -39.96
CA ARG A 156 -16.59 12.25 -40.17
C ARG A 156 -17.11 11.32 -41.28
N PRO A 157 -16.43 11.14 -42.44
CA PRO A 157 -16.89 10.20 -43.47
C PRO A 157 -16.76 8.71 -43.14
N PHE A 158 -16.17 8.38 -41.98
CA PHE A 158 -15.62 7.05 -41.71
C PHE A 158 -16.67 5.94 -41.62
N HIS A 159 -16.60 5.01 -42.59
CA HIS A 159 -17.24 3.70 -42.52
C HIS A 159 -16.34 2.69 -43.27
N ARG A 160 -16.54 1.39 -42.99
CA ARG A 160 -15.69 0.29 -43.48
C ARG A 160 -14.25 0.42 -42.95
N LEU A 161 -14.15 1.10 -41.81
CA LEU A 161 -12.94 1.29 -41.03
C LEU A 161 -12.49 0.00 -40.32
N ILE A 162 -11.18 -0.29 -40.39
CA ILE A 162 -10.57 -1.41 -39.68
C ILE A 162 -9.49 -0.85 -38.74
N VAL A 163 -9.52 -1.24 -37.44
CA VAL A 163 -8.67 -0.61 -36.42
C VAL A 163 -8.00 -1.62 -35.48
N GLN A 164 -6.76 -1.27 -35.05
CA GLN A 164 -6.13 -1.85 -33.87
C GLN A 164 -6.71 -1.20 -32.61
N VAL A 165 -7.17 -2.00 -31.64
CA VAL A 165 -7.94 -1.51 -30.49
C VAL A 165 -7.14 -0.52 -29.62
N GLU A 166 -5.81 -0.68 -29.53
CA GLU A 166 -4.97 0.20 -28.72
C GLU A 166 -4.92 1.64 -29.27
N SER A 167 -5.20 1.81 -30.58
CA SER A 167 -5.15 3.10 -31.28
C SER A 167 -6.52 3.79 -31.39
N LEU A 168 -7.57 3.21 -30.76
CA LEU A 168 -8.95 3.61 -31.02
C LEU A 168 -9.27 5.02 -30.47
N HIS A 169 -8.51 5.51 -29.48
CA HIS A 169 -8.76 6.80 -28.83
C HIS A 169 -8.73 7.99 -29.80
N ARG A 170 -7.78 7.97 -30.76
CA ARG A 170 -7.60 9.05 -31.72
C ARG A 170 -8.57 8.97 -32.93
N VAL A 171 -9.46 7.97 -32.95
CA VAL A 171 -10.38 7.73 -34.07
C VAL A 171 -11.85 7.90 -33.62
N GLY A 172 -12.12 7.65 -32.32
CA GLY A 172 -13.47 7.66 -31.73
C GLY A 172 -14.39 8.82 -32.15
N PRO A 173 -13.97 10.12 -32.02
CA PRO A 173 -14.83 11.25 -32.39
C PRO A 173 -15.36 11.27 -33.82
N ASN A 174 -14.68 10.57 -34.75
CA ASN A 174 -15.03 10.53 -36.16
C ASN A 174 -16.05 9.43 -36.50
N LEU A 175 -16.37 8.53 -35.53
CA LEU A 175 -17.25 7.39 -35.79
C LEU A 175 -18.74 7.79 -35.80
N LEU A 176 -19.08 8.93 -35.17
CA LEU A 176 -20.44 9.46 -35.04
C LEU A 176 -21.38 8.53 -34.24
N ASN A 177 -20.89 7.42 -33.67
CA ASN A 177 -21.58 6.54 -32.74
C ASN A 177 -22.80 5.83 -33.34
N ASN A 178 -22.79 5.56 -34.66
CA ASN A 178 -23.74 4.61 -35.25
C ASN A 178 -23.08 3.75 -36.33
N TYR A 179 -23.30 2.41 -36.26
CA TYR A 179 -22.96 1.45 -37.30
C TYR A 179 -24.03 0.38 -37.42
N ASP A 180 -24.09 -0.29 -38.58
CA ASP A 180 -25.12 -1.25 -38.90
C ASP A 180 -24.67 -2.71 -38.65
N VAL A 181 -23.34 -2.95 -38.73
CA VAL A 181 -22.71 -4.26 -38.49
C VAL A 181 -21.45 -4.04 -37.64
N LEU A 182 -21.18 -4.96 -36.71
CA LEU A 182 -19.99 -4.92 -35.86
C LEU A 182 -19.30 -6.29 -35.80
N VAL A 183 -17.97 -6.33 -35.96
CA VAL A 183 -17.19 -7.55 -36.00
C VAL A 183 -16.07 -7.47 -34.97
N LEU A 184 -15.95 -8.49 -34.11
CA LEU A 184 -14.80 -8.69 -33.21
C LEU A 184 -14.11 -10.04 -33.49
N ASP A 185 -12.84 -10.08 -33.92
CA ASP A 185 -12.06 -11.33 -34.00
C ASP A 185 -10.86 -11.27 -33.04
N GLU A 186 -10.50 -12.45 -32.50
CA GLU A 186 -9.76 -12.57 -31.24
C GLU A 186 -10.38 -11.68 -30.18
N VAL A 187 -11.69 -11.88 -29.92
CA VAL A 187 -12.42 -10.97 -29.05
C VAL A 187 -11.90 -11.03 -27.61
N MET A 188 -11.36 -12.16 -27.15
CA MET A 188 -10.82 -12.23 -25.79
C MET A 188 -9.44 -11.59 -25.67
N SER A 189 -8.73 -11.42 -26.80
CA SER A 189 -7.55 -10.56 -26.89
C SER A 189 -7.96 -9.09 -26.97
N THR A 190 -9.03 -8.77 -27.74
CA THR A 190 -9.54 -7.42 -27.90
C THR A 190 -10.03 -6.84 -26.56
N LEU A 191 -10.77 -7.61 -25.76
CA LEU A 191 -11.11 -7.24 -24.38
C LEU A 191 -9.97 -7.50 -23.40
N GLY A 192 -8.87 -8.11 -23.87
CA GLY A 192 -7.70 -8.47 -23.08
C GLY A 192 -6.53 -7.48 -23.19
N GLN A 193 -6.59 -6.57 -24.16
CA GLN A 193 -5.59 -5.52 -24.33
C GLN A 193 -5.72 -4.48 -23.23
N LEU A 194 -6.94 -4.33 -22.66
CA LEU A 194 -7.25 -3.29 -21.68
C LEU A 194 -6.36 -3.37 -20.42
N TYR A 195 -5.93 -4.59 -20.06
CA TYR A 195 -5.14 -4.82 -18.84
C TYR A 195 -3.66 -4.49 -19.05
N SER A 196 -3.20 -4.39 -20.31
CA SER A 196 -1.79 -4.19 -20.60
C SER A 196 -1.35 -2.74 -20.33
N PRO A 197 -0.15 -2.50 -19.74
CA PRO A 197 0.40 -1.15 -19.56
C PRO A 197 0.56 -0.29 -20.82
N THR A 198 0.48 -0.88 -22.03
CA THR A 198 0.66 -0.13 -23.27
C THR A 198 -0.59 0.65 -23.68
N MET A 199 -1.79 0.29 -23.16
CA MET A 199 -2.99 1.09 -23.42
C MET A 199 -3.00 2.33 -22.51
N GLN A 200 -3.50 3.46 -23.06
CA GLN A 200 -3.58 4.74 -22.37
C GLN A 200 -4.89 5.45 -22.76
N GLN A 201 -5.37 6.35 -21.88
CA GLN A 201 -6.69 6.98 -21.98
C GLN A 201 -7.80 5.92 -22.00
N LEU A 202 -7.65 4.90 -21.13
CA LEU A 202 -8.48 3.70 -21.13
C LEU A 202 -9.97 4.03 -20.94
N GLY A 203 -10.31 4.85 -19.93
CA GLY A 203 -11.69 5.08 -19.51
C GLY A 203 -12.60 5.63 -20.62
N ARG A 204 -12.03 6.50 -21.47
CA ARG A 204 -12.73 7.13 -22.58
C ARG A 204 -12.92 6.17 -23.76
N VAL A 205 -12.01 5.20 -23.93
CA VAL A 205 -12.15 4.15 -24.94
C VAL A 205 -13.15 3.09 -24.47
N ASP A 206 -13.09 2.69 -23.19
CA ASP A 206 -14.06 1.79 -22.55
C ASP A 206 -15.49 2.34 -22.70
N ALA A 207 -15.68 3.63 -22.38
CA ALA A 207 -16.95 4.32 -22.54
C ALA A 207 -17.43 4.41 -24.01
N LEU A 208 -16.54 4.21 -25.00
CA LEU A 208 -16.89 4.10 -26.42
C LEU A 208 -17.21 2.64 -26.79
N MET A 209 -16.44 1.68 -26.30
CA MET A 209 -16.71 0.26 -26.53
C MET A 209 -18.11 -0.11 -26.01
N LEU A 210 -18.48 0.43 -24.84
CA LEU A 210 -19.82 0.21 -24.30
C LEU A 210 -20.91 1.02 -25.03
N ARG A 211 -20.54 1.79 -26.08
CA ARG A 211 -21.46 2.57 -26.92
C ARG A 211 -21.82 1.79 -28.19
N LEU A 212 -20.84 1.14 -28.83
CA LEU A 212 -21.08 0.29 -29.99
C LEU A 212 -21.84 -0.98 -29.57
N LEU A 213 -21.46 -1.56 -28.42
CA LEU A 213 -21.79 -2.96 -28.13
C LEU A 213 -23.25 -3.12 -27.70
N ARG A 214 -24.02 -2.03 -27.57
CA ARG A 214 -25.44 -2.10 -27.21
C ARG A 214 -26.36 -2.50 -28.37
N THR A 215 -25.85 -3.27 -29.34
CA THR A 215 -26.60 -3.86 -30.46
C THR A 215 -27.43 -2.82 -31.23
N CYS A 216 -26.84 -1.64 -31.47
CA CYS A 216 -27.24 -0.79 -32.58
C CYS A 216 -26.97 -1.53 -33.90
N PRO A 217 -25.77 -2.13 -34.08
CA PRO A 217 -25.53 -3.03 -35.20
C PRO A 217 -26.02 -4.47 -34.95
N ARG A 218 -25.81 -5.38 -35.93
CA ARG A 218 -25.64 -6.80 -35.60
C ARG A 218 -24.24 -7.04 -35.02
N ILE A 219 -24.07 -8.03 -34.15
CA ILE A 219 -22.78 -8.36 -33.57
C ILE A 219 -22.35 -9.78 -33.96
N ILE A 220 -21.13 -9.90 -34.52
CA ILE A 220 -20.42 -11.18 -34.53
C ILE A 220 -19.14 -11.02 -33.72
N ALA A 221 -18.89 -12.02 -32.84
CA ALA A 221 -17.73 -12.04 -31.98
C ALA A 221 -17.10 -13.43 -32.00
N MET A 222 -15.78 -13.54 -32.16
CA MET A 222 -15.15 -14.83 -32.43
C MET A 222 -13.73 -14.88 -31.83
N ASP A 223 -13.30 -16.08 -31.39
CA ASP A 223 -11.98 -16.32 -30.84
C ASP A 223 -11.69 -17.82 -30.83
N ALA A 224 -10.42 -18.23 -30.72
CA ALA A 224 -10.07 -19.63 -30.44
C ALA A 224 -10.42 -20.00 -29.00
N THR A 225 -10.43 -19.03 -28.07
CA THR A 225 -10.74 -19.28 -26.66
C THR A 225 -11.82 -18.33 -26.12
N ALA A 226 -12.91 -18.12 -26.86
CA ALA A 226 -14.12 -17.46 -26.37
C ALA A 226 -14.74 -18.33 -25.31
N ASN A 227 -15.30 -17.72 -24.23
CA ASN A 227 -15.69 -18.58 -23.09
C ASN A 227 -17.07 -18.25 -22.48
N ALA A 228 -17.51 -19.04 -21.48
CA ALA A 228 -18.83 -18.87 -20.84
C ALA A 228 -19.11 -17.44 -20.37
N GLN A 229 -18.12 -16.78 -19.82
CA GLN A 229 -18.29 -15.43 -19.34
C GLN A 229 -18.51 -14.42 -20.46
N LEU A 230 -18.15 -14.69 -21.72
CA LEU A 230 -18.44 -13.80 -22.84
C LEU A 230 -19.87 -14.01 -23.32
N VAL A 231 -20.32 -15.27 -23.37
CA VAL A 231 -21.72 -15.58 -23.70
C VAL A 231 -22.67 -14.98 -22.65
N ASP A 232 -22.37 -15.16 -21.36
CA ASP A 232 -23.07 -14.46 -20.29
C ASP A 232 -23.08 -12.91 -20.42
N PHE A 233 -21.94 -12.29 -20.69
CA PHE A 233 -21.86 -10.84 -20.74
C PHE A 233 -22.68 -10.29 -21.92
N LEU A 234 -22.71 -10.99 -23.08
CA LEU A 234 -23.52 -10.57 -24.20
C LEU A 234 -25.02 -10.75 -23.92
N CYS A 235 -25.42 -11.74 -23.14
CA CYS A 235 -26.78 -11.75 -22.60
C CYS A 235 -27.08 -10.49 -21.76
N GLY A 236 -26.10 -9.98 -21.01
CA GLY A 236 -26.27 -8.78 -20.23
C GLY A 236 -26.27 -7.48 -21.05
N LEU A 237 -26.05 -7.51 -22.37
CA LEU A 237 -26.21 -6.34 -23.23
C LEU A 237 -27.38 -6.45 -24.22
N ARG A 238 -27.83 -7.67 -24.58
CA ARG A 238 -28.95 -7.79 -25.51
C ARG A 238 -29.87 -9.01 -25.25
N GLY A 239 -29.83 -9.57 -24.03
CA GLY A 239 -30.83 -10.54 -23.58
C GLY A 239 -30.68 -11.96 -24.14
N GLU A 240 -31.14 -12.96 -23.36
CA GLU A 240 -30.95 -14.37 -23.67
C GLU A 240 -31.56 -14.76 -25.02
N LYS A 241 -32.58 -14.03 -25.45
CA LYS A 241 -33.33 -14.36 -26.66
C LYS A 241 -32.50 -14.13 -27.92
N ASN A 242 -31.57 -13.16 -27.91
CA ASN A 242 -30.90 -12.68 -29.11
C ASN A 242 -29.47 -13.22 -29.28
N VAL A 243 -28.98 -14.10 -28.38
CA VAL A 243 -27.60 -14.60 -28.40
C VAL A 243 -27.59 -16.06 -28.89
N HIS A 244 -26.72 -16.29 -29.88
CA HIS A 244 -26.53 -17.53 -30.59
C HIS A 244 -25.06 -17.95 -30.48
N VAL A 245 -24.75 -19.26 -30.36
CA VAL A 245 -23.39 -19.73 -30.11
C VAL A 245 -22.97 -20.74 -31.19
N VAL A 246 -21.76 -20.58 -31.77
CA VAL A 246 -21.18 -21.53 -32.72
C VAL A 246 -19.90 -22.15 -32.16
N VAL A 247 -19.79 -23.49 -32.18
CA VAL A 247 -18.63 -24.21 -31.67
C VAL A 247 -17.98 -25.05 -32.78
N GLY A 248 -16.75 -24.70 -33.17
CA GLY A 248 -16.04 -25.38 -34.24
C GLY A 248 -15.12 -26.47 -33.68
N GLU A 249 -15.01 -27.60 -34.38
CA GLU A 249 -14.14 -28.69 -33.94
C GLU A 249 -13.33 -29.27 -35.11
N TYR A 250 -13.03 -28.41 -36.10
CA TYR A 250 -12.16 -28.79 -37.22
C TYR A 250 -11.05 -27.75 -37.40
N ALA A 251 -9.83 -28.24 -37.69
CA ALA A 251 -8.67 -27.41 -38.05
C ALA A 251 -7.85 -28.10 -39.14
N MET A 252 -7.18 -27.29 -39.97
CA MET A 252 -6.43 -27.73 -41.13
C MET A 252 -5.42 -28.84 -40.79
N PRO A 253 -5.05 -29.69 -41.78
CA PRO A 253 -4.06 -30.76 -41.59
C PRO A 253 -2.76 -30.39 -40.88
N GLY A 254 -2.28 -29.14 -41.04
CA GLY A 254 -1.09 -28.65 -40.35
C GLY A 254 -1.15 -28.76 -38.82
N PHE A 255 -2.38 -28.78 -38.27
CA PHE A 255 -2.63 -28.84 -36.83
C PHE A 255 -3.29 -30.17 -36.45
N SER A 256 -4.30 -30.63 -37.18
CA SER A 256 -4.99 -31.86 -36.83
C SER A 256 -4.14 -33.13 -37.01
N ALA A 257 -3.08 -33.09 -37.82
CA ALA A 257 -2.12 -34.19 -37.95
C ALA A 257 -0.88 -34.05 -37.04
N ARG A 258 -0.76 -32.96 -36.27
CA ARG A 258 0.41 -32.66 -35.46
C ARG A 258 0.40 -33.49 -34.18
N ARG A 259 1.54 -34.00 -33.74
CA ARG A 259 1.60 -35.01 -32.68
C ARG A 259 2.61 -34.58 -31.59
N CYS A 260 2.27 -33.49 -30.91
CA CYS A 260 2.98 -33.04 -29.73
C CYS A 260 3.26 -34.19 -28.69
N LEU A 261 4.42 -34.09 -28.04
CA LEU A 261 4.93 -35.02 -27.05
C LEU A 261 5.80 -34.28 -26.01
N PHE A 262 5.44 -34.42 -24.75
CA PHE A 262 6.18 -33.81 -23.66
C PHE A 262 7.29 -34.76 -23.15
N LEU A 263 8.56 -34.39 -23.36
CA LEU A 263 9.70 -35.25 -23.01
C LEU A 263 9.99 -35.28 -21.51
N PRO A 264 10.52 -36.38 -20.93
CA PRO A 264 11.01 -36.43 -19.55
C PRO A 264 12.26 -35.69 -19.10
N ARG A 265 13.26 -35.48 -19.95
CA ARG A 265 14.57 -35.01 -19.46
C ARG A 265 15.33 -34.12 -20.47
N LEU A 266 16.05 -33.10 -19.99
CA LEU A 266 16.65 -32.11 -20.89
C LEU A 266 17.85 -32.67 -21.66
N GLY A 267 18.69 -33.51 -21.00
CA GLY A 267 19.83 -34.19 -21.62
C GLY A 267 21.09 -33.32 -21.72
N THR A 268 21.34 -32.48 -20.71
CA THR A 268 22.49 -31.57 -20.71
C THR A 268 23.83 -32.32 -20.77
N GLU A 269 23.91 -33.57 -20.31
CA GLU A 269 25.15 -34.33 -20.38
C GLU A 269 25.64 -34.52 -21.83
N LEU A 270 24.70 -34.57 -22.79
CA LEU A 270 25.05 -34.66 -24.20
C LEU A 270 25.40 -33.27 -24.77
N LEU A 271 24.89 -32.20 -24.15
CA LEU A 271 25.28 -30.83 -24.48
C LEU A 271 26.72 -30.56 -24.03
N GLN A 272 27.07 -30.95 -22.79
CA GLN A 272 28.41 -30.75 -22.24
C GLN A 272 29.50 -31.54 -22.98
N ALA A 273 29.14 -32.65 -23.63
CA ALA A 273 30.05 -33.41 -24.46
C ALA A 273 30.24 -32.78 -25.85
N ALA A 274 29.46 -31.74 -26.20
CA ALA A 274 29.40 -31.20 -27.56
C ALA A 274 29.81 -29.72 -27.60
N LEU A 275 29.08 -28.83 -26.87
CA LEU A 275 29.29 -27.39 -26.93
C LEU A 275 30.64 -26.98 -26.31
N ARG A 276 31.05 -27.69 -25.26
CA ARG A 276 32.40 -27.53 -24.69
C ARG A 276 33.42 -28.32 -25.50
N PRO A 277 34.74 -28.00 -25.40
CA PRO A 277 35.79 -28.86 -25.96
C PRO A 277 35.69 -30.29 -25.41
N PRO A 278 36.22 -31.31 -26.14
CA PRO A 278 36.08 -32.71 -25.73
C PRO A 278 36.61 -33.01 -24.32
N GLY A 279 35.91 -33.91 -23.62
CA GLY A 279 36.32 -34.36 -22.29
C GLY A 279 37.47 -35.36 -22.34
N PRO A 280 37.91 -35.89 -21.16
CA PRO A 280 39.00 -36.88 -21.11
C PRO A 280 38.72 -38.16 -21.90
N PRO A 281 39.77 -38.85 -22.41
CA PRO A 281 39.60 -40.10 -23.16
C PRO A 281 38.86 -41.26 -22.48
N SER A 282 38.80 -41.24 -21.14
CA SER A 282 38.14 -42.28 -20.34
C SER A 282 37.57 -41.73 -19.03
N GLY A 283 36.59 -42.45 -18.46
CA GLY A 283 35.92 -42.07 -17.22
C GLY A 283 34.72 -41.15 -17.44
N PRO A 284 33.71 -41.56 -18.25
CA PRO A 284 32.49 -40.76 -18.43
C PRO A 284 31.56 -40.84 -17.22
N SER A 285 30.49 -40.02 -17.24
CA SER A 285 29.51 -39.94 -16.17
C SER A 285 28.82 -41.29 -15.91
N PRO A 286 28.71 -41.75 -14.63
CA PRO A 286 28.11 -43.06 -14.32
C PRO A 286 26.58 -43.13 -14.33
N ASP A 287 25.90 -41.97 -14.23
CA ASP A 287 24.44 -41.91 -14.14
C ASP A 287 23.76 -42.16 -15.49
N ALA A 288 22.46 -42.53 -15.44
CA ALA A 288 21.53 -42.55 -16.56
C ALA A 288 21.96 -43.51 -17.70
N SER A 289 22.63 -44.62 -17.34
CA SER A 289 23.15 -45.58 -18.33
C SER A 289 22.04 -46.33 -19.09
N PRO A 290 20.84 -46.66 -18.51
CA PRO A 290 19.72 -47.18 -19.31
C PRO A 290 18.89 -46.05 -19.95
N ASP A 291 19.57 -45.00 -20.43
CA ASP A 291 18.98 -43.73 -20.87
C ASP A 291 18.12 -43.04 -19.81
N ALA A 292 18.20 -43.47 -18.53
CA ALA A 292 17.21 -43.20 -17.48
C ALA A 292 15.76 -43.40 -17.99
N ARG A 293 15.57 -44.37 -18.92
CA ARG A 293 14.32 -44.75 -19.57
C ARG A 293 13.45 -43.57 -20.05
N GLY A 294 14.10 -42.47 -20.48
CA GLY A 294 13.40 -41.32 -21.07
C GLY A 294 14.27 -40.59 -22.09
N ALA A 295 13.74 -40.40 -23.32
CA ALA A 295 14.40 -39.65 -24.38
C ALA A 295 14.66 -38.20 -23.95
N THR A 296 15.71 -37.57 -24.53
CA THR A 296 16.15 -36.25 -24.05
C THR A 296 16.15 -35.22 -25.17
N PHE A 297 15.85 -33.97 -24.83
CA PHE A 297 15.66 -32.90 -25.81
C PHE A 297 16.88 -32.73 -26.71
N PHE A 298 18.08 -32.53 -26.12
CA PHE A 298 19.31 -32.40 -26.90
C PHE A 298 19.68 -33.72 -27.59
N GLY A 299 19.30 -34.89 -27.03
CA GLY A 299 19.47 -36.17 -27.70
C GLY A 299 18.64 -36.30 -28.99
N GLU A 300 17.37 -35.89 -28.94
CA GLU A 300 16.46 -35.98 -30.07
C GLU A 300 16.79 -34.92 -31.12
N LEU A 301 17.28 -33.74 -30.70
CA LEU A 301 17.64 -32.65 -31.59
C LEU A 301 18.87 -33.03 -32.42
N GLU A 302 19.83 -33.73 -31.81
CA GLU A 302 21.02 -34.25 -32.48
C GLU A 302 20.64 -35.10 -33.70
N ALA A 303 19.66 -36.01 -33.55
CA ALA A 303 19.28 -36.96 -34.59
C ALA A 303 18.68 -36.27 -35.84
N ARG A 304 17.82 -35.25 -35.68
CA ARG A 304 17.19 -34.58 -36.81
C ARG A 304 18.20 -33.69 -37.55
N LEU A 305 19.05 -32.96 -36.83
CA LEU A 305 20.08 -32.14 -37.46
C LEU A 305 21.10 -33.02 -38.19
N GLY A 306 21.51 -34.15 -37.58
CA GLY A 306 22.45 -35.09 -38.19
C GLY A 306 21.86 -35.85 -39.39
N GLY A 307 20.54 -36.13 -39.37
CA GLY A 307 19.85 -36.78 -40.48
C GLY A 307 19.61 -35.89 -41.71
N GLY A 308 19.85 -34.57 -41.58
CA GLY A 308 19.74 -33.61 -42.68
C GLY A 308 18.38 -32.89 -42.77
N ASP A 309 17.53 -33.02 -41.74
CA ASP A 309 16.21 -32.38 -41.72
C ASP A 309 16.34 -30.88 -41.48
N ASN A 310 15.32 -30.10 -41.89
CA ASN A 310 15.22 -28.68 -41.57
C ASN A 310 14.33 -28.54 -40.33
N ILE A 311 14.63 -27.59 -39.44
CA ILE A 311 14.01 -27.65 -38.12
C ILE A 311 13.87 -26.26 -37.51
N CYS A 312 12.97 -26.09 -36.53
CA CYS A 312 12.80 -24.76 -35.93
C CYS A 312 12.58 -24.87 -34.44
N ILE A 313 12.98 -23.83 -33.67
CA ILE A 313 13.19 -24.05 -32.25
C ILE A 313 12.65 -22.87 -31.48
N PHE A 314 11.49 -23.06 -30.81
CA PHE A 314 10.93 -22.03 -29.95
C PHE A 314 11.67 -22.01 -28.63
N SER A 315 11.93 -20.81 -28.10
CA SER A 315 12.58 -20.71 -26.82
C SER A 315 12.00 -19.53 -26.03
N SER A 316 11.31 -19.84 -24.96
CA SER A 316 10.62 -18.83 -24.18
C SER A 316 11.54 -17.86 -23.45
N THR A 317 12.84 -18.21 -23.29
CA THR A 317 13.86 -17.35 -22.69
C THR A 317 15.04 -17.25 -23.63
N VAL A 318 15.73 -16.10 -23.61
CA VAL A 318 16.87 -15.85 -24.49
C VAL A 318 18.10 -16.64 -24.05
N SER A 319 18.32 -16.88 -22.76
CA SER A 319 19.55 -17.54 -22.34
C SER A 319 19.69 -18.94 -22.88
N PHE A 320 18.57 -19.64 -23.12
CA PHE A 320 18.60 -20.95 -23.76
C PHE A 320 18.65 -20.84 -25.30
N ALA A 321 18.11 -19.77 -25.88
CA ALA A 321 18.19 -19.55 -27.30
C ALA A 321 19.63 -19.38 -27.74
N GLU A 322 20.43 -18.64 -26.97
CA GLU A 322 21.83 -18.41 -27.31
C GLU A 322 22.65 -19.69 -27.15
N ILE A 323 22.24 -20.60 -26.26
CA ILE A 323 22.92 -21.85 -26.04
C ILE A 323 22.62 -22.83 -27.15
N VAL A 324 21.35 -22.96 -27.58
CA VAL A 324 21.01 -23.94 -28.62
C VAL A 324 21.44 -23.46 -30.01
N ALA A 325 21.64 -22.15 -30.22
CA ALA A 325 22.37 -21.66 -31.39
C ALA A 325 23.83 -22.13 -31.37
N ARG A 326 24.53 -21.98 -30.24
CA ARG A 326 25.92 -22.39 -30.08
C ARG A 326 26.09 -23.92 -30.15
N PHE A 327 25.05 -24.69 -29.88
CA PHE A 327 25.04 -26.14 -30.16
C PHE A 327 24.84 -26.46 -31.66
N CYS A 328 23.83 -25.88 -32.31
CA CYS A 328 23.43 -26.29 -33.65
C CYS A 328 24.52 -26.07 -34.72
N ARG A 329 25.34 -25.01 -34.58
CA ARG A 329 26.41 -24.70 -35.52
C ARG A 329 27.45 -25.81 -35.67
N GLN A 330 27.50 -26.78 -34.76
CA GLN A 330 28.35 -27.96 -34.86
C GLN A 330 27.80 -29.04 -35.80
N PHE A 331 26.49 -29.01 -36.07
CA PHE A 331 25.81 -29.96 -36.95
C PHE A 331 25.44 -29.35 -38.30
N THR A 332 25.24 -28.03 -38.38
CA THR A 332 24.78 -27.33 -39.58
C THR A 332 25.07 -25.83 -39.39
N ASP A 333 25.90 -25.21 -40.26
CA ASP A 333 26.37 -23.84 -39.98
C ASP A 333 25.33 -22.75 -40.25
N ARG A 334 24.24 -23.06 -40.96
CA ARG A 334 23.33 -22.04 -41.48
C ARG A 334 22.14 -21.77 -40.55
N VAL A 335 22.46 -21.36 -39.32
CA VAL A 335 21.47 -21.08 -38.27
C VAL A 335 21.02 -19.62 -38.34
N LEU A 336 19.76 -19.35 -37.95
CA LEU A 336 19.25 -18.01 -37.69
C LEU A 336 18.72 -17.92 -36.26
N LEU A 337 18.88 -16.75 -35.61
CA LEU A 337 18.38 -16.52 -34.27
C LEU A 337 17.63 -15.19 -34.20
N LEU A 338 16.37 -15.22 -33.75
CA LEU A 338 15.51 -14.05 -33.66
C LEU A 338 15.04 -13.84 -32.22
N HIS A 339 15.37 -12.67 -31.67
CA HIS A 339 14.84 -12.25 -30.39
C HIS A 339 14.73 -10.72 -30.32
N SER A 340 14.12 -10.21 -29.24
CA SER A 340 13.69 -8.82 -29.17
C SER A 340 14.82 -7.78 -29.29
N LEU A 341 16.09 -8.17 -29.15
CA LEU A 341 17.22 -7.25 -29.35
C LEU A 341 17.93 -7.44 -30.70
N THR A 342 17.53 -8.44 -31.52
CA THR A 342 18.04 -8.59 -32.89
C THR A 342 17.28 -7.67 -33.86
N PRO A 343 17.88 -7.27 -35.01
CA PRO A 343 17.19 -6.43 -35.99
C PRO A 343 16.03 -7.13 -36.71
N LEU A 344 15.16 -6.31 -37.32
CA LEU A 344 13.98 -6.75 -38.06
C LEU A 344 14.38 -7.64 -39.25
N GLY A 345 13.73 -8.83 -39.33
CA GLY A 345 13.91 -9.74 -40.45
C GLY A 345 12.59 -10.41 -40.87
N ASP A 346 12.26 -10.32 -42.18
CA ASP A 346 10.98 -10.78 -42.71
C ASP A 346 10.89 -12.30 -42.67
N VAL A 347 9.67 -12.81 -42.38
CA VAL A 347 9.42 -14.25 -42.26
C VAL A 347 9.66 -14.98 -43.59
N THR A 348 9.63 -14.27 -44.72
CA THR A 348 9.92 -14.82 -46.04
C THR A 348 11.37 -15.30 -46.17
N THR A 349 12.28 -14.79 -45.30
CA THR A 349 13.69 -15.16 -45.33
C THR A 349 13.92 -16.56 -44.74
N TRP A 350 12.94 -17.13 -44.04
CA TRP A 350 13.14 -18.40 -43.34
C TRP A 350 13.33 -19.59 -44.28
N GLY A 351 13.12 -19.44 -45.59
CA GLY A 351 13.33 -20.55 -46.53
C GLY A 351 14.80 -20.90 -46.75
N GLN A 352 15.72 -19.94 -46.51
CA GLN A 352 17.14 -20.15 -46.73
C GLN A 352 17.80 -20.94 -45.58
N TYR A 353 17.40 -20.63 -44.34
CA TYR A 353 18.03 -21.17 -43.13
C TYR A 353 17.52 -22.56 -42.76
N ARG A 354 18.41 -23.38 -42.16
CA ARG A 354 18.13 -24.80 -41.89
C ARG A 354 17.79 -25.06 -40.43
N VAL A 355 18.17 -24.12 -39.56
CA VAL A 355 17.65 -24.05 -38.19
C VAL A 355 17.20 -22.62 -37.96
N VAL A 356 15.95 -22.40 -37.56
CA VAL A 356 15.52 -21.09 -37.13
C VAL A 356 15.11 -21.09 -35.66
N ILE A 357 15.81 -20.28 -34.84
CA ILE A 357 15.53 -20.20 -33.41
C ILE A 357 14.78 -18.89 -33.14
N TYR A 358 13.70 -18.90 -32.34
CA TYR A 358 12.95 -17.66 -32.07
C TYR A 358 12.29 -17.66 -30.70
N THR A 359 12.02 -16.43 -30.19
CA THR A 359 11.27 -16.25 -28.95
C THR A 359 9.89 -15.65 -29.23
N THR A 360 9.14 -15.15 -28.23
CA THR A 360 7.73 -14.75 -28.44
C THR A 360 7.58 -13.45 -29.25
N VAL A 361 8.67 -12.90 -29.80
CA VAL A 361 8.60 -11.79 -30.74
C VAL A 361 7.84 -12.08 -32.03
N VAL A 362 7.66 -13.36 -32.38
CA VAL A 362 6.91 -13.74 -33.56
C VAL A 362 5.39 -13.60 -33.41
N THR A 363 4.91 -13.26 -32.19
CA THR A 363 3.48 -13.08 -31.95
C THR A 363 2.94 -11.92 -32.79
N VAL A 364 3.69 -10.82 -32.84
CA VAL A 364 3.29 -9.63 -33.60
C VAL A 364 3.71 -9.68 -35.07
N GLY A 365 4.32 -10.80 -35.51
CA GLY A 365 4.72 -10.96 -36.90
C GLY A 365 3.58 -11.49 -37.76
N LEU A 366 3.96 -12.42 -38.66
CA LEU A 366 3.04 -13.04 -39.61
C LEU A 366 3.37 -14.53 -39.72
N SER A 367 2.38 -15.32 -40.16
CA SER A 367 2.56 -16.74 -40.39
C SER A 367 3.63 -17.05 -41.46
N PHE A 368 4.41 -18.12 -41.25
CA PHE A 368 5.19 -18.75 -42.31
C PHE A 368 4.30 -19.73 -43.05
N ASP A 369 3.78 -19.32 -44.22
CA ASP A 369 2.82 -20.09 -45.01
C ASP A 369 3.41 -21.23 -45.86
N PRO A 370 4.64 -21.13 -46.44
CA PRO A 370 5.25 -22.24 -47.19
C PRO A 370 5.51 -23.51 -46.38
N LEU A 371 5.82 -24.62 -47.09
CA LEU A 371 6.15 -25.88 -46.43
C LEU A 371 7.67 -26.09 -46.48
N HIS A 372 8.35 -26.20 -45.31
CA HIS A 372 9.79 -26.20 -45.24
C HIS A 372 10.30 -27.03 -44.07
N PHE A 373 9.80 -26.72 -42.86
CA PHE A 373 10.33 -27.38 -41.65
C PHE A 373 9.82 -28.82 -41.47
N ASP A 374 10.72 -29.71 -41.06
CA ASP A 374 10.39 -31.09 -40.93
C ASP A 374 9.76 -31.37 -39.57
N GLY A 375 9.97 -30.47 -38.60
CA GLY A 375 9.41 -30.63 -37.25
C GLY A 375 9.75 -29.43 -36.39
N MET A 376 9.55 -29.50 -35.08
CA MET A 376 9.66 -28.28 -34.29
C MET A 376 9.99 -28.64 -32.84
N PHE A 377 10.82 -27.80 -32.21
CA PHE A 377 11.20 -28.02 -30.81
C PHE A 377 10.80 -26.80 -29.99
N ALA A 378 10.54 -27.02 -28.68
CA ALA A 378 10.09 -25.91 -27.85
C ALA A 378 10.60 -26.07 -26.42
N TYR A 379 11.29 -25.05 -25.94
CA TYR A 379 11.63 -24.95 -24.54
C TYR A 379 10.78 -23.90 -23.84
N VAL A 380 9.82 -24.41 -23.03
CA VAL A 380 8.88 -23.54 -22.35
C VAL A 380 9.22 -23.48 -20.86
N LYS A 381 9.33 -22.28 -20.29
CA LYS A 381 9.77 -22.11 -18.92
C LYS A 381 8.84 -21.19 -18.15
N PRO A 382 7.92 -21.69 -17.31
CA PRO A 382 7.06 -20.81 -16.53
C PRO A 382 7.90 -20.02 -15.55
N MET A 383 7.70 -18.70 -15.53
CA MET A 383 8.38 -17.82 -14.61
C MET A 383 7.59 -16.51 -14.47
N ASN A 384 7.74 -15.86 -13.31
CA ASN A 384 6.83 -14.87 -12.77
C ASN A 384 6.76 -13.63 -13.65
N TYR A 385 7.87 -13.30 -14.36
CA TYR A 385 7.87 -12.11 -15.22
C TYR A 385 7.89 -12.46 -16.71
N GLY A 386 7.64 -13.75 -17.05
CA GLY A 386 7.68 -14.19 -18.44
C GLY A 386 6.36 -14.16 -19.19
N PRO A 387 6.32 -14.73 -20.41
CA PRO A 387 5.09 -14.97 -21.14
C PRO A 387 4.00 -15.88 -20.50
N ASP A 388 2.74 -15.52 -20.74
CA ASP A 388 1.61 -16.35 -20.43
C ASP A 388 1.63 -17.63 -21.29
N MET A 389 0.99 -18.74 -20.85
CA MET A 389 0.94 -19.92 -21.72
C MET A 389 0.06 -19.74 -22.94
N VAL A 390 -0.84 -18.75 -22.96
CA VAL A 390 -1.56 -18.40 -24.16
C VAL A 390 -0.63 -17.74 -25.20
N SER A 391 0.37 -16.98 -24.75
CA SER A 391 1.31 -16.29 -25.59
C SER A 391 2.32 -17.25 -26.23
N VAL A 392 2.69 -18.30 -25.51
CA VAL A 392 3.44 -19.43 -26.05
C VAL A 392 2.65 -20.16 -27.14
N TYR A 393 1.38 -20.48 -26.90
CA TYR A 393 0.51 -21.14 -27.88
C TYR A 393 0.28 -20.36 -29.19
N GLN A 394 0.10 -19.06 -29.09
CA GLN A 394 0.06 -18.22 -30.27
C GLN A 394 1.41 -18.11 -31.02
N SER A 395 2.55 -18.36 -30.35
CA SER A 395 3.86 -18.37 -30.99
C SER A 395 4.18 -19.75 -31.59
N LEU A 396 3.76 -20.88 -30.98
CA LEU A 396 4.00 -22.18 -31.57
C LEU A 396 3.27 -22.28 -32.91
N GLY A 397 2.13 -21.61 -33.07
CA GLY A 397 1.32 -21.79 -34.27
C GLY A 397 1.81 -21.00 -35.48
N ARG A 398 2.96 -20.32 -35.39
CA ARG A 398 3.45 -19.44 -36.44
C ARG A 398 4.09 -20.16 -37.62
N VAL A 399 4.38 -21.45 -37.49
CA VAL A 399 4.70 -22.30 -38.63
C VAL A 399 3.57 -23.30 -38.85
N ARG A 400 2.95 -23.25 -40.06
CA ARG A 400 1.68 -23.92 -40.32
C ARG A 400 1.82 -25.44 -40.48
N THR A 401 2.60 -25.87 -41.49
CA THR A 401 2.77 -27.28 -41.79
C THR A 401 4.19 -27.74 -41.47
N LEU A 402 4.26 -28.84 -40.72
CA LEU A 402 5.52 -29.48 -40.35
C LEU A 402 5.52 -30.85 -41.01
N ARG A 403 6.56 -31.14 -41.81
CA ARG A 403 6.49 -32.20 -42.80
C ARG A 403 6.30 -33.61 -42.19
N LYS A 404 6.96 -33.93 -41.07
CA LYS A 404 6.75 -35.21 -40.41
C LYS A 404 5.56 -35.17 -39.44
N GLY A 405 5.10 -33.95 -39.10
CA GLY A 405 4.04 -33.74 -38.11
C GLY A 405 4.55 -33.75 -36.66
N GLU A 406 5.88 -33.74 -36.47
CA GLU A 406 6.46 -33.76 -35.13
C GLU A 406 6.32 -32.40 -34.45
N LEU A 407 6.40 -32.44 -33.12
CA LEU A 407 6.56 -31.32 -32.22
C LEU A 407 6.92 -31.93 -30.85
N LEU A 408 8.05 -31.53 -30.25
CA LEU A 408 8.45 -32.00 -28.93
C LEU A 408 8.67 -30.83 -28.01
N ILE A 409 8.01 -30.86 -26.85
CA ILE A 409 7.98 -29.74 -25.94
C ILE A 409 8.67 -30.17 -24.64
N TYR A 410 9.49 -29.29 -24.04
CA TYR A 410 10.02 -29.51 -22.70
C TYR A 410 9.62 -28.36 -21.78
N MET A 411 8.97 -28.71 -20.64
CA MET A 411 8.53 -27.74 -19.68
C MET A 411 9.50 -27.65 -18.52
N ASP A 412 10.26 -26.57 -18.39
CA ASP A 412 11.32 -26.55 -17.38
C ASP A 412 10.81 -26.02 -16.05
N GLY A 413 10.65 -26.95 -15.09
CA GLY A 413 10.02 -26.65 -13.80
C GLY A 413 10.94 -26.00 -12.77
N SER A 414 12.21 -25.75 -13.08
CA SER A 414 13.07 -24.99 -12.19
C SER A 414 12.58 -23.55 -12.16
N GLY A 415 12.38 -22.96 -10.98
CA GLY A 415 11.83 -21.62 -10.93
C GLY A 415 10.30 -21.57 -10.91
N ALA A 416 9.61 -22.71 -10.76
CA ALA A 416 8.14 -22.75 -10.69
C ALA A 416 7.65 -24.00 -9.97
N ARG A 417 8.12 -24.25 -8.73
CA ARG A 417 7.87 -25.54 -8.06
C ARG A 417 6.98 -25.42 -6.79
N SER A 418 6.10 -24.42 -6.80
CA SER A 418 5.27 -24.03 -5.67
C SER A 418 4.05 -24.94 -5.47
N GLU A 419 3.26 -24.64 -4.43
CA GLU A 419 1.95 -25.26 -4.21
C GLU A 419 0.93 -24.73 -5.23
N PRO A 420 0.08 -25.62 -5.83
CA PRO A 420 -0.86 -25.25 -6.90
C PRO A 420 -1.82 -24.09 -6.64
N VAL A 421 -2.34 -23.50 -7.73
CA VAL A 421 -3.31 -22.42 -7.69
C VAL A 421 -4.72 -22.95 -8.01
N PHE A 422 -4.86 -23.88 -8.97
CA PHE A 422 -6.16 -24.46 -9.33
C PHE A 422 -6.61 -25.56 -8.34
N THR A 423 -6.91 -25.14 -7.10
CA THR A 423 -7.23 -26.03 -5.99
C THR A 423 -8.68 -26.50 -6.04
N PRO A 424 -9.05 -27.63 -5.38
CA PRO A 424 -10.46 -28.02 -5.27
C PRO A 424 -11.30 -27.01 -4.47
N MET A 425 -10.67 -26.17 -3.65
CA MET A 425 -11.34 -25.07 -2.95
C MET A 425 -11.87 -23.99 -3.92
N LEU A 426 -11.24 -23.83 -5.09
CA LEU A 426 -11.72 -22.94 -6.13
C LEU A 426 -12.78 -23.64 -6.99
N LEU A 427 -12.61 -24.92 -7.29
CA LEU A 427 -13.53 -25.69 -8.12
C LEU A 427 -14.93 -25.71 -7.52
N ASN A 428 -15.05 -26.05 -6.22
CA ASN A 428 -16.33 -26.11 -5.54
C ASN A 428 -17.07 -24.75 -5.57
N HIS A 429 -16.33 -23.65 -5.42
CA HIS A 429 -16.91 -22.31 -5.48
C HIS A 429 -17.39 -21.93 -6.89
N VAL A 430 -16.57 -22.19 -7.91
CA VAL A 430 -16.87 -21.89 -9.31
C VAL A 430 -18.00 -22.78 -9.85
N VAL A 431 -18.12 -24.05 -9.42
CA VAL A 431 -19.15 -24.95 -9.92
C VAL A 431 -20.48 -24.78 -9.18
N SER A 432 -20.45 -24.34 -7.89
CA SER A 432 -21.66 -24.05 -7.14
C SER A 432 -22.32 -22.76 -7.61
N SER A 433 -21.50 -21.73 -7.84
CA SER A 433 -21.94 -20.48 -8.46
C SER A 433 -22.29 -20.72 -9.94
N CYS A 434 -22.92 -19.74 -10.59
CA CYS A 434 -23.36 -19.90 -11.98
C CYS A 434 -22.20 -19.71 -12.97
N GLY A 435 -21.05 -20.36 -12.68
CA GLY A 435 -19.85 -20.28 -13.51
C GLY A 435 -19.04 -19.00 -13.29
N GLN A 436 -19.49 -18.11 -12.39
CA GLN A 436 -18.82 -16.85 -12.11
C GLN A 436 -17.60 -17.08 -11.20
N TRP A 437 -16.45 -16.51 -11.62
CA TRP A 437 -15.17 -16.63 -10.94
C TRP A 437 -15.01 -15.54 -9.86
N PRO A 438 -14.13 -15.75 -8.85
CA PRO A 438 -13.65 -14.66 -7.99
C PRO A 438 -12.73 -13.68 -8.68
N ALA A 439 -12.73 -12.42 -8.23
CA ALA A 439 -11.92 -11.35 -8.82
C ALA A 439 -10.46 -11.30 -8.31
N GLN A 440 -10.15 -12.05 -7.23
CA GLN A 440 -8.83 -12.17 -6.62
C GLN A 440 -8.47 -13.66 -6.49
N PHE A 441 -7.49 -14.04 -5.66
CA PHE A 441 -7.10 -15.46 -5.52
C PHE A 441 -8.27 -16.33 -5.02
N SER A 442 -9.13 -15.74 -4.16
CA SER A 442 -10.41 -16.31 -3.78
C SER A 442 -11.35 -15.14 -3.46
N GLN A 443 -12.47 -15.36 -2.76
CA GLN A 443 -13.36 -14.26 -2.36
C GLN A 443 -12.68 -13.32 -1.34
N VAL A 444 -12.57 -12.02 -1.71
CA VAL A 444 -12.03 -10.90 -0.95
C VAL A 444 -10.72 -11.22 -0.18
N ASP A 462 -10.34 -5.92 1.16
CA ASP A 462 -11.42 -5.47 0.23
C ASP A 462 -11.28 -3.98 -0.17
N THR A 463 -10.26 -3.26 0.34
CA THR A 463 -9.91 -1.93 -0.13
C THR A 463 -9.33 -2.02 -1.53
N SER A 464 -9.89 -1.28 -2.51
CA SER A 464 -9.61 -1.49 -3.92
C SER A 464 -9.53 -0.17 -4.70
N LEU A 465 -8.90 -0.21 -5.90
CA LEU A 465 -8.74 0.94 -6.77
C LEU A 465 -10.08 1.38 -7.37
N GLY A 466 -10.08 2.59 -7.96
CA GLY A 466 -11.04 2.96 -9.00
C GLY A 466 -10.91 2.04 -10.22
N ARG A 467 -12.00 1.89 -10.99
CA ARG A 467 -12.10 0.88 -12.05
C ARG A 467 -12.85 1.41 -13.27
N GLY A 468 -12.70 0.68 -14.40
CA GLY A 468 -13.47 0.93 -15.62
C GLY A 468 -14.92 0.45 -15.51
N SER A 469 -15.55 0.25 -16.68
CA SER A 469 -16.95 -0.13 -16.76
C SER A 469 -17.17 -1.61 -16.42
N ARG A 470 -18.42 -2.07 -16.60
CA ARG A 470 -18.76 -3.49 -16.59
C ARG A 470 -17.85 -4.32 -17.52
N ILE A 471 -17.34 -3.75 -18.63
CA ILE A 471 -16.43 -4.47 -19.53
C ILE A 471 -15.10 -4.75 -18.83
N TYR A 472 -14.48 -3.75 -18.20
CA TYR A 472 -13.19 -3.94 -17.56
C TYR A 472 -13.29 -4.88 -16.37
N ASN A 473 -14.32 -4.76 -15.53
CA ASN A 473 -14.41 -5.53 -14.31
C ASN A 473 -14.89 -6.98 -14.53
N LYS A 474 -15.68 -7.25 -15.57
CA LYS A 474 -16.18 -8.59 -15.87
C LYS A 474 -15.05 -9.56 -16.25
N PHE A 475 -14.02 -9.09 -16.98
CA PHE A 475 -12.96 -9.94 -17.51
C PHE A 475 -11.63 -9.82 -16.74
N ARG A 476 -11.62 -9.19 -15.57
CA ARG A 476 -10.40 -9.07 -14.77
C ARG A 476 -9.95 -10.41 -14.18
N TYR A 477 -10.85 -11.38 -14.06
CA TYR A 477 -10.53 -12.70 -13.52
C TYR A 477 -9.55 -13.44 -14.44
N LYS A 478 -9.63 -13.23 -15.74
CA LYS A 478 -8.85 -14.00 -16.70
C LYS A 478 -7.42 -13.50 -16.70
N HIS A 479 -7.19 -12.20 -16.73
CA HIS A 479 -5.85 -11.65 -16.57
C HIS A 479 -5.20 -12.00 -15.22
N TYR A 480 -5.97 -12.20 -14.15
CA TYR A 480 -5.41 -12.64 -12.90
C TYR A 480 -4.91 -14.07 -12.99
N PHE A 481 -5.74 -15.03 -13.35
CA PHE A 481 -5.34 -16.42 -13.35
C PHE A 481 -4.39 -16.80 -14.50
N GLU A 482 -4.29 -16.01 -15.57
CA GLU A 482 -3.25 -16.18 -16.57
C GLU A 482 -1.85 -15.84 -16.09
N ARG A 483 -1.75 -15.03 -15.04
CA ARG A 483 -0.48 -14.64 -14.45
C ARG A 483 -0.17 -15.30 -13.09
N CYS A 484 -1.19 -15.76 -12.37
CA CYS A 484 -0.95 -16.56 -11.21
C CYS A 484 -0.44 -17.94 -11.55
N THR A 485 -0.99 -18.58 -12.57
CA THR A 485 -0.74 -20.00 -12.73
C THR A 485 0.71 -20.29 -13.14
N LEU A 486 1.50 -19.26 -13.60
CA LEU A 486 2.89 -19.43 -13.98
C LEU A 486 3.76 -19.87 -12.80
N ALA A 487 3.25 -19.71 -11.55
CA ALA A 487 3.95 -20.08 -10.33
C ALA A 487 4.03 -21.59 -10.12
N CYS A 488 3.29 -22.39 -10.89
CA CYS A 488 3.28 -23.84 -10.75
C CYS A 488 3.51 -24.55 -12.08
N LEU A 489 4.27 -25.65 -12.06
CA LEU A 489 4.51 -26.40 -13.27
C LEU A 489 3.27 -27.25 -13.60
N SER A 490 2.65 -28.02 -12.69
CA SER A 490 1.23 -28.40 -12.93
C SER A 490 0.39 -27.12 -12.92
N ASP A 491 -0.86 -27.12 -13.40
CA ASP A 491 -1.56 -25.88 -13.75
C ASP A 491 -1.00 -25.23 -15.03
N SER A 492 0.29 -24.87 -15.06
CA SER A 492 0.88 -24.36 -16.33
C SER A 492 0.85 -25.49 -17.37
N LEU A 493 1.36 -26.68 -17.03
CA LEU A 493 1.25 -27.81 -17.94
C LEU A 493 -0.22 -28.15 -18.30
N ASN A 494 -1.16 -28.16 -17.36
CA ASN A 494 -2.57 -28.36 -17.69
C ASN A 494 -3.25 -27.22 -18.48
N ILE A 495 -2.78 -25.99 -18.39
CA ILE A 495 -3.23 -24.95 -19.31
C ILE A 495 -2.70 -25.20 -20.70
N LEU A 496 -1.41 -25.50 -20.82
CA LEU A 496 -0.82 -25.69 -22.13
C LEU A 496 -1.41 -26.91 -22.80
N HIS A 497 -1.70 -27.92 -21.99
CA HIS A 497 -2.31 -29.17 -22.47
C HIS A 497 -3.73 -28.96 -22.96
N MET A 498 -4.45 -28.02 -22.36
CA MET A 498 -5.77 -27.68 -22.87
C MET A 498 -5.69 -26.92 -24.17
N LEU A 499 -4.89 -25.86 -24.26
CA LEU A 499 -4.83 -25.01 -25.45
C LEU A 499 -4.45 -25.83 -26.66
N LEU A 500 -3.54 -26.80 -26.52
CA LEU A 500 -3.20 -27.73 -27.60
C LEU A 500 -4.38 -28.66 -27.92
N THR A 501 -5.02 -29.24 -26.90
CA THR A 501 -6.09 -30.23 -27.09
C THR A 501 -7.36 -29.60 -27.67
N LEU A 502 -7.56 -28.29 -27.51
CA LEU A 502 -8.64 -27.59 -28.22
C LEU A 502 -8.33 -27.32 -29.71
N ASN A 503 -7.17 -27.73 -30.24
CA ASN A 503 -6.91 -27.58 -31.66
C ASN A 503 -6.59 -28.94 -32.29
N CYS A 504 -7.12 -30.02 -31.73
CA CYS A 504 -7.04 -31.34 -32.35
C CYS A 504 -5.61 -31.96 -32.32
N ILE A 505 -4.63 -31.22 -31.76
CA ILE A 505 -3.25 -31.71 -31.69
C ILE A 505 -3.16 -32.87 -30.72
N ARG A 506 -2.75 -34.07 -31.17
CA ARG A 506 -2.82 -35.24 -30.30
C ARG A 506 -1.66 -35.20 -29.29
N VAL A 507 -1.90 -34.51 -28.16
CA VAL A 507 -0.92 -34.43 -27.08
C VAL A 507 -0.74 -35.77 -26.38
N ARG A 508 0.53 -36.18 -26.27
CA ARG A 508 0.95 -37.40 -25.62
C ARG A 508 2.04 -37.06 -24.60
N PHE A 509 2.21 -37.92 -23.58
CA PHE A 509 3.39 -37.85 -22.72
C PHE A 509 4.43 -38.87 -23.22
N TRP A 510 5.50 -39.05 -22.45
CA TRP A 510 6.42 -40.17 -22.69
C TRP A 510 5.85 -41.48 -22.16
N GLY A 511 6.05 -42.58 -22.91
CA GLY A 511 5.65 -43.91 -22.46
C GLY A 511 4.15 -44.21 -22.62
N HIS A 512 3.33 -43.34 -22.03
CA HIS A 512 1.88 -43.42 -22.08
C HIS A 512 1.38 -42.97 -23.45
N ASP A 513 1.30 -43.91 -24.42
CA ASP A 513 1.00 -43.62 -25.82
C ASP A 513 -0.45 -43.15 -26.04
N ASP A 514 -1.36 -43.39 -25.08
CA ASP A 514 -2.81 -43.29 -25.30
C ASP A 514 -3.58 -42.57 -24.18
N THR A 515 -3.39 -42.95 -22.90
CA THR A 515 -4.18 -42.39 -21.80
C THR A 515 -3.41 -42.39 -20.47
N LEU A 516 -3.80 -41.47 -19.57
CA LEU A 516 -3.17 -41.31 -18.26
C LEU A 516 -4.23 -41.25 -17.16
N THR A 517 -4.00 -42.04 -16.09
CA THR A 517 -4.71 -41.91 -14.82
C THR A 517 -4.11 -40.75 -14.02
N PRO A 518 -4.77 -40.24 -12.95
CA PRO A 518 -4.17 -39.26 -12.06
C PRO A 518 -2.79 -39.68 -11.56
N LYS A 519 -2.62 -40.97 -11.23
CA LYS A 519 -1.33 -41.54 -10.83
C LYS A 519 -0.26 -41.35 -11.90
N ASP A 520 -0.59 -41.69 -13.16
CA ASP A 520 0.36 -41.63 -14.25
C ASP A 520 0.88 -40.21 -14.49
N PHE A 521 0.01 -39.22 -14.29
CA PHE A 521 0.39 -37.83 -14.42
C PHE A 521 1.28 -37.40 -13.26
N CYS A 522 0.85 -37.65 -12.02
CA CYS A 522 1.60 -37.20 -10.84
C CYS A 522 2.99 -37.83 -10.74
N LEU A 523 3.15 -39.09 -11.19
CA LEU A 523 4.45 -39.73 -11.29
C LEU A 523 5.34 -39.11 -12.37
N PHE A 524 4.76 -38.50 -13.42
CA PHE A 524 5.53 -37.82 -14.44
C PHE A 524 6.14 -36.52 -13.90
N LEU A 525 5.38 -35.67 -13.20
CA LEU A 525 5.94 -34.42 -12.68
C LEU A 525 6.99 -34.65 -11.57
N ARG A 526 6.90 -35.72 -10.77
CA ARG A 526 7.97 -36.08 -9.85
C ARG A 526 9.30 -36.32 -10.56
N GLY A 527 9.27 -36.66 -11.87
CA GLY A 527 10.42 -36.65 -12.76
C GLY A 527 10.83 -35.23 -13.16
N VAL A 528 10.06 -34.52 -13.99
CA VAL A 528 10.51 -33.28 -14.61
C VAL A 528 10.73 -32.15 -13.60
N HIS A 529 10.27 -32.26 -12.34
CA HIS A 529 10.64 -31.28 -11.32
C HIS A 529 12.09 -31.46 -10.89
N PHE A 530 12.57 -32.73 -10.87
CA PHE A 530 13.87 -33.10 -10.35
C PHE A 530 14.92 -33.17 -11.46
N ASP A 531 14.56 -33.84 -12.57
CA ASP A 531 15.42 -34.00 -13.73
C ASP A 531 15.74 -32.68 -14.43
N ALA A 532 14.96 -31.62 -14.14
CA ALA A 532 15.25 -30.27 -14.59
C ALA A 532 16.15 -29.58 -13.59
N LEU A 533 15.81 -29.62 -12.31
CA LEU A 533 16.54 -28.90 -11.27
C LEU A 533 18.00 -29.37 -11.15
N ARG A 534 18.25 -30.69 -11.21
CA ARG A 534 19.61 -31.24 -11.14
C ARG A 534 20.43 -30.97 -12.41
N ALA A 535 19.78 -30.55 -13.51
CA ALA A 535 20.42 -30.13 -14.75
C ALA A 535 20.64 -28.62 -14.82
N GLN A 536 19.96 -27.83 -13.99
CA GLN A 536 19.92 -26.37 -14.13
C GLN A 536 21.31 -25.75 -13.99
N ARG A 537 22.17 -26.34 -13.14
CA ARG A 537 23.55 -25.88 -12.90
C ARG A 537 24.40 -25.86 -14.17
N ASP A 538 24.11 -26.74 -15.14
CA ASP A 538 24.84 -26.78 -16.40
C ASP A 538 24.58 -25.51 -17.20
N LEU A 539 23.35 -24.96 -17.14
CA LEU A 539 23.01 -23.74 -17.85
C LEU A 539 23.50 -22.46 -17.12
N ARG A 540 24.38 -22.63 -16.12
CA ARG A 540 25.18 -21.55 -15.57
C ARG A 540 26.62 -21.64 -16.10
N GLU A 541 27.16 -22.86 -16.24
CA GLU A 541 28.49 -23.10 -16.77
C GLU A 541 28.56 -22.85 -18.29
N LEU A 542 27.53 -23.32 -19.02
CA LEU A 542 27.44 -23.18 -20.47
C LEU A 542 27.07 -21.76 -20.92
N ARG A 543 26.62 -20.94 -19.97
CA ARG A 543 26.09 -19.61 -20.24
C ARG A 543 27.12 -18.72 -20.95
N CYS A 544 26.64 -17.84 -21.84
CA CYS A 544 27.51 -17.14 -22.77
C CYS A 544 28.37 -16.08 -22.07
N ARG A 545 29.70 -16.21 -22.23
CA ARG A 545 30.67 -15.14 -21.96
C ARG A 545 31.49 -14.80 -23.21
N ASP A 546 31.14 -15.41 -24.36
CA ASP A 546 31.70 -15.14 -25.68
C ASP A 546 31.27 -13.76 -26.17
N PRO A 547 31.97 -13.15 -27.17
CA PRO A 547 31.55 -11.88 -27.79
C PRO A 547 30.14 -11.79 -28.36
N GLU A 548 29.46 -12.93 -28.59
CA GLU A 548 28.10 -12.95 -29.09
C GLU A 548 27.05 -12.77 -27.98
N ALA A 549 27.46 -12.78 -26.70
CA ALA A 549 26.54 -12.79 -25.55
C ALA A 549 25.69 -11.52 -25.48
N SER A 550 24.34 -11.69 -25.53
CA SER A 550 23.42 -10.57 -25.37
C SER A 550 23.26 -10.23 -23.89
N LEU A 551 24.27 -9.66 -23.23
CA LEU A 551 24.22 -9.40 -21.79
C LEU A 551 23.00 -8.56 -21.40
N PRO A 552 22.61 -7.47 -22.11
CA PRO A 552 21.35 -6.78 -21.81
C PRO A 552 20.08 -7.65 -21.81
N ALA A 553 20.04 -8.69 -22.64
CA ALA A 553 18.92 -9.60 -22.70
C ALA A 553 19.01 -10.67 -21.59
N GLN A 554 20.22 -11.16 -21.30
CA GLN A 554 20.43 -12.24 -20.34
C GLN A 554 20.36 -11.74 -18.89
N ALA A 555 20.61 -10.44 -18.66
CA ALA A 555 20.45 -9.82 -17.35
C ALA A 555 18.98 -9.68 -16.98
N ALA A 556 18.23 -9.03 -17.87
CA ALA A 556 16.82 -8.72 -17.68
C ALA A 556 15.95 -9.96 -17.47
N GLU A 557 16.38 -11.12 -17.97
CA GLU A 557 15.68 -12.38 -17.79
C GLU A 557 15.58 -12.81 -16.32
N THR A 558 16.52 -12.39 -15.45
CA THR A 558 16.50 -12.79 -14.04
C THR A 558 15.35 -12.15 -13.26
N GLU A 559 14.95 -12.82 -12.16
CA GLU A 559 13.87 -12.35 -11.28
C GLU A 559 14.34 -11.15 -10.43
N GLU A 560 15.59 -11.18 -9.98
CA GLU A 560 16.12 -10.13 -9.15
C GLU A 560 16.22 -8.78 -9.86
N VAL A 561 16.39 -8.77 -11.18
CA VAL A 561 16.42 -7.52 -11.91
C VAL A 561 14.99 -7.08 -12.14
N GLY A 562 14.08 -8.02 -12.47
CA GLY A 562 12.66 -7.70 -12.65
C GLY A 562 12.07 -6.96 -11.45
N LEU A 563 12.41 -7.45 -10.27
CA LEU A 563 11.92 -6.91 -9.01
C LEU A 563 12.51 -5.56 -8.62
N PHE A 564 13.68 -5.21 -9.14
CA PHE A 564 14.27 -3.90 -9.00
C PHE A 564 13.63 -2.89 -9.98
N VAL A 565 13.41 -3.31 -11.22
CA VAL A 565 12.80 -2.49 -12.26
C VAL A 565 11.37 -2.11 -11.89
N GLU A 566 10.65 -3.03 -11.27
CA GLU A 566 9.30 -2.78 -10.78
C GLU A 566 9.27 -1.68 -9.74
N LYS A 567 10.30 -1.59 -8.88
CA LYS A 567 10.29 -0.73 -7.70
C LYS A 567 10.84 0.68 -7.97
N TYR A 568 12.02 0.82 -8.61
CA TYR A 568 12.71 2.09 -8.67
C TYR A 568 12.54 2.82 -9.99
N LEU A 569 12.43 2.08 -11.13
CA LEU A 569 12.56 2.70 -12.45
C LEU A 569 11.22 2.85 -13.20
N ARG A 570 11.21 3.66 -14.26
CA ARG A 570 10.13 3.69 -15.26
C ARG A 570 10.06 2.33 -15.98
N SER A 571 8.83 1.85 -16.30
CA SER A 571 8.67 0.49 -16.80
C SER A 571 9.01 0.35 -18.27
N ASP A 572 9.18 1.48 -18.98
CA ASP A 572 9.50 1.50 -20.40
C ASP A 572 11.00 1.62 -20.72
N VAL A 573 11.89 1.46 -19.74
CA VAL A 573 13.34 1.53 -19.97
C VAL A 573 13.82 0.37 -20.84
N ALA A 574 14.76 0.71 -21.75
CA ALA A 574 15.45 -0.28 -22.56
C ALA A 574 16.47 -1.05 -21.72
N PRO A 575 16.57 -2.40 -21.81
CA PRO A 575 17.59 -3.16 -21.08
C PRO A 575 19.03 -2.64 -21.21
N ALA A 576 19.38 -2.05 -22.36
CA ALA A 576 20.68 -1.46 -22.60
C ALA A 576 21.02 -0.33 -21.63
N GLU A 577 20.01 0.42 -21.14
CA GLU A 577 20.21 1.52 -20.20
C GLU A 577 20.18 1.06 -18.76
N ILE A 578 19.50 -0.06 -18.48
CA ILE A 578 19.62 -0.76 -17.19
C ILE A 578 21.04 -1.31 -17.01
N VAL A 579 21.65 -1.92 -18.01
CA VAL A 579 23.02 -2.39 -17.83
C VAL A 579 23.97 -1.20 -17.66
N ALA A 580 23.74 -0.01 -18.21
CA ALA A 580 24.56 1.15 -17.93
C ALA A 580 24.39 1.64 -16.48
N LEU A 581 23.20 1.49 -15.92
CA LEU A 581 22.94 1.79 -14.51
C LEU A 581 23.55 0.73 -13.60
N MET A 582 23.25 -0.57 -13.77
CA MET A 582 23.67 -1.64 -12.87
C MET A 582 25.18 -1.81 -12.80
N ARG A 583 25.91 -1.29 -13.81
CA ARG A 583 27.35 -1.26 -13.78
C ARG A 583 27.90 -0.18 -12.82
N ASN A 584 27.19 0.94 -12.66
CA ASN A 584 27.53 2.00 -11.71
C ASN A 584 27.20 1.60 -10.29
N LEU A 585 26.05 0.99 -10.07
CA LEU A 585 25.62 0.58 -8.74
C LEU A 585 26.48 -0.52 -8.13
N ASN A 586 27.49 -1.07 -8.81
CA ASN A 586 28.41 -2.01 -8.19
C ASN A 586 29.38 -1.28 -7.24
N SER A 587 29.86 -0.10 -7.65
CA SER A 587 30.79 0.70 -6.86
C SER A 587 30.06 1.31 -5.66
N LEU A 588 30.72 1.40 -4.49
CA LEU A 588 30.03 1.89 -3.29
C LEU A 588 29.66 3.38 -3.40
N MET A 589 30.48 4.17 -4.13
CA MET A 589 30.13 5.54 -4.46
C MET A 589 28.89 5.57 -5.36
N GLY A 590 28.81 4.75 -6.40
CA GLY A 590 27.68 4.73 -7.29
C GLY A 590 26.37 4.35 -6.61
N ARG A 591 26.39 3.35 -5.68
CA ARG A 591 25.22 2.99 -4.87
C ARG A 591 24.78 4.23 -4.07
N THR A 592 25.74 4.94 -3.48
CA THR A 592 25.39 6.00 -2.57
C THR A 592 24.68 7.09 -3.34
N ARG A 593 25.21 7.59 -4.45
CA ARG A 593 24.55 8.63 -5.21
C ARG A 593 23.15 8.19 -5.68
N PHE A 594 22.98 6.98 -6.19
CA PHE A 594 21.68 6.52 -6.63
C PHE A 594 20.65 6.49 -5.50
N ILE A 595 21.01 6.07 -4.30
CA ILE A 595 20.07 5.98 -3.21
C ILE A 595 19.73 7.38 -2.70
N TYR A 596 20.67 8.32 -2.59
CA TYR A 596 20.34 9.70 -2.28
C TYR A 596 19.39 10.30 -3.33
N LEU A 597 19.57 10.01 -4.62
CA LEU A 597 18.73 10.59 -5.64
C LEU A 597 17.38 9.90 -5.69
N ALA A 598 17.25 8.64 -5.34
CA ALA A 598 15.96 7.98 -5.19
C ALA A 598 15.15 8.55 -4.03
N LEU A 599 15.79 8.94 -2.91
CA LEU A 599 15.13 9.57 -1.76
C LEU A 599 14.70 10.99 -2.06
N LEU A 600 15.45 11.73 -2.87
CA LEU A 600 15.04 13.04 -3.31
C LEU A 600 13.78 12.96 -4.17
N GLU A 601 13.69 12.00 -5.08
CA GLU A 601 12.51 11.84 -5.90
C GLU A 601 11.31 11.43 -5.04
N ALA A 602 11.49 10.54 -4.06
CA ALA A 602 10.38 10.12 -3.22
C ALA A 602 9.86 11.27 -2.35
N CYS A 603 10.74 12.09 -1.82
CA CYS A 603 10.32 13.22 -1.02
C CYS A 603 9.71 14.37 -1.83
N LEU A 604 9.80 14.34 -3.15
CA LEU A 604 9.03 15.22 -4.01
C LEU A 604 7.65 14.62 -4.34
N ARG A 605 7.56 13.29 -4.56
CA ARG A 605 6.29 12.59 -4.76
C ARG A 605 5.39 12.63 -3.52
N VAL A 606 5.96 12.45 -2.32
CA VAL A 606 5.20 12.32 -1.08
C VAL A 606 5.60 13.49 -0.18
N PRO A 607 4.93 14.66 -0.27
CA PRO A 607 5.45 15.89 0.34
C PRO A 607 5.35 15.91 1.86
N MET A 608 4.53 15.00 2.44
CA MET A 608 4.37 14.79 3.87
C MET A 608 5.61 14.17 4.51
N ALA A 609 6.44 13.48 3.72
CA ALA A 609 7.71 12.89 4.13
C ALA A 609 8.71 13.98 4.55
N THR A 610 8.59 15.19 4.01
CA THR A 610 9.48 16.28 4.36
C THR A 610 9.11 16.82 5.75
N ARG A 611 7.96 16.42 6.35
CA ARG A 611 7.44 17.06 7.57
C ARG A 611 7.34 16.14 8.80
N SER A 612 6.82 14.92 8.69
CA SER A 612 6.67 14.00 9.81
C SER A 612 7.76 12.92 9.80
N SER A 613 8.49 12.81 10.91
CA SER A 613 9.60 11.89 10.97
C SER A 613 9.15 10.43 10.94
N ALA A 614 7.95 10.15 11.44
CA ALA A 614 7.41 8.80 11.44
C ALA A 614 7.23 8.24 10.01
N ILE A 615 6.83 9.12 9.08
CA ILE A 615 6.57 8.79 7.71
C ILE A 615 7.90 8.59 6.98
N PHE A 616 8.92 9.43 7.23
CA PHE A 616 10.19 9.27 6.52
C PHE A 616 10.85 7.94 6.91
N ARG A 617 10.71 7.42 8.15
CA ARG A 617 11.21 6.10 8.46
C ARG A 617 10.56 5.02 7.54
N ARG A 618 9.26 5.12 7.19
CA ARG A 618 8.62 4.14 6.32
C ARG A 618 9.14 4.25 4.91
N ILE A 619 9.50 5.47 4.43
CA ILE A 619 10.05 5.61 3.09
C ILE A 619 11.51 5.12 3.02
N TYR A 620 12.33 5.51 3.98
CA TYR A 620 13.71 5.12 4.02
C TYR A 620 13.83 3.59 4.11
N ASP A 621 13.05 2.92 4.93
CA ASP A 621 13.09 1.48 5.04
C ASP A 621 12.68 0.72 3.77
N HIS A 622 12.04 1.41 2.83
CA HIS A 622 11.44 0.79 1.66
C HIS A 622 12.33 0.97 0.43
N TYR A 623 12.93 2.15 0.31
CA TYR A 623 13.80 2.48 -0.81
C TYR A 623 15.26 2.26 -0.49
N ALA A 624 15.71 2.59 0.72
CA ALA A 624 17.15 2.69 1.02
C ALA A 624 17.59 1.55 1.93
N THR A 625 16.97 0.39 1.78
CA THR A 625 17.31 -0.82 2.51
C THR A 625 16.86 -2.04 1.68
N GLY A 626 17.58 -3.15 1.83
CA GLY A 626 17.22 -4.36 1.14
C GLY A 626 18.37 -4.78 0.21
N VAL A 627 18.02 -5.35 -0.95
CA VAL A 627 18.97 -5.89 -1.90
C VAL A 627 18.79 -5.22 -3.26
N ILE A 628 19.92 -4.94 -3.98
CA ILE A 628 19.92 -4.54 -5.39
C ILE A 628 20.75 -5.49 -6.23
N PRO A 629 20.41 -5.70 -7.54
CA PRO A 629 21.32 -6.34 -8.51
C PRO A 629 22.35 -5.36 -9.08
N THR A 630 23.57 -5.85 -9.32
CA THR A 630 24.64 -5.03 -9.88
C THR A 630 25.49 -5.87 -10.82
N ILE A 631 26.17 -5.25 -11.80
CA ILE A 631 27.06 -5.96 -12.70
C ILE A 631 28.49 -5.57 -12.34
N ASN A 632 29.33 -6.58 -12.07
CA ASN A 632 30.68 -6.30 -11.60
C ASN A 632 31.62 -6.06 -12.80
N VAL A 633 32.91 -5.79 -12.49
CA VAL A 633 33.92 -5.45 -13.48
C VAL A 633 34.12 -6.55 -14.53
N THR A 634 33.73 -7.81 -14.22
CA THR A 634 33.90 -8.96 -15.12
C THR A 634 32.74 -9.07 -16.13
N GLY A 635 31.59 -8.46 -15.87
CA GLY A 635 30.39 -8.66 -16.67
C GLY A 635 29.44 -9.70 -16.09
N GLU A 636 29.79 -10.30 -14.94
CA GLU A 636 28.90 -11.16 -14.16
C GLU A 636 27.95 -10.31 -13.32
N LEU A 637 26.74 -10.85 -13.04
CA LEU A 637 25.74 -10.12 -12.28
C LEU A 637 25.68 -10.65 -10.83
N GLU A 638 25.79 -9.71 -9.85
CA GLU A 638 25.89 -10.03 -8.43
C GLU A 638 24.95 -9.15 -7.59
N LEU A 639 24.36 -9.73 -6.54
CA LEU A 639 23.51 -9.02 -5.59
C LEU A 639 24.36 -8.30 -4.56
N VAL A 640 23.83 -7.17 -4.09
CA VAL A 640 24.47 -6.33 -3.10
C VAL A 640 23.43 -6.00 -2.04
N ALA A 641 23.80 -6.16 -0.75
CA ALA A 641 22.95 -5.80 0.36
C ALA A 641 23.19 -4.34 0.81
N LEU A 642 22.12 -3.57 0.98
CA LEU A 642 22.18 -2.23 1.55
C LEU A 642 21.81 -2.32 3.03
N PRO A 643 22.75 -2.01 3.97
CA PRO A 643 22.48 -2.12 5.40
C PRO A 643 21.62 -0.97 5.93
N PRO A 644 20.78 -1.24 6.98
CA PRO A 644 19.97 -0.19 7.60
C PRO A 644 20.78 0.76 8.46
N THR A 645 20.16 1.89 8.84
CA THR A 645 20.76 2.81 9.80
C THR A 645 19.77 3.08 10.95
N LEU A 646 20.34 3.22 12.15
CA LEU A 646 19.57 3.46 13.37
C LEU A 646 19.10 4.90 13.41
N ASN A 647 20.00 5.84 13.12
CA ASN A 647 19.72 7.27 13.23
C ASN A 647 19.63 7.90 11.84
N VAL A 648 18.40 8.05 11.31
CA VAL A 648 18.17 8.68 10.02
C VAL A 648 18.18 10.22 10.08
N THR A 649 18.30 10.81 11.26
CA THR A 649 18.11 12.26 11.40
C THR A 649 19.07 13.08 10.51
N PRO A 650 20.40 12.80 10.45
CA PRO A 650 21.31 13.58 9.62
C PRO A 650 20.98 13.57 8.12
N VAL A 651 20.38 12.46 7.66
CA VAL A 651 19.96 12.29 6.29
C VAL A 651 18.66 13.04 6.04
N TRP A 652 17.71 12.93 6.96
CA TRP A 652 16.43 13.58 6.81
C TRP A 652 16.58 15.08 6.81
N GLU A 653 17.38 15.68 7.72
CA GLU A 653 17.55 17.13 7.73
C GLU A 653 18.12 17.67 6.42
N LEU A 654 18.86 16.84 5.69
CA LEU A 654 19.54 17.24 4.47
C LEU A 654 18.69 17.05 3.21
N LEU A 655 17.83 16.04 3.15
CA LEU A 655 16.81 15.95 2.12
C LEU A 655 15.68 16.92 2.38
N CYS A 656 15.40 17.25 3.63
CA CYS A 656 14.38 18.22 4.00
C CYS A 656 14.79 19.62 3.49
N LEU A 657 16.08 19.97 3.56
CA LEU A 657 16.63 21.22 3.02
C LEU A 657 16.96 21.16 1.54
N CYS A 658 17.02 19.99 0.90
CA CYS A 658 17.22 19.90 -0.55
C CYS A 658 15.92 19.78 -1.33
N SER A 659 14.88 19.16 -0.76
CA SER A 659 13.60 18.99 -1.43
C SER A 659 12.98 20.35 -1.70
N THR A 660 13.13 21.32 -0.79
CA THR A 660 12.62 22.67 -1.01
C THR A 660 13.47 23.47 -1.99
N MET A 661 14.74 23.12 -2.13
CA MET A 661 15.65 23.75 -3.09
C MET A 661 15.56 23.11 -4.49
N ALA A 662 15.02 21.90 -4.58
CA ALA A 662 14.73 21.23 -5.83
C ALA A 662 13.39 21.69 -6.39
N ALA A 663 12.37 21.81 -5.54
CA ALA A 663 11.07 22.30 -5.96
C ALA A 663 11.15 23.68 -6.63
N ARG A 664 12.02 24.54 -6.11
CA ARG A 664 12.12 25.93 -6.55
C ARG A 664 12.88 26.07 -7.86
N LEU A 665 13.50 24.98 -8.37
CA LEU A 665 14.15 24.94 -9.69
C LEU A 665 13.42 24.04 -10.71
N HIS A 666 12.16 23.69 -10.43
CA HIS A 666 11.34 22.84 -11.28
C HIS A 666 12.09 21.56 -11.63
N TRP A 667 12.51 20.85 -10.60
CA TRP A 667 13.29 19.64 -10.78
C TRP A 667 12.44 18.48 -11.32
N ASP A 668 12.93 17.81 -12.38
CA ASP A 668 12.37 16.54 -12.80
C ASP A 668 13.45 15.77 -13.52
N SER A 669 14.02 14.74 -12.87
CA SER A 669 15.14 14.01 -13.43
C SER A 669 14.77 13.22 -14.70
N ALA A 670 13.50 12.92 -14.93
CA ALA A 670 13.10 12.31 -16.19
C ALA A 670 13.15 13.32 -17.36
N ALA A 671 12.98 14.61 -17.06
CA ALA A 671 13.10 15.68 -18.05
C ALA A 671 14.52 16.23 -18.18
N GLY A 672 15.50 15.54 -17.58
CA GLY A 672 16.91 15.86 -17.71
C GLY A 672 17.51 16.55 -16.48
N GLY A 673 16.70 17.15 -15.63
CA GLY A 673 17.25 18.00 -14.58
C GLY A 673 16.34 19.18 -14.24
N SER A 674 16.96 20.35 -13.99
CA SER A 674 16.19 21.51 -13.57
C SER A 674 15.53 22.19 -14.75
N GLY A 675 14.21 22.46 -14.65
CA GLY A 675 13.49 23.16 -15.70
C GLY A 675 13.76 24.68 -15.77
N ARG A 676 14.50 25.25 -14.83
CA ARG A 676 14.66 26.70 -14.72
C ARG A 676 16.15 27.04 -14.65
N THR A 677 16.60 28.03 -15.44
CA THR A 677 17.93 28.57 -15.27
C THR A 677 18.01 29.52 -14.10
N PHE A 678 19.18 29.60 -13.45
CA PHE A 678 19.45 30.49 -12.32
C PHE A 678 20.79 31.17 -12.54
N GLY A 679 20.90 32.45 -12.20
CA GLY A 679 22.21 33.07 -12.05
C GLY A 679 22.86 32.72 -10.71
N PRO A 680 24.09 33.21 -10.42
CA PRO A 680 24.74 32.98 -9.13
C PRO A 680 24.03 33.67 -7.97
N ASP A 681 23.40 34.82 -8.27
CA ASP A 681 22.64 35.59 -7.30
C ASP A 681 21.36 34.84 -6.88
N ASP A 682 20.72 34.12 -7.80
CA ASP A 682 19.59 33.26 -7.44
C ASP A 682 20.03 32.11 -6.52
N VAL A 683 21.23 31.55 -6.71
CA VAL A 683 21.79 30.53 -5.82
C VAL A 683 21.97 31.10 -4.41
N LEU A 684 22.50 32.32 -4.31
CA LEU A 684 22.62 33.00 -3.03
C LEU A 684 21.25 33.18 -2.36
N ASP A 685 20.23 33.57 -3.13
CA ASP A 685 18.87 33.72 -2.61
C ASP A 685 18.24 32.39 -2.19
N LEU A 686 18.62 31.26 -2.80
CA LEU A 686 18.17 29.94 -2.38
C LEU A 686 18.73 29.57 -1.00
N LEU A 687 20.03 29.80 -0.80
CA LEU A 687 20.71 29.37 0.42
C LEU A 687 20.50 30.35 1.59
N THR A 688 20.38 31.67 1.34
CA THR A 688 20.50 32.71 2.37
C THR A 688 19.58 32.50 3.59
N PRO A 689 18.28 32.12 3.45
CA PRO A 689 17.44 31.86 4.62
C PRO A 689 17.93 30.82 5.64
N HIS A 690 18.82 29.91 5.23
CA HIS A 690 19.30 28.82 6.08
C HIS A 690 20.81 28.58 5.95
N TYR A 691 21.56 29.66 5.63
CA TYR A 691 22.94 29.56 5.15
C TYR A 691 23.86 28.93 6.19
N ASP A 692 23.69 29.31 7.45
CA ASP A 692 24.50 28.76 8.53
C ASP A 692 24.16 27.27 8.77
N ARG A 693 22.92 26.86 8.44
CA ARG A 693 22.48 25.50 8.67
C ARG A 693 22.94 24.56 7.54
N TYR A 694 22.97 25.01 6.29
CA TYR A 694 23.66 24.28 5.22
C TYR A 694 25.13 24.08 5.59
N MET A 695 25.81 25.14 6.06
CA MET A 695 27.19 25.07 6.51
C MET A 695 27.40 24.07 7.64
N GLN A 696 26.46 23.99 8.60
CA GLN A 696 26.55 23.03 9.70
C GLN A 696 26.37 21.59 9.21
N LEU A 697 25.34 21.31 8.40
CA LEU A 697 25.01 19.95 7.98
C LEU A 697 26.00 19.39 6.93
N VAL A 698 26.56 20.24 6.05
CA VAL A 698 27.63 19.83 5.16
C VAL A 698 28.91 19.51 5.95
N PHE A 699 29.15 20.22 7.05
CA PHE A 699 30.29 20.00 7.93
C PHE A 699 30.15 18.70 8.73
N GLU A 700 29.00 18.46 9.38
CA GLU A 700 28.79 17.29 10.24
C GLU A 700 29.03 15.95 9.54
N LEU A 701 28.55 15.80 8.29
CA LEU A 701 28.71 14.54 7.56
C LEU A 701 30.17 14.26 7.18
N GLY A 702 31.09 15.22 7.34
CA GLY A 702 32.52 15.01 7.12
C GLY A 702 33.16 14.08 8.17
N HIS A 703 32.58 14.01 9.38
CA HIS A 703 33.12 13.22 10.48
C HIS A 703 32.05 12.95 11.54
N CYS A 704 31.12 12.05 11.21
CA CYS A 704 30.01 11.68 12.08
C CYS A 704 30.49 10.86 13.28
N ASN A 705 29.61 10.75 14.31
CA ASN A 705 29.89 10.05 15.56
C ASN A 705 30.08 8.55 15.34
N VAL A 706 29.24 7.95 14.46
CA VAL A 706 29.33 6.54 14.10
C VAL A 706 29.10 6.39 12.59
N THR A 707 29.90 5.52 11.95
CA THR A 707 29.87 5.34 10.49
C THR A 707 28.81 4.30 10.10
N ASP A 708 27.56 4.60 10.47
CA ASP A 708 26.44 3.67 10.43
C ASP A 708 25.85 3.52 9.03
N GLY A 709 25.40 2.30 8.68
CA GLY A 709 24.61 2.05 7.47
C GLY A 709 25.39 2.31 6.17
N LEU A 710 24.64 2.68 5.11
CA LEU A 710 25.21 2.96 3.79
C LEU A 710 25.68 4.43 3.69
N LEU A 711 24.79 5.37 4.01
CA LEU A 711 24.98 6.78 3.66
C LEU A 711 26.01 7.48 4.55
N LEU A 712 26.32 6.91 5.74
CA LEU A 712 27.38 7.44 6.60
C LEU A 712 28.55 6.46 6.70
N SER A 713 28.75 5.63 5.67
CA SER A 713 29.89 4.72 5.58
C SER A 713 31.22 5.46 5.44
N GLU A 714 32.33 4.75 5.71
CA GLU A 714 33.66 5.33 5.88
C GLU A 714 34.16 6.08 4.64
N GLU A 715 33.83 5.59 3.43
CA GLU A 715 34.25 6.28 2.20
C GLU A 715 33.35 7.49 1.92
N ALA A 716 32.05 7.37 2.22
CA ALA A 716 31.05 8.40 1.96
C ALA A 716 31.30 9.68 2.78
N VAL A 717 31.75 9.56 4.04
CA VAL A 717 32.07 10.72 4.87
C VAL A 717 33.34 11.43 4.35
N LYS A 718 34.33 10.66 3.87
CA LYS A 718 35.61 11.18 3.43
C LYS A 718 35.46 12.12 2.23
N ARG A 719 34.60 11.81 1.25
CA ARG A 719 34.41 12.62 0.05
C ARG A 719 34.02 14.06 0.37
N VAL A 720 33.11 14.29 1.35
CA VAL A 720 32.64 15.63 1.70
C VAL A 720 33.70 16.39 2.51
N ALA A 721 34.42 15.69 3.40
CA ALA A 721 35.53 16.25 4.16
C ALA A 721 36.67 16.70 3.23
N ASP A 722 36.95 15.92 2.16
CA ASP A 722 37.86 16.26 1.09
C ASP A 722 37.38 17.53 0.34
N ALA A 723 36.13 17.53 -0.13
CA ALA A 723 35.56 18.63 -0.92
C ALA A 723 35.61 19.98 -0.17
N LEU A 724 35.36 20.00 1.15
CA LEU A 724 35.45 21.20 1.97
C LEU A 724 36.85 21.85 1.99
N SER A 725 37.92 21.12 1.62
CA SER A 725 39.26 21.69 1.53
C SER A 725 39.41 22.67 0.37
N GLY A 726 38.61 22.51 -0.71
CA GLY A 726 38.68 23.37 -1.90
C GLY A 726 37.76 24.59 -1.83
N CYS A 727 36.90 24.66 -0.80
CA CYS A 727 36.02 25.77 -0.54
C CYS A 727 36.78 26.97 0.02
N PRO A 728 36.59 28.21 -0.51
CA PRO A 728 37.12 29.42 0.12
C PRO A 728 36.59 29.57 1.54
N PRO A 729 37.45 29.91 2.55
CA PRO A 729 36.99 30.15 3.92
C PRO A 729 35.89 31.21 4.03
N ARG A 730 34.98 31.03 5.00
CA ARG A 730 33.85 31.92 5.22
C ARG A 730 34.32 33.37 5.38
N GLY A 731 33.82 34.27 4.51
CA GLY A 731 34.14 35.69 4.58
C GLY A 731 35.36 36.12 3.77
N SER A 732 36.16 35.17 3.27
CA SER A 732 37.35 35.47 2.47
C SER A 732 37.01 35.92 1.05
N VAL A 733 35.79 35.57 0.57
CA VAL A 733 35.29 35.92 -0.75
C VAL A 733 33.84 36.41 -0.63
N SER A 734 33.36 37.12 -1.67
CA SER A 734 31.99 37.63 -1.75
C SER A 734 30.95 36.52 -1.58
N GLU A 735 29.78 36.84 -1.00
CA GLU A 735 28.73 35.86 -0.77
C GLU A 735 28.28 35.17 -2.07
N THR A 736 28.16 35.94 -3.16
CA THR A 736 27.77 35.43 -4.47
C THR A 736 28.78 34.41 -4.99
N ASP A 737 30.01 34.36 -4.46
CA ASP A 737 31.00 33.33 -4.77
C ASP A 737 30.94 32.14 -3.80
N HIS A 738 30.92 32.42 -2.48
CA HIS A 738 30.92 31.36 -1.49
C HIS A 738 29.65 30.50 -1.57
N ALA A 739 28.49 31.12 -1.84
CA ALA A 739 27.24 30.39 -1.98
C ALA A 739 27.29 29.42 -3.16
N VAL A 740 27.89 29.83 -4.28
CA VAL A 740 28.05 28.95 -5.43
C VAL A 740 28.96 27.76 -5.07
N ALA A 741 30.06 28.05 -4.35
CA ALA A 741 31.03 27.05 -3.95
C ALA A 741 30.41 26.01 -3.01
N LEU A 742 29.49 26.41 -2.13
CA LEU A 742 28.80 25.47 -1.27
C LEU A 742 27.71 24.73 -2.03
N PHE A 743 26.93 25.42 -2.88
CA PHE A 743 25.87 24.80 -3.68
C PHE A 743 26.41 23.67 -4.56
N LYS A 744 27.55 23.91 -5.21
CA LYS A 744 28.18 22.93 -6.07
C LYS A 744 28.66 21.72 -5.29
N ILE A 745 28.99 21.84 -3.99
CA ILE A 745 29.44 20.72 -3.16
C ILE A 745 28.24 19.90 -2.70
N ILE A 746 27.15 20.52 -2.24
CA ILE A 746 26.06 19.77 -1.64
C ILE A 746 25.32 18.98 -2.72
N TRP A 747 25.13 19.53 -3.94
CA TRP A 747 24.60 18.77 -5.07
C TRP A 747 25.63 17.83 -5.66
N GLY A 748 26.88 18.23 -5.71
CA GLY A 748 27.93 17.53 -6.45
C GLY A 748 28.32 16.22 -5.80
N GLU A 749 28.56 16.17 -4.48
CA GLU A 749 29.01 14.93 -3.85
C GLU A 749 27.85 14.02 -3.49
N LEU A 750 26.73 14.54 -3.01
CA LEU A 750 25.69 13.69 -2.47
C LEU A 750 24.90 13.02 -3.59
N PHE A 751 24.41 13.81 -4.57
CA PHE A 751 23.50 13.28 -5.59
C PHE A 751 24.25 13.07 -6.91
N GLY A 752 25.26 13.87 -7.21
CA GLY A 752 26.07 13.69 -8.40
C GLY A 752 25.71 14.64 -9.57
N VAL A 753 25.09 15.82 -9.31
CA VAL A 753 24.52 16.59 -10.40
C VAL A 753 25.24 17.92 -10.69
N GLN A 754 25.59 18.18 -11.95
CA GLN A 754 26.54 19.24 -12.32
C GLN A 754 25.82 20.56 -12.61
N MET A 755 26.43 21.66 -12.18
CA MET A 755 25.94 23.01 -12.38
C MET A 755 26.51 23.56 -13.68
N ALA A 756 25.92 23.14 -14.79
CA ALA A 756 26.46 23.47 -16.10
C ALA A 756 26.02 24.84 -16.61
N LYS A 757 26.82 25.48 -17.46
CA LYS A 757 26.40 26.71 -18.12
C LYS A 757 25.37 26.44 -19.23
N SER A 758 24.56 27.44 -19.65
CA SER A 758 23.60 27.24 -20.73
C SER A 758 23.43 28.48 -21.60
N THR A 759 22.99 28.27 -22.86
CA THR A 759 23.11 29.29 -23.88
C THR A 759 21.88 30.23 -23.91
N GLN A 760 20.85 29.95 -23.09
CA GLN A 760 19.51 30.58 -23.24
C GLN A 760 19.55 32.10 -23.25
N THR A 761 19.06 32.69 -24.34
CA THR A 761 19.14 34.14 -24.49
C THR A 761 17.99 34.88 -23.83
N PHE A 762 16.95 34.18 -23.33
CA PHE A 762 16.08 34.78 -22.31
C PHE A 762 15.82 33.79 -21.18
N PRO A 763 15.75 34.23 -19.90
CA PRO A 763 15.51 33.31 -18.78
C PRO A 763 14.24 32.46 -18.75
N GLY A 764 14.18 31.57 -17.75
CA GLY A 764 13.04 30.66 -17.59
C GLY A 764 13.14 29.40 -18.46
N ALA A 765 12.04 28.65 -18.61
CA ALA A 765 12.03 27.32 -19.20
C ALA A 765 12.09 27.34 -20.72
N GLY A 766 11.75 28.48 -21.33
CA GLY A 766 11.42 28.50 -22.75
C GLY A 766 12.55 29.05 -23.62
N ARG A 767 12.76 28.37 -24.75
CA ARG A 767 13.70 28.88 -25.75
C ARG A 767 13.13 30.11 -26.46
N VAL A 768 13.94 30.74 -27.33
CA VAL A 768 13.42 31.73 -28.27
C VAL A 768 12.34 31.22 -29.25
N LYS A 769 12.31 29.93 -29.64
CA LYS A 769 11.24 29.42 -30.51
C LYS A 769 9.86 29.40 -29.85
N ASN A 770 9.75 29.52 -28.51
CA ASN A 770 8.48 29.31 -27.84
C ASN A 770 8.01 30.55 -27.04
N LEU A 771 8.39 31.76 -27.48
CA LEU A 771 7.86 32.99 -26.92
C LEU A 771 6.35 33.05 -27.13
N THR A 772 5.62 33.57 -26.12
CA THR A 772 4.16 33.68 -26.16
C THR A 772 3.71 35.08 -25.73
N LYS A 773 2.49 35.45 -26.11
CA LYS A 773 1.92 36.76 -25.79
C LYS A 773 1.80 36.98 -24.28
N GLN A 774 1.72 35.87 -23.50
CA GLN A 774 1.85 35.90 -22.04
C GLN A 774 3.32 36.10 -21.61
N THR A 775 4.22 35.16 -21.98
CA THR A 775 5.56 35.09 -21.37
C THR A 775 6.44 36.29 -21.75
N ILE A 776 6.17 36.97 -22.88
CA ILE A 776 6.90 38.18 -23.24
C ILE A 776 6.76 39.24 -22.13
N VAL A 777 5.56 39.43 -21.60
CA VAL A 777 5.26 40.57 -20.73
C VAL A 777 6.10 40.58 -19.45
N GLY A 778 6.40 39.40 -18.87
CA GLY A 778 7.28 39.30 -17.71
C GLY A 778 8.69 39.84 -17.96
N LEU A 779 9.15 39.71 -19.22
CA LEU A 779 10.43 40.24 -19.66
C LEU A 779 10.32 41.65 -20.24
N LEU A 780 9.12 42.25 -20.22
CA LEU A 780 8.96 43.69 -20.41
C LEU A 780 8.84 44.43 -19.05
N ASP A 781 8.21 43.80 -18.04
CA ASP A 781 8.11 44.34 -16.69
C ASP A 781 9.49 44.47 -15.99
N ALA A 782 10.21 43.34 -15.86
CA ALA A 782 11.62 43.39 -15.49
C ALA A 782 12.42 44.08 -16.62
N HIS A 783 13.53 44.77 -16.27
CA HIS A 783 14.29 45.62 -17.19
C HIS A 783 13.51 46.85 -17.69
N HIS A 784 12.22 46.99 -17.33
CA HIS A 784 11.38 48.15 -17.63
C HIS A 784 11.46 48.57 -19.11
N ILE A 785 11.26 47.59 -20.00
CA ILE A 785 11.25 47.85 -21.44
C ILE A 785 10.04 48.73 -21.77
N ASP A 786 10.21 49.62 -22.76
CA ASP A 786 9.34 50.76 -23.01
C ASP A 786 7.87 50.36 -23.25
N HIS A 787 7.64 49.15 -23.77
CA HIS A 787 6.31 48.57 -23.96
C HIS A 787 5.44 49.49 -24.85
N SER A 788 4.13 49.56 -24.56
CA SER A 788 3.16 50.29 -25.37
C SER A 788 3.22 49.87 -26.85
N ALA A 789 3.57 48.60 -27.09
CA ALA A 789 3.83 48.07 -28.42
C ALA A 789 2.55 47.81 -29.20
N CYS A 790 2.70 47.56 -30.51
CA CYS A 790 1.63 47.03 -31.34
C CYS A 790 1.15 45.68 -30.79
N ARG A 791 -0.16 45.42 -30.93
CA ARG A 791 -0.83 44.26 -30.32
C ARG A 791 -0.33 42.92 -30.88
N THR A 792 0.12 42.92 -32.15
CA THR A 792 0.43 41.70 -32.90
C THR A 792 1.77 41.11 -32.46
N HIS A 793 1.78 39.81 -32.14
CA HIS A 793 2.91 39.11 -31.53
C HIS A 793 4.19 39.18 -32.39
N ARG A 794 4.03 39.26 -33.73
CA ARG A 794 5.12 39.50 -34.67
C ARG A 794 5.95 40.73 -34.29
N GLN A 795 5.31 41.77 -33.74
CA GLN A 795 5.96 43.01 -33.32
C GLN A 795 6.59 42.89 -31.92
N LEU A 796 5.97 42.13 -30.99
CA LEU A 796 6.53 41.88 -29.66
C LEU A 796 7.84 41.09 -29.74
N TYR A 797 7.91 40.12 -30.65
CA TYR A 797 9.15 39.39 -30.92
C TYR A 797 10.22 40.36 -31.42
N ALA A 798 9.90 41.17 -32.44
CA ALA A 798 10.84 42.13 -33.03
C ALA A 798 11.36 43.17 -32.02
N LEU A 799 10.54 43.53 -31.03
CA LEU A 799 10.97 44.36 -29.91
C LEU A 799 12.08 43.69 -29.09
N LEU A 800 11.85 42.46 -28.61
CA LEU A 800 12.85 41.77 -27.79
C LEU A 800 14.10 41.42 -28.59
N MET A 801 13.99 41.06 -29.88
CA MET A 801 15.18 40.73 -30.66
C MET A 801 16.07 41.97 -30.90
N ALA A 802 15.52 43.18 -30.75
CA ALA A 802 16.32 44.41 -30.68
C ALA A 802 16.90 44.61 -29.27
N HIS A 803 16.10 44.35 -28.22
CA HIS A 803 16.50 44.57 -26.83
C HIS A 803 17.31 43.41 -26.20
N LYS A 804 17.64 42.33 -26.93
CA LYS A 804 18.14 41.07 -26.37
C LYS A 804 19.40 41.23 -25.52
N ARG A 805 20.19 42.29 -25.79
CA ARG A 805 21.42 42.58 -25.06
C ARG A 805 21.18 42.88 -23.57
N GLU A 806 19.94 43.24 -23.18
CA GLU A 806 19.56 43.38 -21.78
C GLU A 806 19.74 42.07 -21.01
N PHE A 807 19.53 40.93 -21.69
CA PHE A 807 19.49 39.61 -21.06
C PHE A 807 20.82 38.85 -21.21
N ALA A 808 21.92 39.58 -21.44
CA ALA A 808 23.27 39.06 -21.32
C ALA A 808 23.62 38.72 -19.86
N GLY A 809 24.72 37.96 -19.68
CA GLY A 809 25.17 37.53 -18.35
C GLY A 809 25.01 36.02 -18.16
N ALA A 810 25.71 35.49 -17.14
CA ALA A 810 25.83 34.06 -16.96
C ALA A 810 24.53 33.45 -16.43
N ARG A 811 24.28 32.20 -16.86
CA ARG A 811 23.19 31.39 -16.36
C ARG A 811 23.67 29.94 -16.24
N PHE A 812 23.04 29.21 -15.30
CA PHE A 812 23.34 27.82 -15.07
C PHE A 812 22.10 26.95 -15.13
N LYS A 813 22.26 25.66 -15.35
CA LYS A 813 21.22 24.65 -15.19
C LYS A 813 21.78 23.38 -14.56
N LEU A 814 21.01 22.70 -13.70
CA LEU A 814 21.42 21.40 -13.18
C LEU A 814 21.14 20.25 -14.17
N ARG A 815 22.16 19.46 -14.57
CA ARG A 815 21.92 18.32 -15.41
C ARG A 815 22.21 17.01 -14.65
N VAL A 816 21.29 16.04 -14.75
CA VAL A 816 21.39 14.73 -14.11
C VAL A 816 22.34 13.81 -14.90
N PRO A 817 23.15 12.97 -14.20
CA PRO A 817 24.25 12.24 -14.80
C PRO A 817 23.95 10.98 -15.62
N ALA A 818 23.31 11.16 -16.77
CA ALA A 818 23.28 10.17 -17.86
C ALA A 818 22.46 8.93 -17.50
N TRP A 819 22.92 8.08 -16.57
CA TRP A 819 21.99 7.22 -15.83
C TRP A 819 21.21 8.11 -14.86
N GLY A 820 20.26 7.54 -14.12
CA GLY A 820 19.48 8.40 -13.24
C GLY A 820 18.44 9.28 -13.95
N ARG A 821 18.62 9.48 -15.24
CA ARG A 821 17.59 10.03 -16.10
C ARG A 821 16.47 9.01 -16.39
N CYS A 822 16.37 7.91 -15.62
CA CYS A 822 15.34 6.89 -15.80
C CYS A 822 14.70 6.40 -14.49
N LEU A 823 14.85 7.17 -13.42
CA LEU A 823 14.13 6.92 -12.18
C LEU A 823 12.65 7.31 -12.37
N ARG A 824 11.73 6.70 -11.61
CA ARG A 824 10.33 7.10 -11.65
C ARG A 824 10.12 8.41 -10.87
N THR A 825 10.01 9.51 -11.63
CA THR A 825 9.78 10.84 -11.07
C THR A 825 8.28 11.13 -10.88
N HIS A 826 7.98 12.35 -10.36
CA HIS A 826 6.63 12.78 -10.04
C HIS A 826 5.75 12.95 -11.28
N SER A 827 6.33 13.25 -12.45
CA SER A 827 5.59 13.42 -13.70
C SER A 827 5.32 12.09 -14.41
N SER A 828 6.11 11.05 -14.10
CA SER A 828 6.19 9.84 -14.91
C SER A 828 5.12 8.83 -14.50
N SER A 829 3.87 9.06 -14.94
CA SER A 829 2.71 8.24 -14.56
C SER A 829 2.69 6.89 -15.28
N ALA A 830 2.12 5.89 -14.58
CA ALA A 830 2.05 4.50 -15.02
C ALA A 830 0.96 3.76 -14.23
N ASN A 831 0.67 2.52 -14.63
CA ASN A 831 -0.31 1.68 -13.94
C ASN A 831 0.16 1.41 -12.51
N PRO A 832 -0.74 1.37 -11.50
CA PRO A 832 -0.34 1.09 -10.13
C PRO A 832 0.32 -0.28 -9.87
N ASN A 833 1.54 -0.21 -9.33
CA ASN A 833 2.19 -1.32 -8.64
C ASN A 833 1.96 -1.20 -7.14
N ALA A 834 2.39 -2.23 -6.39
CA ALA A 834 2.30 -2.25 -4.93
C ALA A 834 2.98 -1.03 -4.23
N ASP A 835 4.04 -0.50 -4.84
CA ASP A 835 4.80 0.62 -4.30
C ASP A 835 4.08 1.96 -4.44
N ILE A 836 3.35 2.09 -5.55
CA ILE A 836 2.56 3.29 -5.80
C ILE A 836 1.34 3.31 -4.87
N ILE A 837 0.79 2.15 -4.53
CA ILE A 837 -0.21 2.04 -3.50
C ILE A 837 0.38 2.50 -2.18
N LEU A 838 1.57 2.01 -1.78
CA LEU A 838 2.11 2.39 -0.47
C LEU A 838 2.35 3.90 -0.33
N GLU A 839 2.85 4.55 -1.40
CA GLU A 839 2.99 6.00 -1.39
C GLU A 839 1.65 6.76 -1.36
N ALA A 840 0.61 6.18 -1.95
CA ALA A 840 -0.72 6.72 -1.84
C ALA A 840 -1.32 6.52 -0.43
N ALA A 841 -0.88 5.49 0.30
CA ALA A 841 -1.30 5.28 1.68
C ALA A 841 -0.65 6.31 2.62
N LEU A 842 0.67 6.49 2.55
CA LEU A 842 1.40 7.42 3.41
C LEU A 842 0.87 8.84 3.28
N SER A 843 0.43 9.23 2.08
CA SER A 843 -0.02 10.59 1.83
C SER A 843 -1.50 10.81 2.11
N GLU A 844 -2.19 9.84 2.72
CA GLU A 844 -3.65 9.92 2.90
C GLU A 844 -4.11 9.50 4.30
N LEU A 845 -3.39 8.61 4.98
CA LEU A 845 -3.79 8.15 6.32
C LEU A 845 -2.94 8.86 7.38
N PRO A 846 -3.56 9.56 8.38
CA PRO A 846 -2.80 10.24 9.44
C PRO A 846 -2.41 9.32 10.60
N THR A 847 -1.35 9.72 11.33
CA THR A 847 -0.73 8.93 12.40
C THR A 847 -1.60 8.97 13.66
N GLU A 848 -2.39 7.91 13.90
CA GLU A 848 -3.33 7.91 15.02
C GLU A 848 -2.65 7.51 16.34
N ALA A 849 -3.09 8.17 17.43
CA ALA A 849 -2.38 8.26 18.70
C ALA A 849 -2.37 6.90 19.39
N TRP A 850 -1.22 6.46 19.96
CA TRP A 850 -1.12 5.08 20.45
C TRP A 850 -1.65 4.93 21.89
N PRO A 851 -0.96 5.38 22.95
CA PRO A 851 -1.38 4.92 24.30
C PRO A 851 -2.60 5.78 24.62
N MET A 852 -3.79 5.14 24.64
CA MET A 852 -5.05 5.86 24.50
C MET A 852 -6.04 5.57 25.65
N MET A 853 -6.90 6.56 25.95
CA MET A 853 -7.98 6.44 26.93
C MET A 853 -9.21 5.79 26.29
N GLN A 854 -8.98 4.93 25.28
CA GLN A 854 -9.98 4.35 24.37
C GLN A 854 -10.59 5.42 23.41
N GLY B 27 22.49 39.92 15.00
CA GLY B 27 21.03 39.78 14.89
C GLY B 27 20.64 38.71 13.85
N ARG B 28 19.34 38.64 13.54
CA ARG B 28 18.78 37.70 12.57
C ARG B 28 17.79 38.43 11.64
N PRO B 29 17.80 38.14 10.32
CA PRO B 29 16.85 38.75 9.39
C PRO B 29 15.45 38.11 9.47
N ILE B 30 14.42 38.94 9.22
CA ILE B 30 13.02 38.50 9.14
C ILE B 30 12.35 39.15 7.92
N GLY B 31 12.44 40.48 7.80
CA GLY B 31 11.82 41.22 6.70
C GLY B 31 10.30 41.06 6.70
N ASP B 32 9.75 40.65 5.53
CA ASP B 32 8.33 40.33 5.37
C ASP B 32 8.11 39.02 4.61
N ASP B 33 9.17 38.21 4.41
CA ASP B 33 9.06 36.93 3.71
C ASP B 33 8.21 35.92 4.51
N GLU B 34 8.28 36.01 5.84
CA GLU B 34 7.64 35.04 6.73
C GLU B 34 6.25 35.51 7.20
N CYS B 35 5.82 36.73 6.81
CA CYS B 35 4.53 37.26 7.21
C CYS B 35 3.36 36.44 6.66
N GLU B 36 3.53 35.85 5.47
CA GLU B 36 2.55 34.95 4.85
C GLU B 36 2.40 33.64 5.63
N GLN B 37 3.48 33.16 6.26
CA GLN B 37 3.43 31.89 7.00
C GLN B 37 2.50 32.02 8.22
N TYR B 38 2.72 33.05 9.05
CA TYR B 38 1.85 33.35 10.18
C TYR B 38 0.43 33.67 9.72
N THR B 39 0.27 34.53 8.69
CA THR B 39 -1.03 34.98 8.23
C THR B 39 -1.87 33.86 7.60
N SER B 40 -1.22 32.91 6.91
CA SER B 40 -1.87 31.70 6.45
C SER B 40 -2.21 30.77 7.62
N SER B 41 -1.24 30.53 8.51
CA SER B 41 -1.38 29.63 9.66
C SER B 41 -2.57 30.04 10.53
N VAL B 42 -2.66 31.32 10.84
CA VAL B 42 -3.70 31.81 11.72
C VAL B 42 -5.06 31.79 11.01
N SER B 43 -5.09 32.07 9.70
CA SER B 43 -6.34 32.12 8.95
C SER B 43 -6.91 30.73 8.69
N LEU B 44 -6.07 29.73 8.41
CA LEU B 44 -6.54 28.35 8.30
C LEU B 44 -7.01 27.77 9.66
N ALA B 45 -6.30 28.09 10.75
CA ALA B 45 -6.70 27.68 12.09
C ALA B 45 -8.07 28.24 12.42
N ARG B 46 -8.33 29.48 12.01
CA ARG B 46 -9.60 30.15 12.23
C ARG B 46 -10.70 29.40 11.49
N MET B 47 -10.45 29.01 10.25
CA MET B 47 -11.49 28.46 9.42
C MET B 47 -11.86 27.04 9.82
N LEU B 48 -10.91 26.27 10.37
CA LEU B 48 -11.15 24.90 10.80
C LEU B 48 -12.10 24.79 12.02
N TYR B 49 -12.04 25.74 12.96
CA TYR B 49 -12.79 25.72 14.20
C TYR B 49 -13.94 26.73 14.22
N GLY B 50 -14.26 27.36 13.08
CA GLY B 50 -15.45 28.19 12.97
C GLY B 50 -15.33 29.60 13.59
N GLY B 51 -14.15 30.24 13.49
CA GLY B 51 -13.98 31.58 14.03
C GLY B 51 -14.61 32.69 13.17
N ASP B 52 -15.20 32.31 12.02
CA ASP B 52 -15.71 33.23 11.00
C ASP B 52 -17.19 32.99 10.66
N LEU B 53 -17.93 32.19 11.43
CA LEU B 53 -19.38 32.30 11.42
C LEU B 53 -19.75 33.75 11.76
N ALA B 54 -20.90 34.23 11.26
CA ALA B 54 -21.29 35.64 11.31
C ALA B 54 -20.30 36.56 10.57
N GLU B 55 -19.53 35.99 9.63
CA GLU B 55 -18.86 36.75 8.58
C GLU B 55 -19.03 36.02 7.25
N TRP B 56 -18.66 34.74 7.21
CA TRP B 56 -18.82 33.88 6.03
C TRP B 56 -20.29 33.63 5.69
N VAL B 57 -21.22 33.51 6.66
CA VAL B 57 -22.62 33.18 6.37
C VAL B 57 -23.28 34.24 5.48
N PRO B 58 -23.30 35.56 5.81
CA PRO B 58 -23.72 36.58 4.86
C PRO B 58 -23.00 36.67 3.51
N ARG B 59 -21.76 36.17 3.43
CA ARG B 59 -20.96 36.17 2.20
C ARG B 59 -21.38 35.06 1.25
N VAL B 60 -21.73 33.86 1.77
CA VAL B 60 -21.88 32.65 0.94
C VAL B 60 -23.29 32.07 1.00
N HIS B 61 -24.03 32.22 2.12
CA HIS B 61 -25.41 31.75 2.22
C HIS B 61 -26.35 32.85 2.76
N PRO B 62 -26.70 33.88 1.95
CA PRO B 62 -27.51 35.01 2.41
C PRO B 62 -28.88 34.71 3.01
N LYS B 63 -29.49 33.55 2.71
CA LYS B 63 -30.86 33.28 3.14
C LYS B 63 -30.91 32.75 4.59
N THR B 64 -29.84 32.07 5.01
CA THR B 64 -29.70 31.49 6.35
C THR B 64 -29.64 32.60 7.41
N THR B 65 -30.48 32.51 8.46
CA THR B 65 -30.51 33.55 9.49
C THR B 65 -29.45 33.30 10.57
N ILE B 66 -28.94 34.42 11.15
CA ILE B 66 -27.76 34.44 12.02
C ILE B 66 -28.02 35.41 13.18
N GLU B 67 -27.61 35.04 14.42
CA GLU B 67 -27.72 35.93 15.58
C GLU B 67 -26.48 35.87 16.48
N ARG B 68 -26.14 37.03 17.05
CA ARG B 68 -25.02 37.20 17.98
C ARG B 68 -25.57 37.43 19.40
N GLN B 69 -25.07 36.68 20.38
CA GLN B 69 -25.42 36.90 21.78
C GLN B 69 -24.16 37.24 22.60
N GLN B 70 -24.14 38.45 23.19
CA GLN B 70 -22.92 39.07 23.68
C GLN B 70 -22.96 39.37 25.19
N HIS B 71 -24.12 39.11 25.85
CA HIS B 71 -24.32 39.46 27.26
C HIS B 71 -24.95 38.28 28.01
N GLY B 72 -24.37 37.94 29.16
CA GLY B 72 -24.85 36.84 29.99
C GLY B 72 -24.82 35.49 29.27
N PRO B 73 -25.60 34.49 29.74
CA PRO B 73 -25.66 33.19 29.07
C PRO B 73 -26.19 33.29 27.64
N VAL B 74 -25.90 32.29 26.80
CA VAL B 74 -26.64 32.09 25.56
C VAL B 74 -28.07 31.65 25.87
N THR B 75 -28.99 31.85 24.90
CA THR B 75 -30.32 31.30 24.98
C THR B 75 -30.87 31.11 23.57
N PHE B 76 -31.35 29.90 23.26
CA PHE B 76 -31.77 29.52 21.92
C PHE B 76 -33.12 30.17 21.58
N PRO B 77 -33.55 30.23 20.29
CA PRO B 77 -34.84 30.83 19.93
C PRO B 77 -36.03 30.04 20.48
N ASN B 78 -37.15 30.73 20.71
CA ASN B 78 -38.37 30.14 21.28
C ASN B 78 -38.84 28.96 20.41
N ALA B 79 -39.10 27.80 21.04
CA ALA B 79 -39.43 26.56 20.35
C ALA B 79 -40.93 26.42 20.04
N SER B 80 -41.78 27.25 20.67
CA SER B 80 -43.24 27.14 20.61
C SER B 80 -43.85 28.06 19.55
N ALA B 81 -43.20 29.19 19.27
CA ALA B 81 -43.71 30.22 18.38
C ALA B 81 -43.67 29.78 16.91
N PRO B 82 -44.45 30.42 16.00
CA PRO B 82 -44.31 30.19 14.55
C PRO B 82 -42.92 30.46 13.98
N THR B 83 -42.09 31.24 14.70
CA THR B 83 -40.70 31.54 14.32
C THR B 83 -39.71 30.42 14.71
N ALA B 84 -40.21 29.28 15.24
CA ALA B 84 -39.41 28.10 15.54
C ALA B 84 -39.03 27.35 14.24
N ARG B 85 -38.18 28.00 13.44
CA ARG B 85 -37.77 27.49 12.14
C ARG B 85 -36.85 26.27 12.28
N CYS B 86 -37.34 25.11 11.85
CA CYS B 86 -36.54 24.01 11.34
C CYS B 86 -35.35 23.63 12.22
N VAL B 87 -34.09 23.72 11.68
CA VAL B 87 -32.89 23.23 12.37
C VAL B 87 -31.99 24.39 12.81
N THR B 88 -31.54 24.36 14.10
CA THR B 88 -30.70 25.38 14.70
C THR B 88 -29.31 24.82 15.04
N VAL B 89 -28.22 25.53 14.66
CA VAL B 89 -26.88 25.16 15.09
C VAL B 89 -26.28 26.25 16.00
N VAL B 90 -25.58 25.82 17.07
CA VAL B 90 -25.11 26.67 18.17
C VAL B 90 -23.59 26.53 18.34
N ARG B 91 -22.84 27.65 18.32
CA ARG B 91 -21.38 27.62 18.49
C ARG B 91 -21.00 28.41 19.73
N ALA B 92 -21.62 28.08 20.86
CA ALA B 92 -21.42 28.81 22.10
C ALA B 92 -20.09 28.43 22.77
N PRO B 93 -19.35 29.35 23.42
CA PRO B 93 -18.18 28.99 24.21
C PRO B 93 -18.43 27.97 25.32
N MET B 94 -17.35 27.28 25.73
CA MET B 94 -17.30 26.55 26.98
C MET B 94 -17.38 27.54 28.16
N GLY B 95 -18.26 27.26 29.12
CA GLY B 95 -18.51 28.13 30.26
C GLY B 95 -19.53 29.24 29.98
N SER B 96 -20.61 28.96 29.21
CA SER B 96 -21.59 29.97 28.82
C SER B 96 -23.06 29.53 28.98
N GLY B 97 -23.29 28.32 29.52
CA GLY B 97 -24.63 27.87 29.88
C GLY B 97 -25.34 27.07 28.79
N LYS B 98 -24.58 26.27 28.03
CA LYS B 98 -25.13 25.46 26.95
C LYS B 98 -26.24 24.52 27.45
N THR B 99 -25.99 23.72 28.50
CA THR B 99 -26.94 22.70 28.93
C THR B 99 -28.19 23.34 29.59
N THR B 100 -28.05 24.46 30.31
CA THR B 100 -29.21 25.12 30.91
C THR B 100 -30.09 25.81 29.86
N ALA B 101 -29.48 26.40 28.81
CA ALA B 101 -30.22 26.90 27.66
C ALA B 101 -30.96 25.78 26.91
N LEU B 102 -30.37 24.58 26.82
CA LEU B 102 -31.04 23.41 26.30
C LEU B 102 -32.23 23.00 27.18
N ILE B 103 -32.11 23.07 28.53
CA ILE B 103 -33.23 22.77 29.41
C ILE B 103 -34.41 23.72 29.13
N ARG B 104 -34.17 25.04 29.05
CA ARG B 104 -35.18 26.03 28.71
C ARG B 104 -35.83 25.76 27.34
N TRP B 105 -35.03 25.45 26.32
CA TRP B 105 -35.54 25.19 24.99
C TRP B 105 -36.32 23.87 24.93
N LEU B 106 -35.83 22.81 25.59
CA LEU B 106 -36.49 21.51 25.54
C LEU B 106 -37.82 21.49 26.32
N ARG B 107 -37.96 22.26 27.41
CA ARG B 107 -39.26 22.42 28.09
C ARG B 107 -40.27 23.26 27.29
N GLU B 108 -39.84 24.00 26.26
CA GLU B 108 -40.75 24.61 25.30
C GLU B 108 -41.03 23.68 24.10
N ALA B 109 -40.08 22.78 23.78
CA ALA B 109 -40.18 21.86 22.66
C ALA B 109 -41.06 20.64 22.98
N ILE B 110 -40.99 20.13 24.22
CA ILE B 110 -41.86 19.06 24.69
C ILE B 110 -43.21 19.65 25.10
N HIS B 111 -44.29 19.19 24.44
CA HIS B 111 -45.67 19.48 24.82
C HIS B 111 -46.27 18.27 25.55
N SER B 112 -47.23 17.57 24.93
CA SER B 112 -47.82 16.37 25.50
C SER B 112 -46.80 15.23 25.57
N PRO B 113 -46.91 14.28 26.55
CA PRO B 113 -45.97 13.17 26.68
C PRO B 113 -45.78 12.26 25.47
N ASP B 114 -46.70 12.33 24.50
CA ASP B 114 -46.61 11.61 23.23
C ASP B 114 -45.59 12.22 22.26
N THR B 115 -45.08 13.45 22.54
CA THR B 115 -44.03 14.06 21.71
C THR B 115 -42.70 13.30 21.89
N SER B 116 -41.97 13.13 20.77
CA SER B 116 -40.84 12.20 20.66
C SER B 116 -39.49 12.94 20.56
N VAL B 117 -38.50 12.52 21.38
CA VAL B 117 -37.21 13.19 21.52
C VAL B 117 -36.09 12.14 21.54
N LEU B 118 -34.92 12.52 21.16
CA LEU B 118 -33.70 11.72 21.35
C LEU B 118 -32.56 12.71 21.61
N VAL B 119 -31.66 12.40 22.57
CA VAL B 119 -30.49 13.24 22.84
C VAL B 119 -29.21 12.41 22.66
N VAL B 120 -28.28 12.91 21.82
CA VAL B 120 -27.00 12.25 21.55
C VAL B 120 -25.83 13.01 22.17
N SER B 121 -24.90 12.27 22.80
CA SER B 121 -23.66 12.83 23.34
C SER B 121 -22.46 11.99 22.89
N CYS B 122 -21.31 12.65 22.66
CA CYS B 122 -20.05 11.92 22.50
C CYS B 122 -19.45 11.58 23.87
N ARG B 123 -19.36 12.61 24.74
CA ARG B 123 -18.72 12.49 26.04
C ARG B 123 -19.59 11.67 27.01
N ARG B 124 -18.91 10.94 27.91
CA ARG B 124 -19.57 10.13 28.95
C ARG B 124 -20.28 11.02 29.98
N SER B 125 -19.76 12.23 30.21
CA SER B 125 -20.19 13.12 31.28
C SER B 125 -21.69 13.46 31.24
N PHE B 126 -22.23 13.68 30.03
CA PHE B 126 -23.64 13.99 29.87
C PHE B 126 -24.56 12.78 30.01
N THR B 127 -24.09 11.56 29.69
CA THR B 127 -24.90 10.34 29.85
C THR B 127 -25.26 10.14 31.34
N GLN B 128 -24.27 10.39 32.23
CA GLN B 128 -24.51 10.37 33.67
C GLN B 128 -25.31 11.61 34.12
N THR B 129 -24.96 12.81 33.60
CA THR B 129 -25.51 14.07 34.08
C THR B 129 -26.97 14.31 33.65
N LEU B 130 -27.28 14.32 32.34
CA LEU B 130 -28.54 14.86 31.84
C LEU B 130 -29.76 14.09 32.38
N ALA B 131 -29.71 12.76 32.39
CA ALA B 131 -30.77 11.92 32.94
C ALA B 131 -31.02 12.20 34.43
N THR B 132 -29.96 12.59 35.17
CA THR B 132 -30.04 12.91 36.60
C THR B 132 -30.49 14.36 36.82
N ARG B 133 -30.12 15.27 35.89
CA ARG B 133 -30.26 16.71 36.02
C ARG B 133 -31.63 17.23 35.55
N PHE B 134 -32.25 16.59 34.54
CA PHE B 134 -33.59 16.95 34.10
C PHE B 134 -34.62 16.65 35.20
N ALA B 135 -35.28 17.72 35.70
CA ALA B 135 -36.35 17.64 36.71
C ALA B 135 -37.68 18.17 36.16
N GLU B 136 -37.60 18.87 35.00
CA GLU B 136 -38.74 19.49 34.32
C GLU B 136 -39.41 18.52 33.34
N SER B 137 -38.97 17.25 33.34
CA SER B 137 -39.43 16.23 32.41
C SER B 137 -39.37 14.84 33.06
N GLY B 138 -40.17 13.90 32.53
CA GLY B 138 -40.30 12.54 33.08
C GLY B 138 -40.16 11.43 32.02
N LEU B 139 -39.86 10.22 32.52
CA LEU B 139 -39.57 9.00 31.76
C LEU B 139 -38.24 9.12 30.98
N VAL B 140 -37.37 10.10 31.32
CA VAL B 140 -36.03 10.23 30.77
C VAL B 140 -35.13 9.09 31.29
N ASP B 141 -34.32 8.47 30.40
CA ASP B 141 -33.33 7.48 30.83
C ASP B 141 -32.01 7.54 30.02
N PHE B 142 -30.92 7.09 30.68
CA PHE B 142 -29.60 7.00 30.08
C PHE B 142 -29.44 5.72 29.25
N VAL B 143 -28.22 5.47 28.73
CA VAL B 143 -27.95 4.45 27.72
C VAL B 143 -28.45 3.05 28.13
N THR B 144 -28.94 2.30 27.13
CA THR B 144 -29.63 1.02 27.34
C THR B 144 -28.65 -0.11 27.69
N TYR B 145 -28.94 -0.81 28.80
CA TYR B 145 -28.25 -2.05 29.17
C TYR B 145 -29.22 -3.24 29.36
N ARG B 156 -38.47 -0.97 22.10
CA ARG B 156 -39.72 -0.56 21.40
C ARG B 156 -40.41 0.62 22.12
N PRO B 157 -40.51 0.68 23.47
CA PRO B 157 -41.09 1.84 24.16
C PRO B 157 -40.27 3.13 24.15
N PHE B 158 -39.05 3.09 23.59
CA PHE B 158 -38.00 4.07 23.87
C PHE B 158 -38.31 5.47 23.34
N HIS B 159 -38.47 6.42 24.28
CA HIS B 159 -38.41 7.85 24.02
C HIS B 159 -37.82 8.54 25.26
N ARG B 160 -37.33 9.78 25.09
CA ARG B 160 -36.60 10.54 26.11
C ARG B 160 -35.29 9.84 26.49
N LEU B 161 -34.78 9.05 25.52
CA LEU B 161 -33.53 8.32 25.58
C LEU B 161 -32.33 9.26 25.41
N ILE B 162 -31.30 9.06 26.27
CA ILE B 162 -30.03 9.77 26.18
C ILE B 162 -28.90 8.75 25.99
N VAL B 163 -28.05 8.95 24.95
CA VAL B 163 -27.06 7.94 24.54
C VAL B 163 -25.66 8.51 24.31
N GLN B 164 -24.64 7.68 24.62
CA GLN B 164 -23.28 7.85 24.09
C GLN B 164 -23.24 7.30 22.65
N VAL B 165 -22.70 8.10 21.71
CA VAL B 165 -22.74 7.77 20.28
C VAL B 165 -22.00 6.45 19.94
N GLU B 166 -20.92 6.05 20.74
CA GLU B 166 -20.10 4.81 20.75
C GLU B 166 -20.93 3.56 21.11
N SER B 167 -22.18 3.76 21.60
CA SER B 167 -23.16 2.71 21.80
C SER B 167 -24.21 2.63 20.68
N LEU B 168 -24.14 3.52 19.66
CA LEU B 168 -25.22 3.70 18.70
C LEU B 168 -25.42 2.48 17.80
N HIS B 169 -24.38 1.66 17.59
CA HIS B 169 -24.49 0.42 16.82
C HIS B 169 -25.31 -0.66 17.54
N ARG B 170 -25.40 -0.63 18.89
CA ARG B 170 -26.30 -1.49 19.65
C ARG B 170 -27.69 -0.87 19.81
N VAL B 171 -27.72 0.44 20.13
CA VAL B 171 -28.95 1.16 20.43
C VAL B 171 -29.80 1.38 19.16
N GLY B 172 -29.17 1.90 18.10
CA GLY B 172 -29.83 2.31 16.87
C GLY B 172 -30.84 1.31 16.28
N PRO B 173 -30.48 0.02 16.02
CA PRO B 173 -31.42 -0.95 15.44
C PRO B 173 -32.64 -1.30 16.30
N ASN B 174 -32.64 -0.90 17.58
CA ASN B 174 -33.76 -1.10 18.51
C ASN B 174 -34.69 0.11 18.58
N LEU B 175 -34.34 1.24 17.95
CA LEU B 175 -35.13 2.47 18.02
C LEU B 175 -36.28 2.48 17.01
N LEU B 176 -37.28 3.33 17.29
CA LEU B 176 -38.28 3.76 16.32
C LEU B 176 -37.62 4.68 15.27
N ASN B 177 -38.21 4.73 14.06
CA ASN B 177 -37.52 5.21 12.85
C ASN B 177 -37.36 6.73 12.79
N ASN B 178 -38.27 7.50 13.42
CA ASN B 178 -38.22 8.96 13.40
C ASN B 178 -38.72 9.57 14.72
N TYR B 179 -38.12 10.72 15.07
CA TYR B 179 -38.41 11.47 16.30
C TYR B 179 -38.80 12.91 15.95
N ASP B 180 -39.62 13.55 16.79
CA ASP B 180 -40.10 14.90 16.54
C ASP B 180 -38.98 15.94 16.76
N VAL B 181 -38.08 15.66 17.73
CA VAL B 181 -36.99 16.56 18.10
C VAL B 181 -35.70 15.75 18.24
N LEU B 182 -34.58 16.29 17.73
CA LEU B 182 -33.27 15.67 17.84
C LEU B 182 -32.22 16.66 18.36
N VAL B 183 -31.46 16.25 19.38
CA VAL B 183 -30.36 17.03 19.95
C VAL B 183 -29.04 16.31 19.63
N LEU B 184 -28.13 17.02 18.95
CA LEU B 184 -26.75 16.59 18.79
C LEU B 184 -25.87 17.45 19.69
N ASP B 185 -25.73 17.01 20.95
CA ASP B 185 -24.81 17.61 21.89
C ASP B 185 -23.37 17.36 21.42
N GLU B 186 -22.51 18.37 21.58
CA GLU B 186 -21.13 18.32 21.09
C GLU B 186 -21.04 17.69 19.68
N VAL B 187 -21.78 18.19 18.68
CA VAL B 187 -21.90 17.53 17.38
C VAL B 187 -20.55 17.21 16.73
N MET B 188 -19.55 18.12 16.72
CA MET B 188 -18.27 17.86 16.07
C MET B 188 -17.48 16.75 16.78
N SER B 189 -17.74 16.58 18.09
CA SER B 189 -17.22 15.49 18.90
C SER B 189 -18.06 14.21 18.70
N THR B 190 -19.38 14.34 18.52
CA THR B 190 -20.31 13.23 18.34
C THR B 190 -20.03 12.53 16.99
N LEU B 191 -19.98 13.26 15.88
CA LEU B 191 -19.45 12.69 14.64
C LEU B 191 -17.91 12.80 14.60
N GLY B 192 -17.28 12.92 15.78
CA GLY B 192 -15.82 12.91 15.98
C GLY B 192 -15.31 11.58 16.54
N GLN B 193 -15.96 11.03 17.57
CA GLN B 193 -15.71 9.67 18.06
C GLN B 193 -15.97 8.63 16.95
N LEU B 194 -16.74 9.01 15.93
CA LEU B 194 -17.02 8.22 14.72
C LEU B 194 -15.73 7.75 14.03
N TYR B 195 -14.64 8.54 14.13
CA TYR B 195 -13.34 8.22 13.55
C TYR B 195 -12.44 7.39 14.46
N SER B 196 -12.88 7.02 15.67
CA SER B 196 -12.06 6.28 16.62
C SER B 196 -11.68 4.88 16.11
N PRO B 197 -10.43 4.40 16.36
CA PRO B 197 -9.99 3.08 15.91
C PRO B 197 -10.86 1.89 16.31
N THR B 198 -11.62 2.04 17.43
CA THR B 198 -12.43 0.98 18.02
C THR B 198 -13.91 1.07 17.60
N MET B 199 -14.26 1.97 16.67
CA MET B 199 -15.65 2.14 16.24
C MET B 199 -16.20 0.89 15.54
N GLN B 200 -17.51 0.61 15.75
CA GLN B 200 -18.17 -0.61 15.27
C GLN B 200 -19.39 -0.27 14.39
N GLN B 201 -19.62 -1.12 13.37
CA GLN B 201 -20.75 -1.05 12.45
C GLN B 201 -20.80 0.27 11.68
N LEU B 202 -19.62 0.85 11.40
CA LEU B 202 -19.45 2.19 10.85
C LEU B 202 -20.26 2.42 9.56
N GLY B 203 -20.24 1.44 8.65
CA GLY B 203 -20.92 1.51 7.36
C GLY B 203 -22.44 1.67 7.46
N ARG B 204 -23.04 1.28 8.61
CA ARG B 204 -24.46 1.47 8.88
C ARG B 204 -24.72 2.64 9.83
N VAL B 205 -23.78 2.97 10.74
CA VAL B 205 -23.94 4.10 11.64
C VAL B 205 -23.91 5.45 10.89
N ASP B 206 -23.13 5.56 9.80
CA ASP B 206 -23.21 6.70 8.89
C ASP B 206 -24.63 6.85 8.33
N ALA B 207 -25.20 5.74 7.81
CA ALA B 207 -26.56 5.73 7.27
C ALA B 207 -27.63 6.03 8.32
N LEU B 208 -27.50 5.50 9.56
CA LEU B 208 -28.43 5.78 10.66
C LEU B 208 -28.45 7.27 10.97
N MET B 209 -27.28 7.87 11.16
CA MET B 209 -27.18 9.30 11.38
C MET B 209 -27.77 10.09 10.22
N LEU B 210 -27.54 9.66 8.97
CA LEU B 210 -28.09 10.34 7.80
C LEU B 210 -29.62 10.25 7.75
N ARG B 211 -30.22 9.11 8.14
CA ARG B 211 -31.67 8.96 8.19
C ARG B 211 -32.30 9.93 9.19
N LEU B 212 -31.74 10.02 10.41
CA LEU B 212 -32.17 10.99 11.42
C LEU B 212 -32.05 12.43 10.90
N LEU B 213 -30.92 12.80 10.28
CA LEU B 213 -30.72 14.14 9.76
C LEU B 213 -31.67 14.46 8.60
N ARG B 214 -32.07 13.45 7.82
CA ARG B 214 -32.90 13.66 6.64
C ARG B 214 -34.36 13.99 6.99
N THR B 215 -34.97 13.31 7.98
CA THR B 215 -36.43 13.35 8.12
C THR B 215 -36.96 13.73 9.52
N CYS B 216 -36.11 13.93 10.54
CA CYS B 216 -36.59 14.57 11.77
C CYS B 216 -36.86 16.05 11.52
N PRO B 217 -38.04 16.60 11.92
CA PRO B 217 -38.41 17.97 11.55
C PRO B 217 -37.68 19.07 12.30
N ARG B 218 -37.41 18.87 13.61
CA ARG B 218 -36.75 19.87 14.46
C ARG B 218 -35.44 19.32 15.04
N ILE B 219 -34.31 20.00 14.80
CA ILE B 219 -32.98 19.52 15.20
C ILE B 219 -32.17 20.67 15.81
N ILE B 220 -31.42 20.39 16.88
CA ILE B 220 -30.46 21.34 17.44
C ILE B 220 -29.09 20.67 17.63
N ALA B 221 -27.99 21.40 17.35
CA ALA B 221 -26.63 20.87 17.40
C ALA B 221 -25.70 21.91 18.07
N MET B 222 -24.74 21.50 18.92
CA MET B 222 -24.20 22.41 19.93
C MET B 222 -22.68 22.38 20.20
N ASP B 223 -21.81 22.00 19.26
CA ASP B 223 -20.39 21.94 19.61
C ASP B 223 -19.77 23.34 19.70
N ALA B 224 -18.97 23.61 20.75
CA ALA B 224 -18.28 24.88 20.93
C ALA B 224 -17.25 25.19 19.83
N THR B 225 -16.90 24.21 18.97
CA THR B 225 -16.18 24.49 17.73
C THR B 225 -16.94 23.96 16.49
N ALA B 226 -18.25 24.15 16.39
CA ALA B 226 -19.00 24.01 15.14
C ALA B 226 -18.47 24.96 14.07
N ASN B 227 -18.55 24.56 12.79
CA ASN B 227 -17.92 25.31 11.71
C ASN B 227 -18.80 25.41 10.44
N ALA B 228 -18.31 26.21 9.48
CA ALA B 228 -18.98 26.48 8.21
C ALA B 228 -19.24 25.23 7.37
N GLN B 229 -18.47 24.15 7.52
CA GLN B 229 -18.73 22.90 6.80
C GLN B 229 -19.86 22.06 7.42
N LEU B 230 -20.18 22.24 8.70
CA LEU B 230 -21.42 21.71 9.25
C LEU B 230 -22.62 22.57 8.82
N VAL B 231 -22.47 23.90 8.76
CA VAL B 231 -23.49 24.80 8.22
C VAL B 231 -23.82 24.38 6.78
N ASP B 232 -22.83 24.24 5.91
CA ASP B 232 -23.00 23.80 4.55
C ASP B 232 -23.63 22.41 4.43
N PHE B 233 -23.24 21.44 5.27
CA PHE B 233 -23.83 20.10 5.19
C PHE B 233 -25.33 20.11 5.52
N LEU B 234 -25.76 20.84 6.56
CA LEU B 234 -27.18 20.98 6.88
C LEU B 234 -27.93 21.88 5.87
N CYS B 235 -27.32 22.95 5.36
CA CYS B 235 -27.91 23.70 4.27
C CYS B 235 -28.12 22.84 3.02
N GLY B 236 -27.24 21.85 2.76
CA GLY B 236 -27.40 20.91 1.67
C GLY B 236 -28.59 19.94 1.85
N LEU B 237 -28.75 19.36 3.06
CA LEU B 237 -29.77 18.35 3.31
C LEU B 237 -31.15 18.93 3.66
N ARG B 238 -31.21 20.21 4.09
CA ARG B 238 -32.46 20.79 4.56
C ARG B 238 -32.79 22.16 3.92
N GLY B 239 -31.88 22.74 3.13
CA GLY B 239 -32.17 23.96 2.35
C GLY B 239 -31.72 25.24 3.04
N GLU B 240 -31.20 26.19 2.24
CA GLU B 240 -30.53 27.41 2.73
C GLU B 240 -31.46 28.30 3.57
N LYS B 241 -32.77 28.25 3.30
CA LYS B 241 -33.73 29.09 3.99
C LYS B 241 -34.06 28.57 5.39
N ASN B 242 -33.94 27.26 5.60
CA ASN B 242 -34.46 26.58 6.78
C ASN B 242 -33.55 26.77 8.00
N VAL B 243 -32.23 26.66 7.83
CA VAL B 243 -31.26 26.61 8.91
C VAL B 243 -31.14 27.97 9.63
N HIS B 244 -30.89 27.94 10.96
CA HIS B 244 -30.61 29.15 11.74
C HIS B 244 -29.37 28.98 12.64
N VAL B 245 -28.53 30.01 12.77
CA VAL B 245 -27.22 29.88 13.41
C VAL B 245 -27.11 30.82 14.62
N VAL B 246 -26.71 30.27 15.80
CA VAL B 246 -26.51 31.03 17.04
C VAL B 246 -25.03 31.12 17.39
N VAL B 247 -24.50 32.35 17.53
CA VAL B 247 -23.10 32.57 17.87
C VAL B 247 -22.98 33.27 19.23
N GLY B 248 -22.41 32.54 20.21
CA GLY B 248 -22.14 33.06 21.54
C GLY B 248 -20.81 33.82 21.60
N GLU B 249 -20.75 34.87 22.44
CA GLU B 249 -19.57 35.71 22.53
C GLU B 249 -19.16 35.99 24.00
N TYR B 250 -19.94 35.49 25.00
CA TYR B 250 -19.65 35.73 26.41
C TYR B 250 -19.66 34.42 27.21
N ALA B 251 -18.72 34.31 28.17
CA ALA B 251 -18.57 33.19 29.07
C ALA B 251 -18.24 33.66 30.49
N MET B 252 -18.61 32.86 31.50
CA MET B 252 -18.71 33.34 32.87
C MET B 252 -17.32 33.63 33.46
N PRO B 253 -17.19 34.66 34.34
CA PRO B 253 -15.92 34.97 34.99
C PRO B 253 -15.32 33.77 35.72
N GLY B 254 -14.00 33.64 35.65
CA GLY B 254 -13.28 32.52 36.24
C GLY B 254 -13.33 31.25 35.37
N PHE B 255 -14.53 30.80 34.98
CA PHE B 255 -14.72 29.61 34.13
C PHE B 255 -13.94 29.69 32.82
N SER B 256 -13.94 30.89 32.21
CA SER B 256 -13.36 31.18 30.92
C SER B 256 -13.05 32.68 30.81
N ALA B 257 -12.42 33.28 31.85
CA ALA B 257 -11.97 34.66 31.84
C ALA B 257 -10.67 34.82 32.67
N ARG B 258 -9.78 33.82 32.49
CA ARG B 258 -8.43 33.76 33.04
C ARG B 258 -7.48 34.73 32.34
N ARG B 259 -6.20 34.66 32.70
CA ARG B 259 -5.12 35.33 31.98
C ARG B 259 -4.07 34.29 31.57
N CYS B 260 -4.32 33.59 30.47
CA CYS B 260 -3.33 32.70 29.95
C CYS B 260 -2.05 33.47 29.53
N LEU B 261 -0.88 32.96 29.91
CA LEU B 261 0.43 33.46 29.58
C LEU B 261 1.33 32.34 29.04
N PHE B 262 1.82 32.46 27.84
CA PHE B 262 2.88 31.58 27.37
C PHE B 262 4.23 32.11 27.91
N LEU B 263 5.14 31.21 28.29
CA LEU B 263 6.49 31.55 28.78
C LEU B 263 7.58 31.13 27.79
N PRO B 264 8.63 31.95 27.56
CA PRO B 264 9.70 31.63 26.61
C PRO B 264 10.79 30.68 27.04
N ARG B 265 10.94 30.45 28.35
CA ARG B 265 12.03 29.65 28.91
C ARG B 265 11.55 28.61 29.92
N LEU B 266 12.01 27.37 29.78
CA LEU B 266 11.67 26.31 30.73
C LEU B 266 12.37 26.52 32.08
N GLY B 267 13.67 26.88 32.01
CA GLY B 267 14.48 27.25 33.17
C GLY B 267 15.12 26.03 33.86
N THR B 268 15.60 25.06 33.08
CA THR B 268 16.08 23.79 33.66
C THR B 268 17.41 23.95 34.40
N GLU B 269 18.17 25.02 34.14
CA GLU B 269 19.35 25.35 34.94
C GLU B 269 19.02 25.50 36.43
N LEU B 270 17.80 25.96 36.76
CA LEU B 270 17.31 26.04 38.12
C LEU B 270 16.91 24.64 38.61
N LEU B 271 16.24 23.86 37.76
CA LEU B 271 15.76 22.52 38.10
C LEU B 271 16.90 21.60 38.57
N GLN B 272 18.00 21.53 37.79
CA GLN B 272 19.09 20.60 38.07
C GLN B 272 19.94 21.05 39.27
N ALA B 273 19.87 22.32 39.66
CA ALA B 273 20.42 22.80 40.92
C ALA B 273 19.50 22.46 42.10
N ALA B 274 18.17 22.53 41.89
CA ALA B 274 17.17 22.26 42.92
C ALA B 274 17.12 20.76 43.28
N LEU B 275 17.17 19.88 42.27
CA LEU B 275 17.19 18.42 42.49
C LEU B 275 18.59 17.92 42.83
N ARG B 276 19.42 18.74 43.48
CA ARG B 276 20.77 18.36 43.91
C ARG B 276 20.69 17.21 44.93
N PRO B 277 21.39 16.05 44.70
CA PRO B 277 21.49 14.97 45.68
C PRO B 277 22.03 15.43 47.04
N PRO B 278 21.95 14.59 48.11
CA PRO B 278 22.48 14.97 49.43
C PRO B 278 23.97 15.28 49.44
N GLY B 279 24.43 15.88 50.54
CA GLY B 279 25.72 16.57 50.59
C GLY B 279 25.54 18.08 50.44
N PRO B 280 26.58 18.82 49.95
CA PRO B 280 26.47 20.27 49.78
C PRO B 280 25.55 20.68 48.63
N PRO B 281 24.91 21.88 48.71
CA PRO B 281 24.02 22.36 47.65
C PRO B 281 24.71 22.84 46.37
N SER B 282 26.04 23.04 46.42
CA SER B 282 26.90 23.61 45.38
C SER B 282 26.70 25.13 45.20
N GLY B 283 27.74 25.81 44.70
CA GLY B 283 27.76 27.26 44.55
C GLY B 283 27.18 27.76 43.23
N PRO B 284 26.76 29.04 43.14
CA PRO B 284 26.22 29.60 41.90
C PRO B 284 27.30 29.88 40.85
N SER B 285 26.86 30.24 39.64
CA SER B 285 27.74 30.44 38.48
C SER B 285 27.33 31.70 37.70
N PRO B 286 28.26 32.35 36.94
CA PRO B 286 27.94 33.55 36.17
C PRO B 286 27.00 33.36 34.97
N ASP B 287 26.80 32.10 34.54
CA ASP B 287 25.86 31.75 33.47
C ASP B 287 24.39 32.03 33.86
N ALA B 288 24.14 32.24 35.16
CA ALA B 288 22.83 32.64 35.69
C ALA B 288 22.57 34.15 35.59
N SER B 289 23.58 34.97 35.21
CA SER B 289 23.48 36.42 35.26
C SER B 289 22.58 37.03 34.16
N PRO B 290 22.36 36.42 32.96
CA PRO B 290 21.41 36.97 31.99
C PRO B 290 19.97 37.08 32.50
N ASP B 291 19.17 37.94 31.85
CA ASP B 291 17.82 38.28 32.28
C ASP B 291 16.84 37.10 32.13
N ALA B 292 17.20 36.04 31.40
CA ALA B 292 16.34 34.91 31.06
C ALA B 292 14.98 35.37 30.51
N ARG B 293 14.97 36.50 29.78
CA ARG B 293 13.78 37.17 29.23
C ARG B 293 12.75 37.56 30.31
N GLY B 294 13.10 37.50 31.61
CA GLY B 294 12.27 38.02 32.69
C GLY B 294 11.35 36.97 33.34
N ALA B 295 11.22 35.78 32.72
CA ALA B 295 10.36 34.73 33.25
C ALA B 295 10.82 33.34 32.81
N THR B 296 10.68 32.36 33.73
CA THR B 296 10.88 30.93 33.45
C THR B 296 9.77 30.11 34.14
N PHE B 297 9.46 28.91 33.61
CA PHE B 297 8.47 28.01 34.20
C PHE B 297 8.89 27.60 35.61
N PHE B 298 10.09 27.01 35.78
CA PHE B 298 10.51 26.56 37.10
C PHE B 298 10.68 27.71 38.10
N GLY B 299 11.09 28.91 37.64
CA GLY B 299 11.17 30.10 38.50
C GLY B 299 9.79 30.61 38.96
N GLU B 300 8.84 30.76 38.03
CA GLU B 300 7.49 31.24 38.35
C GLU B 300 6.68 30.21 39.14
N LEU B 301 6.98 28.91 38.98
CA LEU B 301 6.45 27.84 39.82
C LEU B 301 6.94 27.96 41.26
N GLU B 302 8.28 28.01 41.41
CA GLU B 302 8.93 28.07 42.72
C GLU B 302 8.48 29.31 43.51
N ALA B 303 8.39 30.48 42.86
CA ALA B 303 8.02 31.73 43.50
C ALA B 303 6.59 31.75 44.07
N ARG B 304 5.68 30.95 43.52
CA ARG B 304 4.29 30.85 44.00
C ARG B 304 4.13 29.70 44.98
N LEU B 305 4.76 28.54 44.69
CA LEU B 305 4.68 27.37 45.54
C LEU B 305 5.35 27.65 46.90
N GLY B 306 6.52 28.30 46.89
CA GLY B 306 7.14 28.80 48.12
C GLY B 306 6.32 29.91 48.80
N GLY B 307 5.58 30.69 47.99
CA GLY B 307 4.72 31.77 48.46
C GLY B 307 3.35 31.31 49.01
N GLY B 308 3.09 30.00 49.06
CA GLY B 308 1.95 29.44 49.78
C GLY B 308 0.79 28.98 48.89
N ASP B 309 0.93 29.07 47.56
CA ASP B 309 -0.16 28.76 46.63
C ASP B 309 -0.38 27.25 46.44
N ASN B 310 -1.62 26.84 46.14
CA ASN B 310 -1.97 25.46 45.81
C ASN B 310 -2.17 25.36 44.29
N ILE B 311 -1.53 24.40 43.65
CA ILE B 311 -1.27 24.46 42.22
C ILE B 311 -1.52 23.13 41.50
N CYS B 312 -2.46 23.08 40.55
CA CYS B 312 -2.55 21.92 39.66
C CYS B 312 -1.43 21.99 38.64
N ILE B 313 -1.01 20.82 38.11
CA ILE B 313 -0.13 20.87 36.95
C ILE B 313 -0.61 19.85 35.93
N PHE B 314 -1.07 20.29 34.76
CA PHE B 314 -1.27 19.38 33.64
C PHE B 314 0.08 19.10 32.99
N SER B 315 0.27 17.89 32.42
CA SER B 315 1.43 17.62 31.58
C SER B 315 1.04 16.62 30.51
N SER B 316 1.24 17.02 29.25
CA SER B 316 0.93 16.18 28.11
C SER B 316 1.80 14.92 28.11
N THR B 317 3.00 14.97 28.73
CA THR B 317 3.81 13.77 28.86
C THR B 317 4.07 13.43 30.30
N VAL B 318 3.94 12.16 30.65
CA VAL B 318 4.23 11.59 31.96
C VAL B 318 5.71 11.77 32.30
N SER B 319 6.63 11.69 31.34
CA SER B 319 8.04 11.79 31.66
C SER B 319 8.47 13.17 32.21
N PHE B 320 7.65 14.21 31.97
CA PHE B 320 7.82 15.49 32.62
C PHE B 320 7.00 15.63 33.93
N ALA B 321 5.81 15.03 33.99
CA ALA B 321 4.99 15.00 35.19
C ALA B 321 5.73 14.36 36.35
N GLU B 322 6.53 13.32 36.08
CA GLU B 322 7.24 12.63 37.15
C GLU B 322 8.48 13.40 37.59
N ILE B 323 8.97 14.34 36.78
CA ILE B 323 10.07 15.19 37.21
C ILE B 323 9.50 16.31 38.08
N VAL B 324 8.46 17.05 37.64
CA VAL B 324 7.96 18.22 38.37
C VAL B 324 7.29 17.86 39.73
N ALA B 325 6.91 16.61 39.92
CA ALA B 325 6.57 16.08 41.24
C ALA B 325 7.76 16.14 42.20
N ARG B 326 8.94 15.68 41.78
CA ARG B 326 10.12 15.67 42.65
C ARG B 326 10.54 17.10 43.03
N PHE B 327 10.41 18.05 42.09
CA PHE B 327 10.70 19.45 42.35
C PHE B 327 9.77 20.08 43.40
N CYS B 328 8.56 19.52 43.59
CA CYS B 328 7.67 19.95 44.66
C CYS B 328 7.89 19.17 45.98
N ARG B 329 8.31 17.90 45.92
CA ARG B 329 8.44 17.05 47.10
C ARG B 329 9.38 17.64 48.15
N GLN B 330 10.38 18.45 47.74
CA GLN B 330 11.30 19.07 48.68
C GLN B 330 10.71 20.33 49.35
N PHE B 331 9.64 20.90 48.78
CA PHE B 331 8.93 22.06 49.33
C PHE B 331 7.74 21.68 50.22
N THR B 332 7.01 20.59 49.89
CA THR B 332 5.90 20.12 50.70
C THR B 332 5.64 18.61 50.49
N ASP B 333 5.03 17.95 51.49
CA ASP B 333 4.69 16.54 51.41
C ASP B 333 3.32 16.28 50.77
N ARG B 334 2.43 17.28 50.73
CA ARG B 334 1.06 17.12 50.24
C ARG B 334 0.98 17.18 48.70
N VAL B 335 1.66 16.23 48.02
CA VAL B 335 1.79 16.25 46.57
C VAL B 335 1.29 14.91 46.01
N LEU B 336 0.23 14.99 45.20
CA LEU B 336 -0.36 13.85 44.48
C LEU B 336 0.25 13.72 43.07
N LEU B 337 -0.02 12.58 42.41
CA LEU B 337 0.20 12.40 40.98
C LEU B 337 -0.90 11.47 40.47
N LEU B 338 -1.39 11.71 39.23
CA LEU B 338 -2.57 11.06 38.66
C LEU B 338 -2.36 10.64 37.20
N HIS B 339 -1.17 10.20 36.80
CA HIS B 339 -0.98 9.82 35.40
C HIS B 339 -1.78 8.56 35.05
N SER B 340 -1.82 8.21 33.75
CA SER B 340 -2.78 7.27 33.21
C SER B 340 -2.63 5.83 33.74
N LEU B 341 -1.49 5.49 34.39
CA LEU B 341 -1.28 4.17 34.97
C LEU B 341 -1.64 4.10 36.47
N THR B 342 -1.87 5.26 37.12
CA THR B 342 -2.34 5.33 38.51
C THR B 342 -3.84 5.06 38.60
N PRO B 343 -4.38 4.64 39.79
CA PRO B 343 -5.84 4.55 39.99
C PRO B 343 -6.52 5.91 40.01
N LEU B 344 -7.51 6.10 39.13
CA LEU B 344 -8.21 7.37 38.99
C LEU B 344 -9.04 7.68 40.24
N GLY B 345 -8.78 8.84 40.87
CA GLY B 345 -9.59 9.33 41.98
C GLY B 345 -10.64 10.33 41.50
N ASP B 346 -11.81 10.32 42.15
CA ASP B 346 -12.85 11.33 41.94
C ASP B 346 -12.34 12.72 42.35
N VAL B 347 -12.68 13.77 41.58
CA VAL B 347 -12.06 15.08 41.74
C VAL B 347 -12.36 15.72 43.09
N THR B 348 -13.38 15.28 43.85
CA THR B 348 -13.61 15.77 45.20
C THR B 348 -12.51 15.32 46.17
N THR B 349 -11.69 14.32 45.76
CA THR B 349 -10.49 13.88 46.49
C THR B 349 -9.40 14.96 46.44
N TRP B 350 -9.43 15.85 45.44
CA TRP B 350 -8.51 16.97 45.36
C TRP B 350 -8.99 18.07 46.33
N GLY B 351 -8.19 19.11 46.55
CA GLY B 351 -8.51 20.12 47.56
C GLY B 351 -7.93 19.83 48.95
N GLN B 352 -7.49 18.59 49.19
CA GLN B 352 -6.64 18.25 50.33
C GLN B 352 -5.19 18.66 50.02
N TYR B 353 -4.75 18.38 48.78
CA TYR B 353 -3.36 18.49 48.36
C TYR B 353 -2.93 19.91 47.96
N ARG B 354 -1.62 20.16 48.06
CA ARG B 354 -1.03 21.39 47.60
C ARG B 354 -0.74 21.33 46.10
N VAL B 355 -0.52 20.12 45.55
CA VAL B 355 -0.21 19.91 44.14
C VAL B 355 -0.89 18.64 43.67
N VAL B 356 -1.39 18.61 42.42
CA VAL B 356 -2.17 17.45 41.97
C VAL B 356 -1.88 17.07 40.52
N ILE B 357 -0.61 16.91 40.16
CA ILE B 357 -0.23 16.63 38.80
C ILE B 357 -1.10 15.56 38.09
N TYR B 358 -1.49 15.77 36.82
CA TYR B 358 -2.30 14.83 36.05
C TYR B 358 -2.00 14.85 34.55
N THR B 359 -2.46 13.84 33.76
CA THR B 359 -2.06 13.75 32.34
C THR B 359 -3.15 13.21 31.39
N THR B 360 -4.13 14.03 30.98
CA THR B 360 -5.13 13.76 29.91
C THR B 360 -6.15 12.66 30.31
N VAL B 361 -5.95 11.97 31.43
CA VAL B 361 -6.96 11.08 31.98
C VAL B 361 -8.31 11.79 32.21
N VAL B 362 -8.27 13.10 32.52
CA VAL B 362 -9.45 13.85 32.89
C VAL B 362 -10.30 14.25 31.65
N THR B 363 -9.96 13.74 30.46
CA THR B 363 -10.81 13.86 29.28
C THR B 363 -12.17 13.19 29.49
N VAL B 364 -12.22 12.08 30.25
CA VAL B 364 -13.41 11.25 30.41
C VAL B 364 -13.98 11.27 31.84
N GLY B 365 -13.53 12.24 32.66
CA GLY B 365 -14.01 12.42 34.03
C GLY B 365 -14.65 13.80 34.26
N LEU B 366 -15.26 13.95 35.44
CA LEU B 366 -15.97 15.18 35.80
C LEU B 366 -15.00 16.34 36.07
N SER B 367 -15.52 17.56 35.95
CA SER B 367 -14.77 18.79 36.20
C SER B 367 -14.74 19.15 37.69
N PHE B 368 -13.58 19.66 38.15
CA PHE B 368 -13.40 20.15 39.51
C PHE B 368 -13.96 21.58 39.63
N ASP B 369 -15.01 21.72 40.47
CA ASP B 369 -15.79 22.95 40.62
C ASP B 369 -15.30 23.89 41.75
N PRO B 370 -14.90 23.41 42.96
CA PRO B 370 -14.52 24.29 44.09
C PRO B 370 -13.38 25.27 43.87
N LEU B 371 -13.39 26.39 44.61
CA LEU B 371 -12.41 27.45 44.45
C LEU B 371 -11.11 27.21 45.25
N HIS B 372 -10.51 26.02 45.10
CA HIS B 372 -9.35 25.63 45.90
C HIS B 372 -8.05 26.18 45.32
N PHE B 373 -7.82 25.96 44.02
CA PHE B 373 -6.51 26.20 43.42
C PHE B 373 -6.26 27.69 43.13
N ASP B 374 -5.05 28.17 43.46
CA ASP B 374 -4.73 29.56 43.26
C ASP B 374 -4.54 29.81 41.77
N GLY B 375 -3.81 28.86 41.15
CA GLY B 375 -3.40 28.91 39.77
C GLY B 375 -3.21 27.52 39.17
N MET B 376 -2.48 27.44 38.07
CA MET B 376 -2.37 26.19 37.35
C MET B 376 -1.26 26.36 36.29
N PHE B 377 -0.54 25.28 36.05
CA PHE B 377 0.51 25.27 35.06
C PHE B 377 0.19 24.14 34.08
N ALA B 378 0.71 24.27 32.86
CA ALA B 378 0.60 23.21 31.88
C ALA B 378 1.91 23.09 31.09
N TYR B 379 2.19 21.86 30.66
CA TYR B 379 3.26 21.66 29.72
C TYR B 379 2.66 20.92 28.58
N VAL B 380 2.74 21.49 27.38
CA VAL B 380 2.17 20.91 26.19
C VAL B 380 3.29 20.55 25.21
N LYS B 381 3.26 19.39 24.57
CA LYS B 381 4.35 18.98 23.69
C LYS B 381 3.82 18.32 22.43
N PRO B 382 3.78 19.03 21.28
CA PRO B 382 3.46 18.42 19.99
C PRO B 382 4.39 17.26 19.57
N MET B 383 3.74 16.10 19.36
CA MET B 383 4.30 14.78 19.18
C MET B 383 3.46 14.01 18.16
N ASN B 384 4.08 13.20 17.29
CA ASN B 384 3.36 12.59 16.19
C ASN B 384 2.40 11.50 16.64
N TYR B 385 2.67 10.87 17.81
CA TYR B 385 1.74 9.88 18.36
C TYR B 385 1.04 10.35 19.64
N GLY B 386 1.13 11.66 19.96
CA GLY B 386 0.53 12.22 21.15
C GLY B 386 -0.86 12.79 20.97
N PRO B 387 -1.47 13.34 22.04
CA PRO B 387 -2.77 13.97 21.98
C PRO B 387 -2.75 15.35 21.33
N ASP B 388 -3.84 15.64 20.60
CA ASP B 388 -4.00 16.82 19.76
C ASP B 388 -4.47 18.04 20.54
N MET B 389 -4.37 19.27 19.96
CA MET B 389 -4.57 20.49 20.74
C MET B 389 -6.01 20.70 21.24
N VAL B 390 -7.02 20.09 20.58
CA VAL B 390 -8.38 20.11 21.10
C VAL B 390 -8.54 19.19 22.32
N SER B 391 -7.79 18.07 22.38
CA SER B 391 -7.77 17.18 23.52
C SER B 391 -6.98 17.80 24.67
N VAL B 392 -5.96 18.61 24.36
CA VAL B 392 -5.26 19.37 25.35
C VAL B 392 -6.17 20.47 25.90
N TYR B 393 -6.92 21.16 25.03
CA TYR B 393 -7.80 22.24 25.44
C TYR B 393 -8.87 21.81 26.45
N GLN B 394 -9.60 20.75 26.15
CA GLN B 394 -10.58 20.26 27.10
C GLN B 394 -9.97 19.47 28.29
N SER B 395 -8.65 19.28 28.36
CA SER B 395 -8.01 18.87 29.60
C SER B 395 -7.71 20.08 30.51
N LEU B 396 -7.52 21.30 29.98
CA LEU B 396 -7.26 22.47 30.78
C LEU B 396 -8.55 23.06 31.36
N GLY B 397 -9.71 22.69 30.81
CA GLY B 397 -10.93 23.24 31.37
C GLY B 397 -11.57 22.29 32.37
N ARG B 398 -10.90 21.18 32.73
CA ARG B 398 -11.37 20.24 33.73
C ARG B 398 -11.09 20.69 35.15
N VAL B 399 -10.34 21.77 35.36
CA VAL B 399 -10.38 22.56 36.60
C VAL B 399 -11.04 23.91 36.33
N ARG B 400 -12.13 24.24 37.04
CA ARG B 400 -13.05 25.29 36.59
C ARG B 400 -12.66 26.72 37.03
N THR B 401 -12.53 26.96 38.34
CA THR B 401 -12.35 28.31 38.86
C THR B 401 -11.07 28.41 39.70
N LEU B 402 -10.36 29.54 39.63
CA LEU B 402 -9.03 29.70 40.20
C LEU B 402 -8.95 31.00 41.01
N ARG B 403 -8.27 30.98 42.17
CA ARG B 403 -8.34 32.06 43.14
C ARG B 403 -7.73 33.38 42.63
N LYS B 404 -6.68 33.31 41.78
CA LYS B 404 -6.06 34.50 41.21
C LYS B 404 -6.21 34.59 39.67
N GLY B 405 -6.82 33.57 39.05
CA GLY B 405 -7.19 33.59 37.65
C GLY B 405 -6.03 33.34 36.67
N GLU B 406 -4.92 32.76 37.16
CA GLU B 406 -3.72 32.58 36.33
C GLU B 406 -3.61 31.17 35.72
N LEU B 407 -2.82 31.06 34.66
CA LEU B 407 -2.57 29.85 33.90
C LEU B 407 -1.33 30.13 33.05
N LEU B 408 -0.28 29.32 33.16
CA LEU B 408 0.98 29.48 32.44
C LEU B 408 1.27 28.23 31.62
N ILE B 409 1.58 28.38 30.36
CA ILE B 409 1.66 27.25 29.43
C ILE B 409 3.07 27.27 28.82
N TYR B 410 3.70 26.10 28.76
CA TYR B 410 4.95 25.98 28.02
C TYR B 410 4.74 25.01 26.84
N MET B 411 5.11 25.42 25.63
CA MET B 411 5.07 24.55 24.46
C MET B 411 6.45 23.97 24.17
N ASP B 412 6.67 22.68 24.39
CA ASP B 412 7.95 22.06 24.08
C ASP B 412 8.03 21.66 22.61
N GLY B 413 8.71 22.48 21.81
CA GLY B 413 8.82 22.23 20.38
C GLY B 413 10.00 21.34 19.97
N SER B 414 10.68 20.66 20.89
CA SER B 414 11.91 19.95 20.57
C SER B 414 11.71 18.87 19.48
N GLY B 415 10.51 18.30 19.39
CA GLY B 415 10.21 17.27 18.41
C GLY B 415 9.24 17.76 17.34
N ALA B 416 9.16 19.10 17.17
CA ALA B 416 8.35 19.72 16.14
C ALA B 416 9.17 20.73 15.33
N ARG B 417 10.32 20.29 14.80
CA ARG B 417 11.27 21.16 14.10
C ARG B 417 10.78 21.63 12.73
N SER B 418 9.76 20.95 12.17
CA SER B 418 9.51 20.88 10.74
C SER B 418 8.94 22.16 10.12
N GLU B 419 8.96 22.16 8.78
CA GLU B 419 8.43 23.24 7.95
C GLU B 419 6.92 23.38 8.11
N PRO B 420 6.34 24.60 7.98
CA PRO B 420 4.90 24.81 8.19
C PRO B 420 3.99 23.91 7.36
N VAL B 421 2.82 23.60 7.93
CA VAL B 421 1.80 22.73 7.33
C VAL B 421 0.64 23.58 6.81
N PHE B 422 0.26 24.68 7.51
CA PHE B 422 -0.78 25.59 7.05
C PHE B 422 -0.22 26.63 6.07
N THR B 423 0.20 26.17 4.87
CA THR B 423 0.87 27.00 3.87
C THR B 423 -0.11 27.88 3.10
N PRO B 424 0.34 29.03 2.52
CA PRO B 424 -0.55 29.89 1.72
C PRO B 424 -1.18 29.19 0.52
N MET B 425 -0.52 28.16 -0.03
CA MET B 425 -1.06 27.38 -1.13
C MET B 425 -2.33 26.60 -0.73
N LEU B 426 -2.48 26.28 0.56
CA LEU B 426 -3.68 25.66 1.10
C LEU B 426 -4.74 26.73 1.35
N LEU B 427 -4.33 27.90 1.88
CA LEU B 427 -5.25 29.00 2.16
C LEU B 427 -5.94 29.43 0.87
N ASN B 428 -5.18 29.69 -0.21
CA ASN B 428 -5.74 30.16 -1.48
C ASN B 428 -6.73 29.15 -2.06
N HIS B 429 -6.38 27.86 -2.02
CA HIS B 429 -7.21 26.78 -2.55
C HIS B 429 -8.54 26.61 -1.80
N VAL B 430 -8.49 26.71 -0.47
CA VAL B 430 -9.69 26.63 0.36
C VAL B 430 -10.53 27.89 0.17
N VAL B 431 -9.96 29.09 0.31
CA VAL B 431 -10.75 30.32 0.34
C VAL B 431 -11.38 30.62 -1.03
N SER B 432 -10.73 30.22 -2.14
CA SER B 432 -11.26 30.42 -3.48
C SER B 432 -12.43 29.48 -3.78
N SER B 433 -12.53 28.35 -3.06
CA SER B 433 -13.44 27.26 -3.40
C SER B 433 -14.65 27.20 -2.44
N CYS B 434 -15.24 28.38 -2.15
CA CYS B 434 -16.34 28.55 -1.20
C CYS B 434 -16.02 28.07 0.22
N GLY B 435 -14.71 27.90 0.53
CA GLY B 435 -14.27 27.40 1.83
C GLY B 435 -14.34 25.88 1.96
N GLN B 436 -14.38 25.14 0.84
CA GLN B 436 -14.35 23.68 0.88
C GLN B 436 -12.90 23.18 1.12
N TRP B 437 -12.73 22.19 2.03
CA TRP B 437 -11.43 21.68 2.43
C TRP B 437 -11.00 20.45 1.63
N PRO B 438 -9.68 20.30 1.30
CA PRO B 438 -9.23 19.25 0.38
C PRO B 438 -9.06 17.84 0.95
N ALA B 439 -8.92 17.74 2.29
CA ALA B 439 -8.83 16.49 3.05
C ALA B 439 -7.52 15.70 2.88
N GLN B 440 -6.54 16.20 2.11
CA GLN B 440 -5.14 15.71 2.20
C GLN B 440 -4.17 16.83 1.81
N PHE B 441 -2.93 16.78 2.35
CA PHE B 441 -1.97 17.88 2.23
C PHE B 441 -1.39 18.02 0.82
N SER B 442 -1.50 16.96 -0.01
CA SER B 442 -0.98 16.95 -1.37
C SER B 442 -1.78 17.86 -2.32
N GLN B 443 -3.03 18.18 -1.94
CA GLN B 443 -3.98 18.94 -2.76
C GLN B 443 -4.38 18.17 -4.03
N VAL B 444 -4.06 16.86 -4.13
CA VAL B 444 -4.23 16.03 -5.33
C VAL B 444 -4.88 14.69 -4.96
N THR B 445 -5.64 14.09 -5.90
CA THR B 445 -6.36 12.84 -5.70
C THR B 445 -5.42 11.65 -5.60
N ASP B 462 -4.96 5.46 -5.69
CA ASP B 462 -6.40 5.81 -5.56
C ASP B 462 -7.14 4.78 -4.68
N THR B 463 -6.66 4.62 -3.44
CA THR B 463 -7.23 3.70 -2.45
C THR B 463 -8.63 4.15 -2.01
N SER B 464 -9.68 3.51 -2.53
CA SER B 464 -11.05 3.79 -2.11
C SER B 464 -11.39 2.95 -0.87
N LEU B 465 -10.93 3.39 0.31
CA LEU B 465 -11.14 2.66 1.56
C LEU B 465 -12.60 2.75 2.03
N GLY B 466 -13.17 3.97 2.05
CA GLY B 466 -14.62 4.21 2.12
C GLY B 466 -15.39 3.37 3.14
N ARG B 467 -14.95 3.36 4.42
CA ARG B 467 -15.56 2.54 5.46
C ARG B 467 -16.96 3.04 5.87
N GLY B 468 -17.18 4.37 5.83
CA GLY B 468 -18.50 4.97 5.99
C GLY B 468 -19.23 5.13 4.66
N SER B 469 -19.89 6.29 4.44
CA SER B 469 -20.48 6.58 3.13
C SER B 469 -20.54 8.08 2.82
N ARG B 470 -21.10 8.92 3.72
CA ARG B 470 -21.31 10.34 3.43
C ARG B 470 -20.88 11.28 4.55
N ILE B 471 -21.31 11.04 5.79
CA ILE B 471 -20.85 11.83 6.93
C ILE B 471 -19.34 11.61 7.11
N TYR B 472 -18.88 10.35 6.98
CA TYR B 472 -17.47 10.02 7.12
C TYR B 472 -16.60 10.75 6.08
N ASN B 473 -17.06 10.83 4.82
CA ASN B 473 -16.35 11.54 3.77
C ASN B 473 -16.38 13.07 3.90
N LYS B 474 -17.51 13.63 4.36
CA LYS B 474 -17.66 15.08 4.45
C LYS B 474 -16.72 15.67 5.51
N PHE B 475 -16.59 15.00 6.66
CA PHE B 475 -15.83 15.53 7.78
C PHE B 475 -14.42 14.94 7.91
N ARG B 476 -13.97 14.11 6.97
CA ARG B 476 -12.67 13.45 7.03
C ARG B 476 -11.51 14.43 7.11
N TYR B 477 -11.72 15.65 6.61
CA TYR B 477 -10.67 16.64 6.58
C TYR B 477 -10.27 17.09 7.97
N LYS B 478 -11.19 17.06 8.94
CA LYS B 478 -10.95 17.62 10.26
C LYS B 478 -9.99 16.73 11.04
N HIS B 479 -10.23 15.43 11.10
CA HIS B 479 -9.31 14.52 11.72
C HIS B 479 -7.94 14.51 11.05
N TYR B 480 -7.86 14.67 9.74
CA TYR B 480 -6.55 14.74 9.08
C TYR B 480 -5.74 15.96 9.52
N PHE B 481 -6.28 17.17 9.51
CA PHE B 481 -5.52 18.34 9.89
C PHE B 481 -5.29 18.46 11.40
N GLU B 482 -6.10 17.78 12.22
CA GLU B 482 -5.83 17.71 13.65
C GLU B 482 -4.64 16.86 14.02
N ARG B 483 -4.32 15.84 13.22
CA ARG B 483 -3.15 15.03 13.46
C ARG B 483 -1.90 15.60 12.77
N CYS B 484 -2.03 16.19 11.59
CA CYS B 484 -0.88 16.65 10.83
C CYS B 484 -0.20 17.85 11.42
N THR B 485 -0.96 18.77 11.97
CA THR B 485 -0.38 20.00 12.52
C THR B 485 0.53 19.78 13.74
N LEU B 486 0.45 18.63 14.45
CA LEU B 486 1.34 18.29 15.57
C LEU B 486 2.77 18.09 15.11
N ALA B 487 3.02 17.97 13.79
CA ALA B 487 4.36 17.88 13.21
C ALA B 487 5.13 19.20 13.30
N CYS B 488 4.44 20.30 13.60
CA CYS B 488 4.99 21.63 13.53
C CYS B 488 4.63 22.46 14.78
N LEU B 489 5.55 23.31 15.25
CA LEU B 489 5.27 24.10 16.44
C LEU B 489 4.41 25.35 16.14
N SER B 490 4.70 26.13 15.10
CA SER B 490 3.92 27.33 14.81
C SER B 490 2.42 27.06 14.61
N ASP B 491 2.11 25.94 13.93
CA ASP B 491 0.75 25.59 13.55
C ASP B 491 -0.06 24.95 14.68
N SER B 492 0.62 24.24 15.57
CA SER B 492 0.09 23.77 16.82
C SER B 492 -0.13 24.96 17.73
N LEU B 493 0.82 25.91 17.80
CA LEU B 493 0.67 27.08 18.66
C LEU B 493 -0.50 28.00 18.26
N ASN B 494 -0.66 28.26 16.97
CA ASN B 494 -1.79 29.03 16.47
C ASN B 494 -3.15 28.33 16.56
N ILE B 495 -3.20 27.00 16.55
CA ILE B 495 -4.42 26.31 16.91
C ILE B 495 -4.70 26.49 18.42
N LEU B 496 -3.74 26.30 19.31
CA LEU B 496 -4.05 26.36 20.72
C LEU B 496 -4.43 27.79 21.09
N HIS B 497 -3.74 28.77 20.48
CA HIS B 497 -4.06 30.19 20.71
C HIS B 497 -5.47 30.56 20.24
N MET B 498 -5.95 29.90 19.18
CA MET B 498 -7.31 30.09 18.72
C MET B 498 -8.31 29.46 19.68
N LEU B 499 -8.10 28.22 20.06
CA LEU B 499 -9.07 27.52 20.86
C LEU B 499 -9.22 28.21 22.20
N LEU B 500 -8.16 28.80 22.79
CA LEU B 500 -8.33 29.59 24.01
C LEU B 500 -9.09 30.90 23.73
N THR B 501 -8.73 31.61 22.64
CA THR B 501 -9.28 32.93 22.35
C THR B 501 -10.76 32.87 21.97
N LEU B 502 -11.15 31.88 21.18
CA LEU B 502 -12.57 31.64 20.85
C LEU B 502 -13.35 31.03 22.02
N ASN B 503 -12.81 31.12 23.25
CA ASN B 503 -13.49 30.73 24.49
C ASN B 503 -13.18 31.77 25.55
N CYS B 504 -13.17 33.05 25.15
CA CYS B 504 -13.24 34.23 26.01
C CYS B 504 -11.95 34.57 26.77
N ILE B 505 -11.02 33.61 26.95
CA ILE B 505 -9.80 33.81 27.74
C ILE B 505 -8.87 34.79 27.02
N ARG B 506 -8.38 35.82 27.71
CA ARG B 506 -7.30 36.66 27.16
C ARG B 506 -5.97 35.87 27.17
N VAL B 507 -5.35 35.70 26.00
CA VAL B 507 -4.05 35.06 25.85
C VAL B 507 -2.96 36.13 25.58
N ARG B 508 -1.84 36.02 26.29
CA ARG B 508 -0.68 36.88 26.12
C ARG B 508 0.59 36.02 25.98
N PHE B 509 1.53 36.46 25.15
CA PHE B 509 2.88 35.92 25.21
C PHE B 509 3.71 36.88 26.07
N TRP B 510 4.54 36.35 26.99
CA TRP B 510 5.27 37.17 27.95
C TRP B 510 6.11 38.26 27.26
N GLY B 511 5.96 39.50 27.74
CA GLY B 511 6.72 40.63 27.22
C GLY B 511 6.06 41.39 26.06
N HIS B 512 4.95 40.90 25.51
CA HIS B 512 4.27 41.53 24.37
C HIS B 512 2.86 41.94 24.77
N ASP B 513 2.76 42.93 25.67
CA ASP B 513 1.56 43.21 26.45
C ASP B 513 0.38 43.72 25.60
N ASP B 514 0.69 44.44 24.51
CA ASP B 514 -0.32 45.10 23.70
C ASP B 514 -0.86 44.17 22.60
N THR B 515 -0.04 43.90 21.57
CA THR B 515 -0.39 43.04 20.43
C THR B 515 0.87 42.50 19.74
N LEU B 516 0.69 41.43 18.93
CA LEU B 516 1.77 40.84 18.14
C LEU B 516 1.60 41.14 16.65
N THR B 517 2.65 41.69 16.01
CA THR B 517 2.78 41.62 14.55
C THR B 517 3.30 40.24 14.16
N PRO B 518 3.19 39.80 12.88
CA PRO B 518 3.78 38.54 12.45
C PRO B 518 5.27 38.42 12.81
N LYS B 519 6.01 39.54 12.73
CA LYS B 519 7.42 39.59 13.07
C LYS B 519 7.64 39.32 14.56
N ASP B 520 6.78 39.85 15.44
CA ASP B 520 6.92 39.65 16.87
C ASP B 520 6.68 38.19 17.27
N PHE B 521 5.70 37.54 16.64
CA PHE B 521 5.47 36.10 16.78
C PHE B 521 6.70 35.32 16.29
N CYS B 522 7.24 35.64 15.13
CA CYS B 522 8.40 34.94 14.59
C CYS B 522 9.66 35.07 15.48
N LEU B 523 9.82 36.18 16.22
CA LEU B 523 10.90 36.36 17.19
C LEU B 523 10.72 35.46 18.42
N PHE B 524 9.51 35.44 18.99
CA PHE B 524 9.19 34.59 20.15
C PHE B 524 9.29 33.10 19.81
N LEU B 525 8.82 32.72 18.62
CA LEU B 525 8.82 31.35 18.13
C LEU B 525 10.26 30.84 17.99
N ARG B 526 11.16 31.53 17.28
CA ARG B 526 12.52 31.05 17.10
C ARG B 526 13.27 31.02 18.44
N GLY B 527 12.85 31.85 19.40
CA GLY B 527 13.37 31.81 20.76
C GLY B 527 13.00 30.52 21.50
N VAL B 528 11.71 30.17 21.56
CA VAL B 528 11.27 29.01 22.31
C VAL B 528 11.69 27.70 21.61
N HIS B 529 11.92 27.73 20.29
CA HIS B 529 12.55 26.63 19.57
C HIS B 529 13.99 26.37 20.03
N PHE B 530 14.75 27.42 20.35
CA PHE B 530 16.12 27.28 20.85
C PHE B 530 16.11 26.86 22.31
N ASP B 531 15.20 27.42 23.12
CA ASP B 531 15.08 27.05 24.52
C ASP B 531 14.87 25.53 24.69
N ALA B 532 13.92 24.95 23.97
CA ALA B 532 13.59 23.54 24.09
C ALA B 532 14.70 22.65 23.48
N LEU B 533 15.53 23.18 22.58
CA LEU B 533 16.66 22.43 22.06
C LEU B 533 17.74 22.26 23.13
N ARG B 534 18.04 23.33 23.91
CA ARG B 534 19.03 23.29 24.97
C ARG B 534 18.50 22.56 26.21
N ALA B 535 17.33 22.94 26.72
CA ALA B 535 16.80 22.43 27.97
C ALA B 535 16.53 20.93 27.94
N GLN B 536 16.37 20.34 26.74
CA GLN B 536 16.10 18.92 26.58
C GLN B 536 17.27 18.05 27.04
N ARG B 537 18.51 18.58 27.07
CA ARG B 537 19.66 17.86 27.59
C ARG B 537 19.49 17.55 29.08
N ASP B 538 19.13 18.59 29.85
CA ASP B 538 18.92 18.50 31.29
C ASP B 538 17.85 17.44 31.61
N LEU B 539 16.77 17.41 30.82
CA LEU B 539 15.70 16.43 30.96
C LEU B 539 16.08 15.02 30.46
N ARG B 540 17.35 14.78 30.08
CA ARG B 540 17.82 13.43 29.77
C ARG B 540 18.87 12.95 30.80
N GLU B 541 19.64 13.87 31.39
CA GLU B 541 20.54 13.51 32.49
C GLU B 541 19.75 13.39 33.80
N LEU B 542 18.73 14.24 34.01
CA LEU B 542 17.63 13.94 34.91
C LEU B 542 16.76 12.85 34.31
N ARG B 543 16.20 11.99 35.18
CA ARG B 543 15.27 10.92 34.83
C ARG B 543 14.55 10.51 36.11
N CYS B 544 13.54 9.62 36.01
CA CYS B 544 12.90 9.06 37.19
C CYS B 544 13.87 8.16 37.98
N ARG B 545 14.79 7.48 37.27
CA ARG B 545 15.76 6.52 37.82
C ARG B 545 15.09 5.30 38.47
N ASP B 546 13.83 5.02 38.10
CA ASP B 546 13.07 3.81 38.42
C ASP B 546 13.08 3.41 39.91
N PRO B 547 12.33 4.12 40.78
CA PRO B 547 12.06 3.65 42.15
C PRO B 547 10.98 2.57 42.18
N GLU B 548 11.20 1.50 41.38
CA GLU B 548 10.29 0.36 41.22
C GLU B 548 8.92 0.81 40.67
N ALA B 549 8.93 1.78 39.75
CA ALA B 549 7.71 2.39 39.20
C ALA B 549 7.89 2.88 37.76
N SER B 550 6.76 2.94 37.01
CA SER B 550 6.57 3.75 35.82
C SER B 550 7.56 3.52 34.66
N LEU B 551 8.12 2.31 34.51
CA LEU B 551 8.92 2.04 33.31
C LEU B 551 8.02 2.11 32.06
N PRO B 552 6.80 1.55 32.06
CA PRO B 552 5.96 1.58 30.86
C PRO B 552 5.58 2.96 30.33
N ALA B 553 5.37 3.94 31.20
CA ALA B 553 5.07 5.31 30.78
C ALA B 553 6.30 6.02 30.20
N GLN B 554 7.49 5.70 30.72
CA GLN B 554 8.74 6.24 30.19
C GLN B 554 9.05 5.64 28.81
N ALA B 555 8.72 4.35 28.63
CA ALA B 555 8.92 3.64 27.36
C ALA B 555 7.98 4.12 26.27
N ALA B 556 6.68 4.09 26.56
CA ALA B 556 5.61 4.29 25.59
C ALA B 556 5.61 5.66 24.90
N GLU B 557 6.15 6.69 25.53
CA GLU B 557 6.26 8.01 24.93
C GLU B 557 7.17 8.04 23.70
N THR B 558 8.10 7.10 23.56
CA THR B 558 9.12 7.10 22.50
C THR B 558 8.52 6.86 21.11
N GLU B 559 8.88 7.67 20.10
CA GLU B 559 8.32 7.55 18.76
C GLU B 559 8.77 6.28 18.02
N GLU B 560 9.94 5.75 18.37
CA GLU B 560 10.41 4.47 17.86
C GLU B 560 9.53 3.31 18.31
N VAL B 561 8.85 3.41 19.47
CA VAL B 561 8.03 2.32 19.99
C VAL B 561 6.65 2.39 19.38
N GLY B 562 6.14 3.57 19.04
CA GLY B 562 4.87 3.68 18.32
C GLY B 562 4.93 2.99 16.97
N LEU B 563 6.03 3.20 16.25
CA LEU B 563 6.27 2.58 14.97
C LEU B 563 6.29 1.06 15.06
N PHE B 564 6.84 0.49 16.14
CA PHE B 564 6.82 -0.93 16.37
C PHE B 564 5.42 -1.47 16.64
N VAL B 565 4.65 -0.82 17.52
CA VAL B 565 3.28 -1.22 17.85
C VAL B 565 2.34 -1.16 16.62
N GLU B 566 2.47 -0.19 15.72
CA GLU B 566 1.58 -0.10 14.57
C GLU B 566 1.94 -1.12 13.48
N LYS B 567 3.21 -1.49 13.32
CA LYS B 567 3.62 -2.44 12.30
C LYS B 567 3.26 -3.83 12.75
N TYR B 568 3.75 -4.28 13.93
CA TYR B 568 3.67 -5.72 14.24
C TYR B 568 2.47 -6.18 15.07
N LEU B 569 1.99 -5.33 15.99
CA LEU B 569 1.12 -5.76 17.08
C LEU B 569 -0.30 -5.21 16.95
N ARG B 570 -1.19 -5.67 17.86
CA ARG B 570 -2.55 -5.16 17.96
C ARG B 570 -2.55 -3.85 18.72
N SER B 571 -3.29 -2.82 18.28
CA SER B 571 -3.24 -1.52 18.98
C SER B 571 -3.98 -1.52 20.33
N ASP B 572 -4.56 -2.67 20.70
CA ASP B 572 -5.18 -2.86 22.01
C ASP B 572 -4.19 -2.90 23.17
N VAL B 573 -2.89 -3.13 22.92
CA VAL B 573 -1.91 -3.45 23.96
C VAL B 573 -1.67 -2.27 24.91
N ALA B 574 -1.55 -2.61 26.19
CA ALA B 574 -1.14 -1.66 27.21
C ALA B 574 0.38 -1.57 27.26
N PRO B 575 0.96 -0.42 27.70
CA PRO B 575 2.41 -0.30 27.93
C PRO B 575 3.05 -1.39 28.80
N ALA B 576 2.31 -1.94 29.76
CA ALA B 576 2.82 -2.93 30.70
C ALA B 576 3.30 -4.23 30.03
N GLU B 577 2.66 -4.62 28.92
CA GLU B 577 2.97 -5.86 28.22
C GLU B 577 3.86 -5.60 27.00
N ILE B 578 4.08 -4.32 26.64
CA ILE B 578 5.09 -3.93 25.66
C ILE B 578 6.47 -4.02 26.30
N VAL B 579 6.63 -3.55 27.54
CA VAL B 579 7.94 -3.61 28.16
C VAL B 579 8.42 -5.05 28.24
N ALA B 580 7.63 -6.01 28.72
CA ALA B 580 8.11 -7.38 28.87
C ALA B 580 8.30 -8.05 27.52
N LEU B 581 7.64 -7.57 26.45
CA LEU B 581 7.99 -8.01 25.10
C LEU B 581 9.36 -7.48 24.66
N MET B 582 9.59 -6.16 24.72
CA MET B 582 10.85 -5.57 24.31
C MET B 582 12.05 -5.98 25.18
N ARG B 583 11.82 -6.40 26.42
CA ARG B 583 12.86 -6.94 27.27
C ARG B 583 13.29 -8.36 26.85
N ASN B 584 12.35 -9.17 26.39
CA ASN B 584 12.63 -10.46 25.79
C ASN B 584 13.34 -10.30 24.45
N LEU B 585 12.89 -9.35 23.66
CA LEU B 585 13.35 -9.14 22.28
C LEU B 585 14.80 -8.71 22.19
N ASN B 586 15.49 -8.45 23.31
CA ASN B 586 16.90 -8.10 23.30
C ASN B 586 17.80 -9.32 23.04
N SER B 587 17.38 -10.49 23.54
CA SER B 587 18.13 -11.73 23.34
C SER B 587 18.09 -12.19 21.89
N LEU B 588 19.23 -12.64 21.33
CA LEU B 588 19.34 -12.94 19.91
C LEU B 588 18.43 -14.09 19.46
N MET B 589 18.20 -15.06 20.35
CA MET B 589 17.26 -16.14 20.08
C MET B 589 15.84 -15.58 20.08
N GLY B 590 15.51 -14.67 21.03
CA GLY B 590 14.19 -14.06 21.21
C GLY B 590 13.75 -13.32 19.96
N ARG B 591 14.62 -12.46 19.46
CA ARG B 591 14.38 -11.69 18.25
C ARG B 591 14.37 -12.57 16.97
N THR B 592 14.98 -13.75 16.96
CA THR B 592 14.88 -14.63 15.82
C THR B 592 13.52 -15.37 15.81
N ARG B 593 13.08 -15.91 16.95
CA ARG B 593 11.78 -16.55 17.11
C ARG B 593 10.65 -15.57 16.79
N PHE B 594 10.71 -14.33 17.27
CA PHE B 594 9.69 -13.35 16.99
C PHE B 594 9.47 -13.12 15.49
N ILE B 595 10.54 -12.99 14.72
CA ILE B 595 10.42 -12.66 13.32
C ILE B 595 10.02 -13.90 12.48
N TYR B 596 10.40 -15.11 12.84
CA TYR B 596 9.80 -16.30 12.22
C TYR B 596 8.31 -16.37 12.53
N LEU B 597 7.87 -15.95 13.72
CA LEU B 597 6.47 -16.02 14.07
C LEU B 597 5.67 -14.92 13.38
N ALA B 598 6.23 -13.73 13.22
CA ALA B 598 5.57 -12.67 12.46
C ALA B 598 5.40 -13.03 10.99
N LEU B 599 6.39 -13.66 10.36
CA LEU B 599 6.31 -14.13 8.98
C LEU B 599 5.30 -15.27 8.83
N LEU B 600 5.19 -16.18 9.77
CA LEU B 600 4.22 -17.23 9.68
C LEU B 600 2.81 -16.65 9.60
N GLU B 601 2.49 -15.63 10.40
CA GLU B 601 1.16 -15.03 10.36
C GLU B 601 0.91 -14.31 9.05
N ALA B 602 1.89 -13.59 8.47
CA ALA B 602 1.74 -12.97 7.15
C ALA B 602 1.51 -14.00 6.02
N CYS B 603 2.15 -15.16 6.08
CA CYS B 603 1.82 -16.26 5.21
C CYS B 603 0.43 -16.88 5.37
N LEU B 604 -0.34 -16.55 6.41
CA LEU B 604 -1.74 -16.91 6.52
C LEU B 604 -2.65 -15.77 6.04
N ARG B 605 -2.22 -14.49 6.18
CA ARG B 605 -2.94 -13.32 5.71
C ARG B 605 -2.90 -13.18 4.18
N VAL B 606 -1.75 -13.43 3.55
CA VAL B 606 -1.56 -13.23 2.13
C VAL B 606 -1.25 -14.59 1.50
N PRO B 607 -2.28 -15.31 0.97
CA PRO B 607 -2.08 -16.66 0.46
C PRO B 607 -1.33 -16.79 -0.87
N MET B 608 -0.96 -15.68 -1.54
CA MET B 608 -0.02 -15.78 -2.65
C MET B 608 1.43 -15.90 -2.18
N ALA B 609 1.77 -15.42 -0.97
CA ALA B 609 3.15 -15.37 -0.50
C ALA B 609 3.72 -16.78 -0.29
N THR B 610 2.86 -17.75 0.02
CA THR B 610 3.32 -19.13 0.19
C THR B 610 3.56 -19.83 -1.15
N ARG B 611 3.37 -19.12 -2.29
CA ARG B 611 3.52 -19.72 -3.61
C ARG B 611 4.12 -18.85 -4.71
N SER B 612 4.38 -17.55 -4.53
CA SER B 612 5.19 -16.76 -5.47
C SER B 612 6.46 -16.19 -4.83
N SER B 613 7.63 -16.49 -5.36
CA SER B 613 8.88 -15.98 -4.81
C SER B 613 9.00 -14.45 -4.91
N ALA B 614 8.48 -13.86 -5.97
CA ALA B 614 8.50 -12.43 -6.15
C ALA B 614 7.64 -11.71 -5.10
N ILE B 615 6.58 -12.39 -4.61
CA ILE B 615 5.70 -11.86 -3.59
C ILE B 615 6.35 -12.04 -2.23
N PHE B 616 6.97 -13.20 -1.97
CA PHE B 616 7.58 -13.42 -0.67
C PHE B 616 8.78 -12.50 -0.40
N ARG B 617 9.55 -12.05 -1.41
CA ARG B 617 10.50 -10.97 -1.26
C ARG B 617 9.87 -9.65 -0.80
N ARG B 618 8.62 -9.33 -1.16
CA ARG B 618 8.02 -8.09 -0.71
C ARG B 618 7.66 -8.18 0.75
N ILE B 619 7.18 -9.36 1.20
CA ILE B 619 6.81 -9.57 2.60
C ILE B 619 8.05 -9.69 3.48
N TYR B 620 9.02 -10.50 3.07
CA TYR B 620 10.23 -10.68 3.84
C TYR B 620 10.96 -9.35 4.02
N ASP B 621 11.15 -8.54 2.97
CA ASP B 621 11.85 -7.29 3.09
C ASP B 621 11.16 -6.26 4.01
N HIS B 622 9.91 -6.52 4.43
CA HIS B 622 9.07 -5.57 5.14
C HIS B 622 8.88 -5.96 6.61
N TYR B 623 8.67 -7.25 6.88
CA TYR B 623 8.46 -7.77 8.22
C TYR B 623 9.73 -8.37 8.79
N ALA B 624 10.83 -8.47 8.04
CA ALA B 624 12.01 -9.15 8.55
C ALA B 624 13.29 -8.45 8.11
N THR B 625 13.23 -7.13 8.02
CA THR B 625 14.40 -6.28 7.78
C THR B 625 14.13 -4.89 8.38
N GLY B 626 15.18 -4.14 8.73
CA GLY B 626 14.98 -2.79 9.27
C GLY B 626 15.20 -2.76 10.77
N VAL B 627 14.78 -1.65 11.44
CA VAL B 627 15.17 -1.41 12.82
C VAL B 627 14.05 -1.64 13.85
N ILE B 628 14.35 -2.33 14.97
CA ILE B 628 13.40 -2.53 16.07
C ILE B 628 13.92 -2.01 17.41
N PRO B 629 13.05 -1.54 18.36
CA PRO B 629 13.47 -1.23 19.74
C PRO B 629 13.51 -2.45 20.64
N THR B 630 14.41 -2.45 21.63
CA THR B 630 14.52 -3.57 22.58
C THR B 630 14.86 -2.95 23.93
N ILE B 631 14.62 -3.63 25.06
CA ILE B 631 15.05 -3.14 26.37
C ILE B 631 16.21 -4.02 26.84
N ASN B 632 17.32 -3.35 27.17
CA ASN B 632 18.52 -3.99 27.67
C ASN B 632 18.33 -4.45 29.13
N VAL B 633 19.09 -5.44 29.60
CA VAL B 633 19.07 -5.89 31.00
C VAL B 633 19.36 -4.78 32.01
N THR B 634 20.05 -3.71 31.57
CA THR B 634 20.39 -2.54 32.39
C THR B 634 19.14 -1.74 32.77
N GLY B 635 18.04 -1.90 32.00
CA GLY B 635 16.81 -1.15 32.21
C GLY B 635 16.75 0.12 31.34
N GLU B 636 17.21 0.00 30.08
CA GLU B 636 17.14 1.10 29.12
C GLU B 636 16.81 0.59 27.71
N LEU B 637 16.33 1.50 26.85
CA LEU B 637 15.87 1.16 25.51
C LEU B 637 17.00 1.27 24.47
N GLU B 638 17.18 0.22 23.66
CA GLU B 638 18.20 0.16 22.62
C GLU B 638 17.62 -0.31 21.30
N LEU B 639 17.94 0.41 20.19
CA LEU B 639 17.60 -0.01 18.85
C LEU B 639 18.58 -1.11 18.37
N VAL B 640 18.05 -2.03 17.58
CA VAL B 640 18.79 -3.15 17.05
C VAL B 640 18.35 -3.33 15.59
N ALA B 641 19.32 -3.56 14.69
CA ALA B 641 19.04 -3.80 13.28
C ALA B 641 18.67 -5.26 13.03
N LEU B 642 17.75 -5.49 12.08
CA LEU B 642 17.61 -6.78 11.41
C LEU B 642 18.29 -6.67 10.03
N PRO B 643 19.43 -7.35 9.77
CA PRO B 643 20.16 -7.21 8.51
C PRO B 643 19.53 -7.97 7.34
N PRO B 644 19.67 -7.47 6.09
CA PRO B 644 18.99 -8.08 4.93
C PRO B 644 19.72 -9.31 4.40
N THR B 645 19.04 -10.47 4.40
CA THR B 645 19.58 -11.70 3.85
C THR B 645 19.51 -11.66 2.33
N LEU B 646 20.61 -12.12 1.69
CA LEU B 646 20.74 -12.07 0.23
C LEU B 646 19.84 -13.13 -0.39
N ASN B 647 19.93 -14.37 0.10
CA ASN B 647 19.10 -15.47 -0.38
C ASN B 647 18.06 -15.87 0.69
N VAL B 648 16.76 -15.81 0.33
CA VAL B 648 15.68 -16.10 1.26
C VAL B 648 15.08 -17.50 1.03
N THR B 649 15.49 -18.24 -0.01
CA THR B 649 14.87 -19.52 -0.32
C THR B 649 14.91 -20.51 0.85
N PRO B 650 15.99 -20.67 1.64
CA PRO B 650 15.96 -21.52 2.84
C PRO B 650 14.87 -21.21 3.86
N VAL B 651 14.46 -19.93 3.93
CA VAL B 651 13.38 -19.48 4.80
C VAL B 651 12.03 -19.71 4.14
N TRP B 652 11.87 -19.29 2.90
CA TRP B 652 10.63 -19.45 2.16
C TRP B 652 10.19 -20.90 2.07
N GLU B 653 11.14 -21.82 1.82
CA GLU B 653 10.84 -23.23 1.74
C GLU B 653 10.42 -23.83 3.08
N LEU B 654 10.75 -23.16 4.19
CA LEU B 654 10.32 -23.58 5.53
C LEU B 654 8.94 -23.06 5.90
N LEU B 655 8.68 -21.78 5.66
CA LEU B 655 7.38 -21.16 5.91
C LEU B 655 6.30 -21.73 4.99
N CYS B 656 6.68 -22.08 3.76
CA CYS B 656 5.81 -22.74 2.82
C CYS B 656 5.34 -24.09 3.35
N LEU B 657 6.13 -24.78 4.21
CA LEU B 657 5.71 -26.01 4.89
C LEU B 657 4.90 -25.72 6.16
N CYS B 658 5.38 -24.81 7.00
CA CYS B 658 4.73 -24.52 8.27
C CYS B 658 3.35 -23.89 8.09
N SER B 659 3.14 -23.07 7.05
CA SER B 659 1.83 -22.48 6.80
C SER B 659 0.89 -23.42 6.06
N THR B 660 1.27 -24.66 5.70
CA THR B 660 0.28 -25.64 5.27
C THR B 660 -0.15 -26.47 6.47
N MET B 661 0.79 -26.95 7.31
CA MET B 661 0.40 -27.73 8.48
C MET B 661 -0.34 -26.86 9.52
N ALA B 662 -0.01 -25.56 9.63
CA ALA B 662 -0.76 -24.64 10.46
C ALA B 662 -2.18 -24.34 9.93
N ALA B 663 -2.49 -24.72 8.69
CA ALA B 663 -3.83 -24.63 8.13
C ALA B 663 -4.61 -25.95 8.23
N ARG B 664 -3.94 -27.07 8.52
CA ARG B 664 -4.59 -28.33 8.88
C ARG B 664 -5.10 -28.23 10.32
N LEU B 665 -4.27 -27.66 11.22
CA LEU B 665 -4.75 -27.07 12.47
C LEU B 665 -5.58 -25.82 12.17
N HIS B 666 -6.24 -25.26 13.19
CA HIS B 666 -6.79 -23.90 13.08
C HIS B 666 -5.91 -22.95 13.90
N TRP B 667 -4.75 -22.62 13.33
CA TRP B 667 -3.76 -21.82 14.04
C TRP B 667 -4.23 -20.36 14.15
N ASP B 668 -4.15 -19.78 15.36
CA ASP B 668 -4.72 -18.46 15.60
C ASP B 668 -4.08 -17.81 16.84
N SER B 669 -2.92 -17.17 16.66
CA SER B 669 -1.99 -16.86 17.75
C SER B 669 -2.55 -15.91 18.81
N ALA B 670 -3.65 -15.18 18.55
CA ALA B 670 -4.22 -14.28 19.55
C ALA B 670 -5.24 -15.02 20.45
N ALA B 671 -5.94 -16.03 19.89
CA ALA B 671 -6.96 -16.81 20.58
C ALA B 671 -6.35 -17.97 21.39
N GLY B 672 -5.16 -18.43 20.98
CA GLY B 672 -4.41 -19.49 21.65
C GLY B 672 -3.18 -19.84 20.82
N GLY B 673 -2.82 -21.13 20.75
CA GLY B 673 -2.02 -21.61 19.65
C GLY B 673 -2.95 -22.25 18.63
N SER B 674 -3.15 -23.55 18.77
CA SER B 674 -4.11 -24.29 17.95
C SER B 674 -5.53 -24.12 18.51
N GLY B 675 -6.48 -23.78 17.64
CA GLY B 675 -7.90 -23.92 17.96
C GLY B 675 -8.42 -25.37 17.97
N ARG B 676 -7.60 -26.35 17.57
CA ARG B 676 -7.99 -27.74 17.40
C ARG B 676 -7.05 -28.69 18.15
N THR B 677 -7.64 -29.70 18.82
CA THR B 677 -6.90 -30.84 19.38
C THR B 677 -6.37 -31.76 18.28
N PHE B 678 -5.28 -32.49 18.59
CA PHE B 678 -4.67 -33.45 17.68
C PHE B 678 -3.82 -34.46 18.45
N GLY B 679 -3.29 -35.50 17.79
CA GLY B 679 -2.45 -36.49 18.46
C GLY B 679 -1.39 -37.10 17.53
N PRO B 680 -0.59 -38.10 17.98
CA PRO B 680 0.37 -38.81 17.14
C PRO B 680 -0.23 -39.55 15.95
N ASP B 681 -1.55 -39.76 15.98
CA ASP B 681 -2.34 -40.16 14.81
C ASP B 681 -2.34 -39.05 13.74
N ASP B 682 -2.61 -37.81 14.19
CA ASP B 682 -2.74 -36.64 13.33
C ASP B 682 -1.38 -36.12 12.86
N VAL B 683 -0.35 -36.10 13.74
CA VAL B 683 0.98 -35.57 13.39
C VAL B 683 1.60 -36.35 12.22
N LEU B 684 1.36 -37.66 12.15
CA LEU B 684 1.74 -38.45 10.98
C LEU B 684 1.07 -37.94 9.70
N ASP B 685 -0.24 -37.62 9.76
CA ASP B 685 -0.98 -37.04 8.65
C ASP B 685 -0.60 -35.58 8.35
N LEU B 686 0.09 -34.88 9.26
CA LEU B 686 0.66 -33.56 8.97
C LEU B 686 1.95 -33.70 8.16
N LEU B 687 2.86 -34.61 8.58
CA LEU B 687 4.20 -34.69 8.00
C LEU B 687 4.23 -35.57 6.73
N THR B 688 3.46 -36.67 6.67
CA THR B 688 3.66 -37.68 5.62
C THR B 688 3.22 -37.23 4.22
N PRO B 689 2.20 -36.37 4.00
CA PRO B 689 1.86 -35.91 2.65
C PRO B 689 2.95 -35.19 1.85
N HIS B 690 3.99 -34.68 2.54
CA HIS B 690 5.05 -33.86 1.93
C HIS B 690 6.43 -34.20 2.49
N TYR B 691 6.61 -35.47 2.92
CA TYR B 691 7.72 -35.87 3.80
C TYR B 691 9.09 -35.75 3.12
N ASP B 692 9.12 -35.93 1.79
CA ASP B 692 10.35 -36.00 1.01
C ASP B 692 11.23 -34.74 1.17
N ARG B 693 10.61 -33.59 1.52
CA ARG B 693 11.33 -32.33 1.70
C ARG B 693 11.43 -31.90 3.18
N TYR B 694 10.45 -32.27 4.03
CA TYR B 694 10.59 -32.09 5.48
C TYR B 694 11.84 -32.77 6.03
N MET B 695 12.25 -33.92 5.46
CA MET B 695 13.44 -34.63 5.86
C MET B 695 14.73 -33.80 5.73
N GLN B 696 14.78 -32.87 4.75
CA GLN B 696 15.97 -32.08 4.49
C GLN B 696 16.06 -30.80 5.32
N LEU B 697 15.08 -29.89 5.22
CA LEU B 697 15.27 -28.47 5.54
C LEU B 697 15.67 -28.21 7.00
N VAL B 698 15.09 -28.91 7.98
CA VAL B 698 15.39 -28.67 9.38
C VAL B 698 16.83 -29.14 9.73
N PHE B 699 17.31 -30.18 9.04
CA PHE B 699 18.70 -30.64 9.15
C PHE B 699 19.64 -29.71 8.37
N GLU B 700 19.34 -29.44 7.09
CA GLU B 700 20.19 -28.67 6.17
C GLU B 700 20.40 -27.23 6.64
N LEU B 701 19.37 -26.58 7.23
CA LEU B 701 19.51 -25.22 7.76
C LEU B 701 20.58 -25.13 8.85
N GLY B 702 20.81 -26.22 9.60
CA GLY B 702 21.87 -26.30 10.58
C GLY B 702 23.27 -26.53 10.01
N HIS B 703 23.38 -26.78 8.69
CA HIS B 703 24.64 -27.19 8.04
C HIS B 703 24.94 -26.37 6.78
N CYS B 704 24.35 -25.17 6.65
CA CYS B 704 24.57 -24.29 5.51
C CYS B 704 26.02 -23.78 5.47
N ASN B 705 26.59 -23.65 4.26
CA ASN B 705 28.00 -23.31 4.05
C ASN B 705 28.29 -21.85 4.46
N VAL B 706 27.29 -20.96 4.32
CA VAL B 706 27.42 -19.53 4.60
C VAL B 706 26.15 -19.02 5.30
N THR B 707 26.31 -17.92 6.07
CA THR B 707 25.25 -17.41 6.95
C THR B 707 24.88 -15.97 6.53
N ASP B 708 23.86 -15.85 5.66
CA ASP B 708 23.52 -14.61 4.95
C ASP B 708 23.06 -13.48 5.88
N GLY B 709 22.44 -13.83 7.02
CA GLY B 709 21.87 -12.86 7.94
C GLY B 709 21.06 -13.56 9.05
N LEU B 710 20.24 -12.79 9.78
CA LEU B 710 19.69 -13.19 11.08
C LEU B 710 19.05 -14.58 11.08
N LEU B 711 18.10 -14.85 10.16
CA LEU B 711 17.29 -16.08 10.21
C LEU B 711 18.11 -17.33 9.87
N LEU B 712 19.37 -17.13 9.40
CA LEU B 712 20.35 -18.18 9.11
C LEU B 712 21.68 -17.94 9.86
N SER B 713 21.66 -17.18 10.96
CA SER B 713 22.88 -16.69 11.60
C SER B 713 23.67 -17.80 12.32
N GLU B 714 24.95 -17.56 12.61
CA GLU B 714 25.87 -18.51 13.25
C GLU B 714 25.33 -19.09 14.57
N GLU B 715 24.69 -18.25 15.39
CA GLU B 715 24.08 -18.68 16.64
C GLU B 715 22.89 -19.60 16.39
N ALA B 716 22.01 -19.23 15.44
CA ALA B 716 20.79 -19.97 15.13
C ALA B 716 21.07 -21.34 14.49
N VAL B 717 22.01 -21.41 13.55
CA VAL B 717 22.26 -22.64 12.80
C VAL B 717 22.94 -23.69 13.70
N LYS B 718 23.84 -23.26 14.60
CA LYS B 718 24.41 -24.16 15.60
C LYS B 718 23.32 -24.61 16.59
N ARG B 719 22.52 -23.67 17.09
CA ARG B 719 21.46 -23.97 18.07
C ARG B 719 20.44 -24.97 17.51
N VAL B 720 20.02 -24.84 16.25
CA VAL B 720 19.05 -25.79 15.66
C VAL B 720 19.72 -27.13 15.34
N ALA B 721 20.99 -27.14 14.90
CA ALA B 721 21.72 -28.39 14.65
C ALA B 721 21.90 -29.19 15.94
N ASP B 722 22.30 -28.52 17.04
CA ASP B 722 22.43 -29.12 18.35
C ASP B 722 21.09 -29.69 18.85
N ALA B 723 20.00 -28.91 18.73
CA ALA B 723 18.68 -29.35 19.14
C ALA B 723 18.19 -30.57 18.33
N LEU B 724 18.40 -30.57 16.99
CA LEU B 724 17.97 -31.63 16.09
C LEU B 724 18.74 -32.94 16.33
N SER B 725 19.97 -32.87 16.88
CA SER B 725 20.86 -34.02 17.04
C SER B 725 20.27 -35.15 17.90
N GLY B 726 19.22 -34.86 18.69
CA GLY B 726 18.54 -35.86 19.51
C GLY B 726 17.53 -36.74 18.77
N CYS B 727 17.26 -36.43 17.48
CA CYS B 727 16.40 -37.23 16.63
C CYS B 727 17.07 -38.53 16.20
N PRO B 728 16.41 -39.72 16.35
CA PRO B 728 16.92 -40.97 15.77
C PRO B 728 17.08 -40.93 14.26
N PRO B 729 17.77 -41.94 13.65
CA PRO B 729 17.65 -42.21 12.21
C PRO B 729 16.36 -42.96 11.92
N ARG B 730 16.01 -43.07 10.63
CA ARG B 730 14.85 -43.86 10.18
C ARG B 730 15.18 -45.35 10.20
N GLY B 731 15.31 -45.91 11.41
CA GLY B 731 15.57 -47.33 11.63
C GLY B 731 15.53 -47.69 13.13
N SER B 732 14.94 -48.85 13.45
CA SER B 732 14.83 -49.41 14.80
C SER B 732 13.98 -48.53 15.74
N VAL B 733 13.07 -47.71 15.16
CA VAL B 733 12.17 -46.83 15.91
C VAL B 733 10.79 -46.79 15.24
N SER B 734 9.77 -46.39 16.02
CA SER B 734 8.40 -46.21 15.56
C SER B 734 8.28 -44.95 14.70
N GLU B 735 7.56 -45.04 13.57
CA GLU B 735 7.38 -43.91 12.66
C GLU B 735 6.67 -42.74 13.33
N THR B 736 5.62 -43.01 14.13
CA THR B 736 4.90 -41.96 14.85
C THR B 736 5.81 -41.23 15.85
N ASP B 737 6.66 -42.00 16.53
CA ASP B 737 7.49 -41.49 17.62
C ASP B 737 8.66 -40.69 17.06
N HIS B 738 9.16 -41.09 15.89
CA HIS B 738 10.12 -40.33 15.09
C HIS B 738 9.50 -39.03 14.58
N ALA B 739 8.27 -39.12 14.03
CA ALA B 739 7.55 -37.97 13.52
C ALA B 739 7.34 -36.88 14.59
N VAL B 740 6.84 -37.27 15.78
CA VAL B 740 6.57 -36.29 16.83
C VAL B 740 7.89 -35.76 17.43
N ALA B 741 8.97 -36.54 17.46
CA ALA B 741 10.27 -36.05 17.88
C ALA B 741 10.78 -34.94 16.96
N LEU B 742 10.56 -35.08 15.64
CA LEU B 742 10.88 -34.04 14.67
C LEU B 742 9.98 -32.81 14.84
N PHE B 743 8.67 -33.06 15.01
CA PHE B 743 7.65 -32.03 15.09
C PHE B 743 7.92 -31.07 16.26
N LYS B 744 8.32 -31.57 17.43
CA LYS B 744 8.62 -30.70 18.57
C LYS B 744 9.85 -29.81 18.33
N ILE B 745 10.82 -30.24 17.50
CA ILE B 745 12.01 -29.44 17.17
C ILE B 745 11.66 -28.36 16.15
N ILE B 746 10.92 -28.69 15.10
CA ILE B 746 10.51 -27.72 14.07
C ILE B 746 9.70 -26.59 14.69
N TRP B 747 8.68 -26.91 15.50
CA TRP B 747 7.86 -25.89 16.13
C TRP B 747 8.56 -25.23 17.31
N GLY B 748 9.21 -26.03 18.16
CA GLY B 748 9.74 -25.56 19.42
C GLY B 748 10.96 -24.64 19.27
N GLU B 749 11.91 -24.95 18.37
CA GLU B 749 13.16 -24.23 18.29
C GLU B 749 13.01 -22.93 17.49
N LEU B 750 12.36 -23.05 16.33
CA LEU B 750 12.29 -21.98 15.34
C LEU B 750 11.18 -21.00 15.69
N PHE B 751 9.98 -21.49 16.04
CA PHE B 751 8.85 -20.60 16.35
C PHE B 751 8.65 -20.37 17.86
N GLY B 752 9.16 -21.25 18.72
CA GLY B 752 9.07 -21.04 20.16
C GLY B 752 7.76 -21.52 20.82
N VAL B 753 7.02 -22.43 20.15
CA VAL B 753 5.69 -22.84 20.60
C VAL B 753 5.67 -24.34 20.97
N GLN B 754 5.34 -24.63 22.23
CA GLN B 754 5.46 -25.97 22.79
C GLN B 754 4.14 -26.74 22.72
N MET B 755 4.25 -28.05 22.93
CA MET B 755 3.12 -28.95 23.13
C MET B 755 2.57 -28.84 24.56
N ALA B 756 1.27 -29.09 24.74
CA ALA B 756 0.66 -29.32 26.05
C ALA B 756 -0.33 -30.48 25.96
N LYS B 757 -0.35 -31.36 26.98
CA LYS B 757 -1.20 -32.55 26.96
C LYS B 757 -2.67 -32.14 27.22
N SER B 758 -3.58 -32.76 26.45
CA SER B 758 -4.99 -32.36 26.42
C SER B 758 -5.74 -32.73 27.70
N THR B 759 -6.43 -31.73 28.29
CA THR B 759 -7.37 -31.92 29.40
C THR B 759 -8.82 -32.08 28.90
N GLN B 760 -9.04 -32.02 27.57
CA GLN B 760 -10.37 -32.15 26.98
C GLN B 760 -10.85 -33.60 27.05
N THR B 761 -12.08 -33.81 27.57
CA THR B 761 -12.67 -35.15 27.72
C THR B 761 -13.01 -35.79 26.36
N PHE B 762 -13.24 -34.94 25.35
CA PHE B 762 -13.64 -35.31 24.00
C PHE B 762 -12.84 -34.47 23.00
N PRO B 763 -12.73 -34.86 21.70
CA PRO B 763 -12.08 -34.00 20.69
C PRO B 763 -12.82 -32.67 20.47
N GLY B 764 -12.06 -31.57 20.39
CA GLY B 764 -12.63 -30.23 20.41
C GLY B 764 -12.97 -29.77 21.84
N ALA B 765 -14.22 -29.31 22.06
CA ALA B 765 -14.70 -28.92 23.38
C ALA B 765 -14.99 -30.14 24.27
N GLY B 766 -14.61 -30.09 25.56
CA GLY B 766 -14.71 -31.26 26.43
C GLY B 766 -14.63 -31.01 27.95
N ARG B 767 -15.12 -29.86 28.43
CA ARG B 767 -15.45 -29.67 29.84
C ARG B 767 -16.85 -30.23 30.14
N VAL B 768 -17.14 -30.54 31.43
CA VAL B 768 -18.33 -31.30 31.81
C VAL B 768 -19.21 -30.59 32.86
N LYS B 769 -18.82 -29.40 33.36
CA LYS B 769 -19.62 -28.67 34.35
C LYS B 769 -20.89 -28.05 33.72
N ASN B 770 -20.79 -27.65 32.44
CA ASN B 770 -21.92 -27.11 31.68
C ASN B 770 -21.73 -27.47 30.20
N LEU B 771 -22.84 -27.73 29.47
CA LEU B 771 -22.80 -28.13 28.07
C LEU B 771 -22.85 -26.92 27.14
N THR B 772 -22.31 -27.09 25.91
CA THR B 772 -22.32 -26.09 24.86
C THR B 772 -22.86 -26.68 23.54
N LYS B 773 -23.50 -25.84 22.72
CA LYS B 773 -24.33 -26.28 21.59
C LYS B 773 -23.58 -27.15 20.58
N GLN B 774 -24.27 -28.19 20.11
CA GLN B 774 -23.83 -29.15 19.08
C GLN B 774 -22.63 -30.02 19.48
N THR B 775 -21.90 -29.72 20.58
CA THR B 775 -20.67 -30.44 20.93
C THR B 775 -20.91 -31.90 21.31
N ILE B 776 -22.13 -32.27 21.75
CA ILE B 776 -22.49 -33.64 22.05
C ILE B 776 -23.01 -34.36 20.80
N VAL B 777 -24.05 -33.80 20.16
CA VAL B 777 -24.71 -34.45 19.01
C VAL B 777 -23.74 -34.58 17.82
N GLY B 778 -22.80 -33.62 17.65
CA GLY B 778 -21.80 -33.69 16.60
C GLY B 778 -20.78 -34.81 16.78
N LEU B 779 -20.70 -35.45 17.96
CA LEU B 779 -19.85 -36.62 18.20
C LEU B 779 -20.66 -37.91 18.42
N LEU B 780 -21.97 -37.81 18.72
CA LEU B 780 -22.79 -38.94 19.14
C LEU B 780 -22.93 -40.00 18.04
N ASP B 781 -22.93 -39.60 16.76
CA ASP B 781 -22.96 -40.51 15.62
C ASP B 781 -21.58 -40.75 15.00
N ALA B 782 -20.53 -40.06 15.48
CA ALA B 782 -19.18 -40.19 14.96
C ALA B 782 -18.54 -41.55 15.28
N HIS B 783 -19.11 -42.29 16.26
CA HIS B 783 -18.67 -43.65 16.58
C HIS B 783 -19.39 -44.71 15.72
N HIS B 784 -20.23 -44.29 14.75
CA HIS B 784 -20.88 -45.13 13.75
C HIS B 784 -21.86 -46.14 14.35
N ILE B 785 -22.50 -45.78 15.49
CA ILE B 785 -23.57 -46.56 16.11
C ILE B 785 -24.72 -45.65 16.56
N ASP B 786 -25.95 -46.21 16.61
CA ASP B 786 -27.18 -45.46 16.89
C ASP B 786 -27.65 -45.64 18.34
N HIS B 787 -27.97 -44.52 19.00
CA HIS B 787 -28.47 -44.50 20.37
C HIS B 787 -30.00 -44.65 20.41
N SER B 788 -30.68 -44.01 19.43
CA SER B 788 -32.13 -44.06 19.20
C SER B 788 -32.99 -43.55 20.37
N ALA B 789 -32.37 -42.95 21.41
CA ALA B 789 -33.07 -42.64 22.66
C ALA B 789 -33.85 -41.32 22.59
N CYS B 790 -33.19 -40.25 22.14
CA CYS B 790 -33.68 -38.87 22.26
C CYS B 790 -32.91 -37.92 21.33
N ARG B 791 -33.41 -36.68 21.15
CA ARG B 791 -32.82 -35.68 20.27
C ARG B 791 -32.47 -34.35 20.96
N THR B 792 -32.87 -34.16 22.24
CA THR B 792 -32.57 -32.95 23.00
C THR B 792 -31.09 -32.95 23.43
N HIS B 793 -30.35 -31.88 23.10
CA HIS B 793 -28.88 -31.89 23.12
C HIS B 793 -28.27 -32.20 24.48
N ARG B 794 -28.81 -31.60 25.57
CA ARG B 794 -28.16 -31.57 26.88
C ARG B 794 -28.05 -32.96 27.54
N GLN B 795 -29.18 -33.69 27.70
CA GLN B 795 -29.20 -34.93 28.47
C GLN B 795 -28.52 -36.11 27.75
N LEU B 796 -28.18 -35.96 26.46
CA LEU B 796 -27.48 -36.97 25.68
C LEU B 796 -26.01 -37.14 26.08
N TYR B 797 -25.42 -36.22 26.86
CA TYR B 797 -23.99 -36.22 27.17
C TYR B 797 -23.54 -37.51 27.89
N ALA B 798 -24.44 -38.16 28.65
CA ALA B 798 -24.16 -39.42 29.33
C ALA B 798 -23.81 -40.56 28.35
N LEU B 799 -24.27 -40.48 27.09
CA LEU B 799 -23.93 -41.46 26.06
C LEU B 799 -22.46 -41.36 25.66
N LEU B 800 -21.94 -40.13 25.47
CA LEU B 800 -20.52 -39.90 25.26
C LEU B 800 -19.70 -40.28 26.51
N MET B 801 -20.29 -40.19 27.70
CA MET B 801 -19.65 -40.62 28.95
C MET B 801 -19.38 -42.14 28.96
N ALA B 802 -20.08 -42.93 28.11
CA ALA B 802 -19.67 -44.30 27.81
C ALA B 802 -18.48 -44.30 26.83
N HIS B 803 -18.60 -43.57 25.71
CA HIS B 803 -17.61 -43.51 24.64
C HIS B 803 -16.24 -42.93 25.04
N LYS B 804 -16.14 -42.16 26.14
CA LYS B 804 -14.91 -41.51 26.58
C LYS B 804 -13.71 -42.47 26.72
N ARG B 805 -13.98 -43.76 26.97
CA ARG B 805 -12.96 -44.78 27.20
C ARG B 805 -12.51 -45.49 25.91
N GLU B 806 -13.15 -45.18 24.76
CA GLU B 806 -12.83 -45.75 23.45
C GLU B 806 -12.59 -44.66 22.38
N PHE B 807 -13.02 -43.41 22.64
CA PHE B 807 -12.46 -42.22 22.00
C PHE B 807 -11.02 -41.91 22.43
N ALA B 808 -10.55 -42.56 23.52
CA ALA B 808 -9.32 -42.17 24.20
C ALA B 808 -8.05 -42.38 23.37
N GLY B 809 -7.04 -41.54 23.65
CA GLY B 809 -5.72 -41.61 23.02
C GLY B 809 -4.81 -40.49 23.51
N ALA B 810 -3.54 -40.51 23.08
CA ALA B 810 -2.61 -39.43 23.39
C ALA B 810 -2.96 -38.20 22.55
N ARG B 811 -3.37 -37.10 23.20
CA ARG B 811 -3.87 -35.91 22.52
C ARG B 811 -3.26 -34.64 23.12
N PHE B 812 -2.95 -33.66 22.25
CA PHE B 812 -2.12 -32.51 22.55
C PHE B 812 -2.64 -31.24 21.87
N LYS B 813 -2.14 -30.07 22.31
CA LYS B 813 -2.37 -28.80 21.65
C LYS B 813 -1.08 -27.97 21.63
N LEU B 814 -0.85 -27.22 20.54
CA LEU B 814 0.19 -26.22 20.47
C LEU B 814 -0.25 -24.97 21.24
N ARG B 815 0.67 -24.33 21.97
CA ARG B 815 0.34 -23.10 22.67
C ARG B 815 1.42 -22.03 22.47
N VAL B 816 0.99 -20.80 22.13
CA VAL B 816 1.87 -19.65 21.96
C VAL B 816 2.31 -19.11 23.32
N PRO B 817 3.61 -18.72 23.48
CA PRO B 817 4.13 -18.20 24.74
C PRO B 817 3.61 -16.81 25.06
N ALA B 818 3.83 -16.35 26.30
CA ALA B 818 3.19 -15.15 26.86
C ALA B 818 3.47 -13.87 26.07
N TRP B 819 4.61 -13.81 25.37
CA TRP B 819 4.98 -12.66 24.57
C TRP B 819 4.28 -12.64 23.21
N GLY B 820 3.89 -13.81 22.67
CA GLY B 820 3.45 -13.95 21.30
C GLY B 820 1.99 -13.57 21.07
N ARG B 821 1.19 -13.48 22.13
CA ARG B 821 -0.26 -13.40 22.01
C ARG B 821 -0.75 -11.98 21.64
N CYS B 822 0.17 -11.01 21.42
CA CYS B 822 -0.22 -9.69 20.97
C CYS B 822 0.18 -9.37 19.52
N LEU B 823 0.56 -10.36 18.71
CA LEU B 823 0.70 -10.18 17.27
C LEU B 823 -0.64 -9.82 16.61
N ARG B 824 -0.65 -8.98 15.56
CA ARG B 824 -1.79 -8.83 14.66
C ARG B 824 -1.84 -10.08 13.75
N THR B 825 -3.02 -10.70 13.65
CA THR B 825 -3.21 -12.04 13.07
C THR B 825 -4.43 -12.07 12.15
N HIS B 826 -4.57 -13.14 11.35
CA HIS B 826 -5.58 -13.24 10.29
C HIS B 826 -7.04 -13.19 10.80
N SER B 827 -7.26 -13.56 12.06
CA SER B 827 -8.57 -13.57 12.70
C SER B 827 -9.00 -12.21 13.25
N SER B 828 -8.07 -11.24 13.35
CA SER B 828 -8.30 -9.98 14.05
C SER B 828 -9.08 -8.95 13.23
N SER B 829 -9.49 -7.85 13.91
CA SER B 829 -10.15 -6.70 13.28
C SER B 829 -9.57 -5.38 13.81
N ALA B 830 -9.26 -4.46 12.88
CA ALA B 830 -8.72 -3.13 13.17
C ALA B 830 -8.90 -2.19 11.96
N ASN B 831 -8.75 -0.88 12.20
CA ASN B 831 -8.81 0.13 11.14
C ASN B 831 -7.53 0.10 10.32
N PRO B 832 -7.57 0.36 8.97
CA PRO B 832 -6.38 0.25 8.12
C PRO B 832 -5.19 1.17 8.46
N ASN B 833 -4.05 0.52 8.71
CA ASN B 833 -2.74 1.13 8.62
C ASN B 833 -2.23 0.97 7.20
N ALA B 834 -1.11 1.64 6.90
CA ALA B 834 -0.40 1.52 5.63
C ALA B 834 -0.01 0.06 5.27
N ASP B 835 0.08 -0.81 6.28
CA ASP B 835 0.54 -2.19 6.12
C ASP B 835 -0.59 -3.10 5.68
N ILE B 836 -1.80 -2.91 6.23
CA ILE B 836 -2.97 -3.66 5.78
C ILE B 836 -3.36 -3.24 4.38
N ILE B 837 -3.12 -1.97 4.02
CA ILE B 837 -3.21 -1.50 2.64
C ILE B 837 -2.21 -2.25 1.76
N LEU B 838 -0.93 -2.37 2.16
CA LEU B 838 0.05 -3.11 1.39
C LEU B 838 -0.34 -4.59 1.16
N GLU B 839 -0.81 -5.29 2.19
CA GLU B 839 -1.19 -6.67 2.03
C GLU B 839 -2.45 -6.88 1.15
N ALA B 840 -3.34 -5.88 1.09
CA ALA B 840 -4.38 -5.88 0.09
C ALA B 840 -3.80 -5.75 -1.32
N ALA B 841 -2.76 -4.92 -1.52
CA ALA B 841 -2.13 -4.76 -2.82
C ALA B 841 -1.48 -6.05 -3.31
N LEU B 842 -0.66 -6.69 -2.48
CA LEU B 842 0.12 -7.85 -2.91
C LEU B 842 -0.79 -8.98 -3.33
N SER B 843 -1.98 -9.11 -2.69
CA SER B 843 -2.90 -10.19 -2.97
C SER B 843 -3.86 -9.89 -4.13
N GLU B 844 -4.20 -8.61 -4.36
CA GLU B 844 -5.20 -8.24 -5.37
C GLU B 844 -4.59 -7.83 -6.72
N LEU B 845 -3.33 -7.41 -6.79
CA LEU B 845 -2.68 -7.06 -8.05
C LEU B 845 -1.80 -8.21 -8.55
N PRO B 846 -1.98 -8.73 -9.80
CA PRO B 846 -1.05 -9.70 -10.37
C PRO B 846 0.23 -9.04 -10.90
N THR B 847 1.25 -9.87 -11.19
CA THR B 847 2.58 -9.39 -11.53
C THR B 847 2.78 -9.41 -13.04
N GLU B 848 3.13 -8.25 -13.62
CA GLU B 848 3.19 -8.06 -15.06
C GLU B 848 4.50 -8.56 -15.66
N ALA B 849 4.47 -9.06 -16.89
CA ALA B 849 5.69 -9.41 -17.64
C ALA B 849 6.55 -8.20 -17.99
N TRP B 850 7.85 -8.18 -17.58
CA TRP B 850 8.64 -6.92 -17.65
C TRP B 850 9.52 -6.81 -18.91
N PRO B 851 10.32 -7.81 -19.31
CA PRO B 851 11.10 -7.64 -20.54
C PRO B 851 10.12 -7.88 -21.72
N MET B 852 9.35 -6.83 -22.02
CA MET B 852 8.10 -6.92 -22.78
C MET B 852 8.34 -6.82 -24.30
N MET B 853 7.28 -7.15 -25.07
CA MET B 853 7.31 -7.23 -26.52
C MET B 853 7.18 -5.85 -27.18
N GLN B 854 8.15 -4.98 -26.87
CA GLN B 854 8.21 -3.57 -27.25
C GLN B 854 8.51 -3.37 -28.75
PG AGS E . -4.24 -16.18 -38.70
S1G AGS E . -3.42 -16.45 -40.45
O2G AGS E . -5.00 -14.87 -38.54
O3G AGS E . -3.30 -16.31 -37.54
PB AGS E . -6.86 -17.21 -38.76
O1B AGS E . -7.71 -17.38 -37.56
O2B AGS E . -7.07 -16.04 -39.66
O3B AGS E . -5.34 -17.25 -38.31
PA AGS E . -8.12 -19.25 -40.07
O1A AGS E . -8.93 -19.78 -38.93
O2A AGS E . -8.92 -18.40 -40.99
O3A AGS E . -6.78 -18.56 -39.58
O5' AGS E . -7.52 -20.50 -40.86
C5' AGS E . -6.46 -20.37 -41.85
C4' AGS E . -6.90 -19.58 -43.07
O4' AGS E . -6.40 -18.22 -42.98
C3' AGS E . -6.31 -20.04 -44.41
O3' AGS E . -7.08 -21.10 -44.98
C2' AGS E . -6.28 -18.77 -45.27
O2' AGS E . -7.31 -18.79 -46.24
C1' AGS E . -6.45 -17.62 -44.26
N9 AGS E . -5.48 -16.51 -44.32
C8 AGS E . -5.18 -15.64 -43.29
N7 AGS E . -4.28 -14.73 -43.59
C5 AGS E . -3.97 -15.00 -44.90
C6 AGS E . -3.08 -14.38 -45.79
N6 AGS E . -2.34 -13.33 -45.43
N1 AGS E . -2.98 -14.85 -47.06
C2 AGS E . -3.74 -15.90 -47.37
N3 AGS E . -4.62 -16.57 -46.62
C4 AGS E . -4.70 -16.08 -45.38
MG MG F . -9.08 -15.38 -35.72
PG AGS G . -19.38 20.77 31.25
S1G AGS G . -18.28 20.79 32.87
O2G AGS G . -20.53 19.81 31.28
O3G AGS G . -18.61 20.47 30.00
PB AGS G . -21.05 22.31 29.60
O1B AGS G . -20.38 21.62 28.45
O2B AGS G . -22.47 22.02 29.92
O3B AGS G . -20.11 22.16 30.88
PA AGS G . -20.87 25.02 30.42
O1A AGS G . -19.50 25.08 31.03
O2A AGS G . -21.36 26.27 29.78
O3A AGS G . -20.90 23.87 29.31
O5' AGS G . -21.95 24.51 31.48
C5' AGS G . -22.01 25.22 32.75
C4' AGS G . -23.45 25.45 33.17
O4' AGS G . -24.16 24.19 33.31
C3' AGS G . -23.62 26.06 34.56
O3' AGS G . -24.89 26.69 34.71
C2' AGS G . -23.49 24.85 35.48
O2' AGS G . -24.23 25.00 36.68
C1' AGS G . -23.97 23.67 34.61
N9 AGS G . -23.02 22.54 34.54
C8 AGS G . -22.59 21.87 33.41
N7 AGS G . -21.71 20.93 33.65
C5 AGS G . -21.55 20.96 35.02
C6 AGS G . -20.74 20.20 35.88
N6 AGS G . -19.92 19.26 35.45
N1 AGS G . -20.78 20.47 37.20
C2 AGS G . -21.60 21.44 37.62
N3 AGS G . -22.40 22.23 36.90
C4 AGS G . -22.33 21.94 35.59
#